data_5B7J
#
_entry.id   5B7J
#
loop_
_entity.id
_entity.type
_entity.pdbx_description
1 polymer 'Switch-activating protein 1'
2 polymer "DNA (5'-D(*CP*AP*AP*AP*AP*CP*AP*AP*TP*AP*TP*T)-3')"
3 polymer "DNA (5'-D(*AP*AP*TP*AP*TP*TP*GP*TP*TP*TP*TP*G)-3')"
#
loop_
_entity_poly.entity_id
_entity_poly.type
_entity_poly.pdbx_seq_one_letter_code
_entity_poly.pdbx_strand_id
1 'polypeptide(L)'
;AKAQRTHLSLEEKIKLMRLVVRHKHELVDRKTSEFYAKIARIGYEDEGLAIHTESACRNQIISIMRVYEQRLAHRQPGMK
TTPEEDELDQLCDEWKARLSELQQYREKFLV
;
A
2 'polydeoxyribonucleotide' (DC)(DA)(DA)(DA)(DA)(DC)(DA)(DA)(DT)(DA)(DT)(DT) B
3 'polydeoxyribonucleotide' (DA)(DA)(DT)(DA)(DT)(DT)(DG)(DT)(DT)(DT)(DT)(DG) C
#
# COMPACT_ATOMS: atom_id res chain seq x y z
N ALA A 1 0.76 -10.94 0.39
CA ALA A 1 2.16 -10.56 0.67
C ALA A 1 3.05 -11.80 0.58
N LYS A 2 3.76 -11.94 -0.52
CA LYS A 2 4.65 -13.09 -0.71
C LYS A 2 5.31 -13.46 0.61
N ALA A 3 6.49 -12.91 0.85
CA ALA A 3 7.22 -13.17 2.09
C ALA A 3 8.07 -14.42 1.95
N GLN A 4 8.73 -14.81 3.04
CA GLN A 4 9.58 -15.99 3.04
C GLN A 4 8.72 -17.25 3.06
N ARG A 5 7.66 -17.22 3.86
CA ARG A 5 6.76 -18.37 3.96
C ARG A 5 5.33 -17.92 4.29
N THR A 6 4.41 -18.16 3.37
CA THR A 6 3.03 -17.77 3.58
C THR A 6 2.10 -18.65 2.75
N HIS A 7 0.83 -18.72 3.16
CA HIS A 7 -0.16 -19.51 2.44
C HIS A 7 -0.76 -18.71 1.29
N LEU A 8 -1.39 -17.58 1.62
CA LEU A 8 -2.00 -16.73 0.61
C LEU A 8 -1.46 -15.31 0.72
N SER A 9 -1.03 -14.76 -0.41
CA SER A 9 -0.49 -13.41 -0.42
C SER A 9 -1.57 -12.42 -0.83
N LEU A 10 -2.15 -12.63 -2.00
CA LEU A 10 -3.17 -11.71 -2.53
C LEU A 10 -4.07 -11.24 -1.39
N GLU A 11 -4.41 -12.16 -0.50
CA GLU A 11 -5.26 -11.82 0.63
C GLU A 11 -4.55 -10.85 1.57
N GLU A 12 -3.29 -11.12 1.86
CA GLU A 12 -2.52 -10.27 2.75
C GLU A 12 -2.34 -8.88 2.13
N LYS A 13 -2.06 -8.85 0.84
CA LYS A 13 -1.86 -7.58 0.15
C LYS A 13 -3.07 -6.68 0.33
N ILE A 14 -4.26 -7.24 0.11
CA ILE A 14 -5.49 -6.47 0.25
C ILE A 14 -5.67 -6.02 1.70
N LYS A 15 -5.42 -6.92 2.63
CA LYS A 15 -5.56 -6.61 4.05
C LYS A 15 -4.62 -5.48 4.44
N LEU A 16 -3.41 -5.51 3.90
CA LEU A 16 -2.42 -4.48 4.20
C LEU A 16 -2.85 -3.14 3.62
N MET A 17 -3.25 -3.14 2.35
CA MET A 17 -3.68 -1.92 1.68
C MET A 17 -4.98 -1.42 2.30
N ARG A 18 -5.79 -2.35 2.78
CA ARG A 18 -7.07 -1.98 3.39
C ARG A 18 -6.84 -1.17 4.66
N LEU A 19 -5.64 -1.23 5.20
CA LEU A 19 -5.30 -0.49 6.40
C LEU A 19 -4.66 0.85 6.05
N VAL A 20 -3.83 0.84 5.02
CA VAL A 20 -3.15 2.06 4.60
C VAL A 20 -4.15 3.11 4.15
N VAL A 21 -5.12 2.69 3.34
CA VAL A 21 -6.15 3.60 2.84
C VAL A 21 -7.00 4.12 3.99
N ARG A 22 -7.34 3.22 4.91
CA ARG A 22 -8.17 3.59 6.05
C ARG A 22 -7.42 4.56 6.96
N HIS A 23 -6.11 4.67 6.75
CA HIS A 23 -5.29 5.57 7.55
C HIS A 23 -4.44 6.47 6.66
N LYS A 24 -4.95 6.76 5.47
CA LYS A 24 -4.24 7.62 4.53
C LYS A 24 -4.22 9.06 5.01
N HIS A 25 -5.26 9.44 5.76
CA HIS A 25 -5.36 10.80 6.28
C HIS A 25 -4.29 11.04 7.35
N GLU A 26 -4.06 10.03 8.19
CA GLU A 26 -3.07 10.15 9.25
C GLU A 26 -1.69 10.41 8.67
N LEU A 27 -1.00 11.39 9.24
CA LEU A 27 0.34 11.74 8.77
C LEU A 27 0.98 12.78 9.69
N VAL A 28 2.24 12.56 10.05
CA VAL A 28 2.95 13.49 10.92
C VAL A 28 4.24 13.98 10.24
N ASP A 29 4.45 15.29 10.28
CA ASP A 29 5.64 15.88 9.68
C ASP A 29 6.87 15.61 10.53
N ARG A 30 6.67 15.58 11.85
CA ARG A 30 7.79 15.36 12.76
C ARG A 30 8.54 14.09 12.41
N LYS A 31 7.79 13.02 12.12
CA LYS A 31 8.39 11.75 11.75
C LYS A 31 7.59 11.07 10.65
N THR A 32 8.18 10.98 9.46
CA THR A 32 7.51 10.35 8.33
C THR A 32 7.23 8.88 8.63
N SER A 33 8.23 8.20 9.19
CA SER A 33 8.08 6.79 9.52
C SER A 33 6.91 6.57 10.47
N GLU A 34 6.61 7.59 11.29
CA GLU A 34 5.51 7.48 12.23
C GLU A 34 4.28 6.85 11.59
N PHE A 35 4.18 7.00 10.28
CA PHE A 35 3.05 6.45 9.54
C PHE A 35 3.25 4.95 9.31
N TYR A 36 4.23 4.61 8.48
CA TYR A 36 4.52 3.22 8.17
C TYR A 36 4.78 2.43 9.46
N ALA A 37 5.31 3.11 10.47
CA ALA A 37 5.59 2.48 11.75
C ALA A 37 4.30 2.08 12.46
N LYS A 38 3.20 2.74 12.08
CA LYS A 38 1.91 2.45 12.69
C LYS A 38 1.17 1.38 11.91
N ILE A 39 1.33 1.41 10.58
CA ILE A 39 0.67 0.43 9.72
C ILE A 39 1.14 -0.99 10.04
N ALA A 40 2.45 -1.15 10.15
CA ALA A 40 3.01 -2.46 10.46
C ALA A 40 2.64 -2.89 11.87
N ARG A 41 2.20 -1.92 12.68
CA ARG A 41 1.82 -2.21 14.05
C ARG A 41 0.40 -2.75 14.12
N ILE A 42 -0.51 -2.10 13.39
CA ILE A 42 -1.91 -2.53 13.37
C ILE A 42 -2.10 -3.66 12.38
N GLY A 43 -1.16 -3.80 11.44
CA GLY A 43 -1.25 -4.84 10.43
C GLY A 43 -0.85 -6.19 11.02
N TYR A 44 -0.18 -6.17 12.17
CA TYR A 44 0.25 -7.40 12.82
C TYR A 44 -0.50 -7.60 14.13
N GLU A 45 -1.28 -6.60 14.53
CA GLU A 45 -2.03 -6.68 15.77
C GLU A 45 -3.52 -6.80 15.48
N ASP A 46 -3.86 -6.91 14.20
CA ASP A 46 -5.26 -7.05 13.80
C ASP A 46 -5.39 -7.97 12.61
N GLU A 47 -4.54 -7.77 11.61
CA GLU A 47 -4.57 -8.60 10.41
C GLU A 47 -3.75 -9.87 10.62
N GLY A 48 -2.84 -9.83 11.58
CA GLY A 48 -2.00 -11.00 11.87
C GLY A 48 -1.25 -11.45 10.62
N LEU A 49 -0.69 -10.49 9.90
CA LEU A 49 0.06 -10.81 8.69
C LEU A 49 1.26 -11.68 9.01
N ALA A 50 2.01 -11.29 10.04
CA ALA A 50 3.19 -12.05 10.44
C ALA A 50 4.19 -11.13 11.13
N ILE A 51 5.27 -10.79 10.43
CA ILE A 51 6.30 -9.93 10.98
C ILE A 51 6.73 -8.87 9.96
N HIS A 52 6.74 -7.62 10.39
CA HIS A 52 7.14 -6.53 9.50
C HIS A 52 7.98 -5.50 10.26
N THR A 53 8.76 -4.72 9.52
CA THR A 53 9.59 -3.69 10.13
C THR A 53 9.42 -2.35 9.41
N GLU A 54 9.60 -1.26 10.15
CA GLU A 54 9.45 0.07 9.58
C GLU A 54 9.93 0.08 8.13
N SER A 55 11.21 -0.24 7.94
CA SER A 55 11.78 -0.29 6.60
C SER A 55 10.93 -1.20 5.70
N ALA A 56 10.67 -2.41 6.18
CA ALA A 56 9.87 -3.36 5.41
C ALA A 56 8.50 -2.77 5.08
N CYS A 57 8.04 -1.87 5.94
CA CYS A 57 6.74 -1.23 5.74
C CYS A 57 6.80 -0.25 4.59
N ARG A 58 8.01 0.03 4.11
CA ARG A 58 8.20 0.96 3.00
C ARG A 58 8.54 0.22 1.74
N ASN A 59 9.08 -0.99 1.87
CA ASN A 59 9.43 -1.81 0.72
C ASN A 59 8.23 -2.61 0.22
N GLN A 60 7.53 -3.23 1.16
CA GLN A 60 6.37 -4.04 0.80
C GLN A 60 5.33 -3.20 0.07
N ILE A 61 4.83 -2.15 0.74
CA ILE A 61 3.83 -1.28 0.14
C ILE A 61 4.35 -0.71 -1.17
N ILE A 62 5.64 -0.36 -1.20
CA ILE A 62 6.23 0.17 -2.43
C ILE A 62 6.19 -0.86 -3.55
N SER A 63 6.54 -2.09 -3.23
CA SER A 63 6.55 -3.15 -4.24
C SER A 63 5.17 -3.29 -4.87
N ILE A 64 4.14 -3.29 -4.03
CA ILE A 64 2.77 -3.42 -4.51
C ILE A 64 2.46 -2.34 -5.54
N MET A 65 3.12 -1.19 -5.40
CA MET A 65 2.89 -0.08 -6.33
C MET A 65 3.44 -0.42 -7.72
N ARG A 66 4.70 -0.84 -7.76
CA ARG A 66 5.34 -1.18 -9.03
C ARG A 66 4.44 -2.12 -9.83
N VAL A 67 3.85 -3.09 -9.15
CA VAL A 67 2.98 -4.04 -9.81
C VAL A 67 1.70 -3.36 -10.30
N TYR A 68 1.18 -2.44 -9.48
CA TYR A 68 -0.05 -1.76 -9.78
C TYR A 68 0.15 -0.91 -11.02
N GLU A 69 1.30 -0.25 -11.11
CA GLU A 69 1.61 0.59 -12.26
C GLU A 69 1.92 -0.26 -13.49
N GLN A 70 2.58 -1.39 -13.27
CA GLN A 70 2.93 -2.28 -14.36
C GLN A 70 1.68 -2.87 -15.00
N ARG A 71 0.83 -3.48 -14.19
CA ARG A 71 -0.40 -4.08 -14.68
C ARG A 71 -1.38 -3.00 -15.12
N LEU A 72 -1.08 -1.75 -14.78
CA LEU A 72 -1.94 -0.63 -15.14
C LEU A 72 -1.70 -0.22 -16.59
N ALA A 73 -0.45 -0.32 -17.03
CA ALA A 73 -0.10 0.06 -18.40
C ALA A 73 -0.39 -1.08 -19.36
N HIS A 74 -0.32 -2.31 -18.85
CA HIS A 74 -0.57 -3.48 -19.68
C HIS A 74 -1.94 -3.39 -20.34
N ARG A 75 -2.98 -3.32 -19.53
CA ARG A 75 -4.35 -3.24 -20.06
C ARG A 75 -4.47 -4.05 -21.34
N GLN A 76 -3.65 -5.10 -21.46
CA GLN A 76 -3.68 -5.94 -22.65
C GLN A 76 -4.63 -7.12 -22.45
N PRO A 77 -5.15 -7.65 -23.51
CA PRO A 77 -6.09 -8.81 -23.47
C PRO A 77 -5.40 -10.10 -23.03
N GLY A 78 -6.18 -11.04 -22.51
CA GLY A 78 -5.62 -12.31 -22.05
C GLY A 78 -5.82 -12.48 -20.56
N MET A 79 -6.51 -11.53 -19.94
CA MET A 79 -6.76 -11.59 -18.50
C MET A 79 -8.25 -11.55 -18.22
N LYS A 80 -8.67 -12.21 -17.15
CA LYS A 80 -10.07 -12.26 -16.77
C LYS A 80 -10.33 -11.35 -15.57
N THR A 81 -11.53 -10.77 -15.52
CA THR A 81 -11.89 -9.88 -14.42
C THR A 81 -12.10 -10.68 -13.14
N THR A 82 -11.61 -10.15 -12.02
CA THR A 82 -11.77 -10.82 -10.73
C THR A 82 -12.10 -9.81 -9.64
N PRO A 83 -12.79 -10.23 -8.61
CA PRO A 83 -13.18 -9.32 -7.49
C PRO A 83 -11.99 -8.95 -6.60
N GLU A 84 -11.11 -9.91 -6.38
CA GLU A 84 -9.93 -9.68 -5.55
C GLU A 84 -8.98 -8.71 -6.23
N GLU A 85 -8.67 -8.97 -7.49
CA GLU A 85 -7.77 -8.11 -8.25
C GLU A 85 -8.37 -6.72 -8.40
N ASP A 86 -9.69 -6.66 -8.52
CA ASP A 86 -10.38 -5.39 -8.68
C ASP A 86 -10.24 -4.54 -7.42
N GLU A 87 -10.48 -5.16 -6.26
CA GLU A 87 -10.38 -4.45 -5.00
C GLU A 87 -8.98 -3.88 -4.81
N LEU A 88 -7.97 -4.72 -4.98
CA LEU A 88 -6.59 -4.30 -4.82
C LEU A 88 -6.31 -3.09 -5.71
N ASP A 89 -6.78 -3.14 -6.95
CA ASP A 89 -6.58 -2.04 -7.88
C ASP A 89 -7.19 -0.75 -7.33
N GLN A 90 -8.40 -0.85 -6.80
CA GLN A 90 -9.08 0.31 -6.24
C GLN A 90 -8.29 0.88 -5.06
N LEU A 91 -7.86 0.00 -4.17
CA LEU A 91 -7.11 0.43 -3.00
C LEU A 91 -5.83 1.15 -3.43
N CYS A 92 -5.16 0.62 -4.44
CA CYS A 92 -3.94 1.23 -4.94
C CYS A 92 -4.22 2.62 -5.51
N ASP A 93 -5.32 2.75 -6.22
CA ASP A 93 -5.71 4.03 -6.81
C ASP A 93 -5.91 5.07 -5.72
N GLU A 94 -6.64 4.69 -4.67
CA GLU A 94 -6.92 5.61 -3.57
C GLU A 94 -5.61 6.02 -2.89
N TRP A 95 -4.75 5.05 -2.62
CA TRP A 95 -3.48 5.33 -1.98
C TRP A 95 -2.60 6.20 -2.88
N LYS A 96 -2.63 5.90 -4.18
CA LYS A 96 -1.83 6.66 -5.13
C LYS A 96 -2.26 8.12 -5.15
N ALA A 97 -3.56 8.35 -5.02
CA ALA A 97 -4.10 9.71 -5.02
C ALA A 97 -3.59 10.49 -3.81
N ARG A 98 -3.61 9.84 -2.65
CA ARG A 98 -3.15 10.47 -1.43
C ARG A 98 -1.68 10.89 -1.55
N LEU A 99 -0.88 10.01 -2.12
CA LEU A 99 0.53 10.29 -2.31
C LEU A 99 0.73 11.50 -3.22
N SER A 100 -0.09 11.58 -4.26
CA SER A 100 -0.02 12.69 -5.20
C SER A 100 -0.45 13.99 -4.54
N GLU A 101 -1.48 13.91 -3.73
CA GLU A 101 -2.00 15.09 -3.04
C GLU A 101 -0.91 15.70 -2.15
N LEU A 102 -0.17 14.85 -1.46
CA LEU A 102 0.90 15.31 -0.58
C LEU A 102 2.03 15.92 -1.39
N GLN A 103 2.28 15.35 -2.58
CA GLN A 103 3.34 15.84 -3.44
C GLN A 103 3.02 17.25 -3.94
N GLN A 104 1.77 17.47 -4.31
CA GLN A 104 1.34 18.78 -4.81
C GLN A 104 1.63 19.85 -3.76
N TYR A 105 1.45 19.51 -2.50
CA TYR A 105 1.69 20.46 -1.41
C TYR A 105 3.14 20.91 -1.41
N ARG A 106 4.05 19.97 -1.67
CA ARG A 106 5.47 20.29 -1.71
C ARG A 106 5.76 21.32 -2.79
N GLU A 107 5.14 21.14 -3.95
CA GLU A 107 5.34 22.06 -5.06
C GLU A 107 4.87 23.46 -4.69
N LYS A 108 3.81 23.53 -3.90
CA LYS A 108 3.27 24.82 -3.48
C LYS A 108 4.29 25.59 -2.64
N PHE A 109 4.94 24.87 -1.72
CA PHE A 109 5.93 25.50 -0.86
C PHE A 109 7.11 26.02 -1.69
N LEU A 110 7.58 25.20 -2.62
CA LEU A 110 8.70 25.59 -3.48
C LEU A 110 8.24 25.80 -4.91
N VAL A 111 8.51 26.98 -5.44
CA VAL A 111 8.11 27.30 -6.81
C VAL A 111 6.64 26.97 -7.03
N ALA A 1 1.77 -11.13 3.16
CA ALA A 1 1.97 -11.49 1.73
C ALA A 1 3.27 -12.25 1.58
N LYS A 2 3.92 -12.09 0.42
CA LYS A 2 5.19 -12.77 0.16
C LYS A 2 6.08 -12.65 1.36
N ALA A 3 7.36 -13.00 1.19
CA ALA A 3 8.35 -12.92 2.27
C ALA A 3 9.30 -14.10 2.22
N GLN A 4 9.45 -14.78 3.36
CA GLN A 4 10.34 -15.92 3.43
C GLN A 4 9.58 -17.17 3.83
N ARG A 5 8.25 -17.05 3.95
CA ARG A 5 7.40 -18.17 4.34
C ARG A 5 6.00 -17.67 4.71
N THR A 6 5.06 -17.80 3.78
CA THR A 6 3.69 -17.36 4.03
C THR A 6 2.72 -18.11 3.12
N HIS A 7 1.42 -17.92 3.37
CA HIS A 7 0.39 -18.58 2.57
C HIS A 7 -0.60 -17.55 2.05
N LEU A 8 -1.06 -17.75 0.80
CA LEU A 8 -2.00 -16.82 0.19
C LEU A 8 -1.57 -15.39 0.44
N SER A 9 -0.96 -14.78 -0.57
CA SER A 9 -0.50 -13.42 -0.45
C SER A 9 -1.56 -12.42 -0.85
N LEU A 10 -2.14 -12.62 -2.02
CA LEU A 10 -3.16 -11.70 -2.52
C LEU A 10 -4.06 -11.24 -1.40
N GLU A 11 -4.41 -12.16 -0.50
CA GLU A 11 -5.27 -11.82 0.63
C GLU A 11 -4.56 -10.85 1.58
N GLU A 12 -3.29 -11.13 1.86
CA GLU A 12 -2.52 -10.27 2.74
C GLU A 12 -2.33 -8.89 2.14
N LYS A 13 -2.06 -8.84 0.84
CA LYS A 13 -1.86 -7.58 0.15
C LYS A 13 -3.08 -6.68 0.32
N ILE A 14 -4.26 -7.23 0.12
CA ILE A 14 -5.49 -6.47 0.25
C ILE A 14 -5.68 -6.02 1.69
N LYS A 15 -5.42 -6.92 2.63
CA LYS A 15 -5.56 -6.61 4.05
C LYS A 15 -4.62 -5.48 4.44
N LEU A 16 -3.40 -5.52 3.90
CA LEU A 16 -2.42 -4.48 4.20
C LEU A 16 -2.85 -3.13 3.63
N MET A 17 -3.24 -3.15 2.36
CA MET A 17 -3.67 -1.92 1.69
C MET A 17 -4.97 -1.41 2.30
N ARG A 18 -5.79 -2.34 2.79
CA ARG A 18 -7.06 -1.98 3.39
C ARG A 18 -6.84 -1.16 4.66
N LEU A 19 -5.63 -1.23 5.19
CA LEU A 19 -5.30 -0.49 6.40
C LEU A 19 -4.66 0.85 6.05
N VAL A 20 -3.83 0.85 5.02
CA VAL A 20 -3.15 2.07 4.60
C VAL A 20 -4.16 3.11 4.15
N VAL A 21 -5.12 2.69 3.33
CA VAL A 21 -6.15 3.60 2.84
C VAL A 21 -7.00 4.12 3.99
N ARG A 22 -7.34 3.22 4.91
CA ARG A 22 -8.17 3.59 6.05
C ARG A 22 -7.42 4.56 6.95
N HIS A 23 -6.11 4.67 6.75
CA HIS A 23 -5.29 5.57 7.55
C HIS A 23 -4.45 6.47 6.66
N LYS A 24 -4.95 6.76 5.47
CA LYS A 24 -4.24 7.62 4.52
C LYS A 24 -4.22 9.06 5.01
N HIS A 25 -5.26 9.44 5.76
CA HIS A 25 -5.35 10.80 6.29
C HIS A 25 -4.98 10.82 7.77
N GLU A 26 -3.73 11.19 8.05
CA GLU A 26 -3.25 11.26 9.42
C GLU A 26 -2.17 12.33 9.55
N LEU A 27 -1.69 12.51 10.78
CA LEU A 27 -0.64 13.51 11.04
C LEU A 27 0.61 12.83 11.59
N VAL A 28 1.77 13.28 11.11
CA VAL A 28 3.04 12.71 11.55
C VAL A 28 3.92 13.80 12.17
N ASP A 29 4.44 13.53 13.36
CA ASP A 29 5.30 14.47 14.04
C ASP A 29 6.27 13.76 14.97
N ARG A 30 5.82 12.66 15.57
CA ARG A 30 6.66 11.90 16.48
C ARG A 30 7.87 11.34 15.76
N LYS A 31 7.64 10.77 14.58
CA LYS A 31 8.73 10.19 13.80
C LYS A 31 8.46 10.35 12.31
N THR A 32 9.52 10.28 11.50
CA THR A 32 9.39 10.41 10.06
C THR A 32 8.53 9.27 9.50
N SER A 33 8.82 8.05 9.95
CA SER A 33 8.07 6.88 9.49
C SER A 33 6.90 6.61 10.43
N GLU A 34 6.60 7.59 11.28
CA GLU A 34 5.51 7.47 12.24
C GLU A 34 4.29 6.85 11.58
N PHE A 35 4.18 7.00 10.28
CA PHE A 35 3.05 6.45 9.54
C PHE A 35 3.24 4.95 9.29
N TYR A 36 4.24 4.61 8.49
CA TYR A 36 4.52 3.22 8.17
C TYR A 36 4.77 2.43 9.46
N ALA A 37 5.31 3.11 10.47
CA ALA A 37 5.59 2.48 11.75
C ALA A 37 4.30 2.08 12.46
N LYS A 38 3.20 2.74 12.08
CA LYS A 38 1.91 2.45 12.69
C LYS A 38 1.17 1.37 11.90
N ILE A 39 1.34 1.40 10.59
CA ILE A 39 0.66 0.43 9.72
C ILE A 39 1.14 -0.99 10.04
N ALA A 40 2.45 -1.15 10.15
CA ALA A 40 3.02 -2.46 10.45
C ALA A 40 2.65 -2.88 11.87
N ARG A 41 2.20 -1.92 12.68
CA ARG A 41 1.82 -2.20 14.05
C ARG A 41 0.40 -2.75 14.12
N ILE A 42 -0.51 -2.10 13.40
CA ILE A 42 -1.90 -2.52 13.37
C ILE A 42 -2.10 -3.66 12.38
N GLY A 43 -1.16 -3.80 11.44
CA GLY A 43 -1.25 -4.84 10.44
C GLY A 43 -0.83 -6.20 11.02
N TYR A 44 -0.18 -6.17 12.17
CA TYR A 44 0.25 -7.40 12.82
C TYR A 44 -0.50 -7.60 14.14
N GLU A 45 -1.28 -6.60 14.53
CA GLU A 45 -2.03 -6.67 15.78
C GLU A 45 -3.52 -6.81 15.48
N ASP A 46 -3.86 -6.91 14.20
CA ASP A 46 -5.26 -7.04 13.80
C ASP A 46 -5.39 -7.97 12.61
N GLU A 47 -4.54 -7.77 11.61
CA GLU A 47 -4.56 -8.61 10.41
C GLU A 47 -3.75 -9.87 10.62
N GLY A 48 -2.84 -9.84 11.58
CA GLY A 48 -2.03 -11.00 11.89
C GLY A 48 -1.26 -11.49 10.66
N LEU A 49 -0.59 -10.57 9.99
CA LEU A 49 0.19 -10.94 8.81
C LEU A 49 1.39 -11.78 9.20
N ALA A 50 2.10 -11.35 10.24
CA ALA A 50 3.29 -12.06 10.70
C ALA A 50 4.24 -11.10 11.41
N ILE A 51 5.32 -10.71 10.74
CA ILE A 51 6.30 -9.80 11.32
C ILE A 51 6.73 -8.75 10.30
N HIS A 52 6.42 -7.50 10.61
CA HIS A 52 6.78 -6.38 9.72
C HIS A 52 7.65 -5.37 10.45
N THR A 53 8.41 -4.59 9.68
CA THR A 53 9.29 -3.58 10.27
C THR A 53 9.11 -2.25 9.54
N GLU A 54 9.57 -1.18 10.17
CA GLU A 54 9.47 0.14 9.58
C GLU A 54 9.94 0.13 8.14
N SER A 55 11.21 -0.24 7.94
CA SER A 55 11.77 -0.30 6.60
C SER A 55 10.93 -1.20 5.70
N ALA A 56 10.67 -2.41 6.18
CA ALA A 56 9.87 -3.36 5.41
C ALA A 56 8.50 -2.77 5.08
N CYS A 57 8.03 -1.87 5.95
CA CYS A 57 6.74 -1.24 5.74
C CYS A 57 6.80 -0.25 4.59
N ARG A 58 8.02 0.03 4.12
CA ARG A 58 8.20 0.97 3.02
C ARG A 58 8.54 0.21 1.74
N ASN A 59 9.08 -1.00 1.89
CA ASN A 59 9.43 -1.81 0.72
C ASN A 59 8.24 -2.60 0.22
N GLN A 60 7.53 -3.23 1.16
CA GLN A 60 6.36 -4.03 0.81
C GLN A 60 5.33 -3.20 0.07
N ILE A 61 4.84 -2.15 0.73
CA ILE A 61 3.83 -1.28 0.14
C ILE A 61 4.35 -0.72 -1.18
N ILE A 62 5.63 -0.37 -1.21
CA ILE A 62 6.23 0.16 -2.44
C ILE A 62 6.17 -0.88 -3.55
N SER A 63 6.53 -2.10 -3.22
CA SER A 63 6.54 -3.15 -4.24
C SER A 63 5.17 -3.30 -4.87
N ILE A 64 4.15 -3.29 -4.03
CA ILE A 64 2.78 -3.42 -4.52
C ILE A 64 2.47 -2.34 -5.55
N MET A 65 3.12 -1.19 -5.40
CA MET A 65 2.89 -0.08 -6.33
C MET A 65 3.45 -0.41 -7.72
N ARG A 66 4.70 -0.84 -7.76
CA ARG A 66 5.34 -1.18 -9.03
C ARG A 66 4.44 -2.12 -9.84
N VAL A 67 3.85 -3.09 -9.15
CA VAL A 67 2.98 -4.05 -9.79
C VAL A 67 1.69 -3.37 -10.27
N TYR A 68 1.17 -2.48 -9.44
CA TYR A 68 -0.05 -1.76 -9.78
C TYR A 68 0.16 -0.92 -11.02
N GLU A 69 1.30 -0.25 -11.11
CA GLU A 69 1.61 0.59 -12.26
C GLU A 69 1.92 -0.26 -13.49
N GLN A 70 2.58 -1.39 -13.27
CA GLN A 70 2.93 -2.28 -14.37
C GLN A 70 1.68 -2.87 -15.00
N ARG A 71 0.83 -3.48 -14.19
CA ARG A 71 -0.40 -4.08 -14.69
C ARG A 71 -1.39 -2.99 -15.12
N LEU A 72 -1.08 -1.75 -14.78
CA LEU A 72 -1.94 -0.63 -15.14
C LEU A 72 -1.70 -0.22 -16.60
N ALA A 73 -0.45 -0.32 -17.03
CA ALA A 73 -0.10 0.06 -18.40
C ALA A 73 -0.39 -1.09 -19.36
N HIS A 74 -0.32 -2.31 -18.85
CA HIS A 74 -0.57 -3.48 -19.68
C HIS A 74 -2.07 -3.70 -19.87
N ARG A 75 -2.49 -3.78 -21.12
CA ARG A 75 -3.90 -3.99 -21.44
C ARG A 75 -4.05 -4.85 -22.69
N GLN A 76 -4.44 -6.10 -22.49
CA GLN A 76 -4.62 -7.01 -23.62
C GLN A 76 -5.74 -8.01 -23.34
N PRO A 77 -6.44 -8.43 -24.37
CA PRO A 77 -7.55 -9.42 -24.22
C PRO A 77 -7.05 -10.82 -23.88
N GLY A 78 -7.95 -11.66 -23.37
CA GLY A 78 -7.58 -13.02 -23.00
C GLY A 78 -7.48 -13.17 -21.50
N MET A 79 -7.64 -12.06 -20.78
CA MET A 79 -7.58 -12.08 -19.31
C MET A 79 -8.95 -11.88 -18.71
N LYS A 80 -9.29 -12.73 -17.74
CA LYS A 80 -10.59 -12.64 -17.08
C LYS A 80 -10.51 -11.74 -15.86
N THR A 81 -11.60 -11.02 -15.60
CA THR A 81 -11.64 -10.11 -14.46
C THR A 81 -11.89 -10.88 -13.16
N THR A 82 -11.60 -10.24 -12.02
CA THR A 82 -11.80 -10.88 -10.74
C THR A 82 -12.12 -9.83 -9.66
N PRO A 83 -12.81 -10.23 -8.62
CA PRO A 83 -13.18 -9.32 -7.49
C PRO A 83 -12.00 -8.96 -6.61
N GLU A 84 -11.10 -9.92 -6.39
CA GLU A 84 -9.93 -9.68 -5.55
C GLU A 84 -8.98 -8.71 -6.23
N GLU A 85 -8.67 -8.97 -7.49
CA GLU A 85 -7.76 -8.12 -8.24
C GLU A 85 -8.37 -6.72 -8.39
N ASP A 86 -9.69 -6.66 -8.52
CA ASP A 86 -10.38 -5.39 -8.68
C ASP A 86 -10.24 -4.54 -7.42
N GLU A 87 -10.48 -5.16 -6.26
CA GLU A 87 -10.38 -4.45 -5.00
C GLU A 87 -8.98 -3.88 -4.81
N LEU A 88 -7.97 -4.73 -4.99
CA LEU A 88 -6.59 -4.28 -4.82
C LEU A 88 -6.31 -3.09 -5.71
N ASP A 89 -6.79 -3.14 -6.95
CA ASP A 89 -6.58 -2.04 -7.88
C ASP A 89 -7.19 -0.75 -7.33
N GLN A 90 -8.40 -0.85 -6.80
CA GLN A 90 -9.08 0.31 -6.24
C GLN A 90 -8.30 0.89 -5.06
N LEU A 91 -7.86 0.01 -4.18
CA LEU A 91 -7.11 0.43 -3.00
C LEU A 91 -5.83 1.15 -3.43
N CYS A 92 -5.16 0.62 -4.44
CA CYS A 92 -3.94 1.23 -4.94
C CYS A 92 -4.22 2.62 -5.51
N ASP A 93 -5.32 2.75 -6.22
CA ASP A 93 -5.71 4.03 -6.81
C ASP A 93 -5.91 5.07 -5.72
N GLU A 94 -6.64 4.69 -4.67
CA GLU A 94 -6.91 5.60 -3.56
C GLU A 94 -5.61 6.02 -2.89
N TRP A 95 -4.75 5.05 -2.62
CA TRP A 95 -3.47 5.33 -1.98
C TRP A 95 -2.60 6.20 -2.88
N LYS A 96 -2.63 5.90 -4.18
CA LYS A 96 -1.83 6.66 -5.13
C LYS A 96 -2.26 8.12 -5.15
N ALA A 97 -3.57 8.35 -5.03
CA ALA A 97 -4.10 9.71 -5.02
C ALA A 97 -3.61 10.48 -3.81
N ARG A 98 -3.61 9.84 -2.65
CA ARG A 98 -3.14 10.49 -1.44
C ARG A 98 -1.69 10.92 -1.61
N LEU A 99 -0.88 10.02 -2.16
CA LEU A 99 0.54 10.30 -2.33
C LEU A 99 0.73 11.51 -3.23
N SER A 100 -0.09 11.58 -4.28
CA SER A 100 -0.01 12.69 -5.21
C SER A 100 -0.44 13.99 -4.54
N GLU A 101 -1.48 13.91 -3.73
CA GLU A 101 -1.99 15.10 -3.03
C GLU A 101 -0.91 15.70 -2.15
N LEU A 102 -0.17 14.85 -1.46
CA LEU A 102 0.90 15.30 -0.58
C LEU A 102 2.03 15.92 -1.40
N GLN A 103 2.28 15.35 -2.57
CA GLN A 103 3.35 15.85 -3.44
C GLN A 103 3.02 17.25 -3.94
N GLN A 104 1.77 17.47 -4.31
CA GLN A 104 1.35 18.78 -4.80
C GLN A 104 1.64 19.86 -3.76
N TYR A 105 1.44 19.52 -2.50
CA TYR A 105 1.68 20.45 -1.40
C TYR A 105 3.18 20.65 -1.20
N ARG A 106 3.94 19.59 -1.39
CA ARG A 106 5.39 19.65 -1.22
C ARG A 106 6.01 20.64 -2.20
N GLU A 107 5.50 20.64 -3.43
CA GLU A 107 6.02 21.54 -4.46
C GLU A 107 6.02 22.98 -3.96
N LYS A 108 5.13 23.27 -3.01
CA LYS A 108 5.04 24.63 -2.47
C LYS A 108 6.33 25.01 -1.75
N PHE A 109 6.87 24.09 -0.97
CA PHE A 109 8.11 24.34 -0.25
C PHE A 109 9.26 24.59 -1.21
N LEU A 110 9.36 23.74 -2.23
CA LEU A 110 10.43 23.88 -3.22
C LEU A 110 9.85 24.26 -4.58
N VAL A 111 10.35 25.34 -5.15
CA VAL A 111 9.88 25.80 -6.46
C VAL A 111 8.38 26.11 -6.40
N ALA A 1 0.92 -10.62 0.58
CA ALA A 1 2.29 -10.23 0.99
C ALA A 1 3.20 -11.43 0.88
N LYS A 2 4.04 -11.45 -0.16
CA LYS A 2 4.95 -12.57 -0.37
C LYS A 2 5.54 -13.03 0.95
N ALA A 3 6.76 -12.56 1.26
CA ALA A 3 7.42 -12.92 2.50
C ALA A 3 8.25 -14.17 2.34
N GLN A 4 9.02 -14.50 3.38
CA GLN A 4 9.87 -15.68 3.34
C GLN A 4 9.01 -16.94 3.30
N ARG A 5 7.96 -16.96 4.11
CA ARG A 5 7.06 -18.12 4.17
C ARG A 5 5.62 -17.68 4.40
N THR A 6 4.71 -18.22 3.61
CA THR A 6 3.30 -17.87 3.74
C THR A 6 2.43 -18.75 2.84
N HIS A 7 1.13 -18.74 3.08
CA HIS A 7 0.22 -19.54 2.27
C HIS A 7 -0.36 -18.69 1.14
N LEU A 8 -1.06 -17.62 1.52
CA LEU A 8 -1.66 -16.74 0.53
C LEU A 8 -1.18 -15.31 0.74
N SER A 9 -0.75 -14.68 -0.35
CA SER A 9 -0.27 -13.32 -0.26
C SER A 9 -1.35 -12.33 -0.67
N LEU A 10 -1.91 -12.54 -1.87
CA LEU A 10 -2.92 -11.63 -2.39
C LEU A 10 -3.84 -11.16 -1.29
N GLU A 11 -4.20 -12.07 -0.40
CA GLU A 11 -5.07 -11.72 0.70
C GLU A 11 -4.38 -10.75 1.66
N GLU A 12 -3.12 -11.02 1.96
CA GLU A 12 -2.37 -10.16 2.87
C GLU A 12 -2.17 -8.78 2.25
N LYS A 13 -1.87 -8.74 0.95
CA LYS A 13 -1.65 -7.47 0.27
C LYS A 13 -2.88 -6.57 0.42
N ILE A 14 -4.06 -7.15 0.19
CA ILE A 14 -5.30 -6.37 0.30
C ILE A 14 -5.51 -5.92 1.74
N LYS A 15 -5.27 -6.82 2.69
CA LYS A 15 -5.44 -6.50 4.10
C LYS A 15 -4.50 -5.37 4.50
N LEU A 16 -3.27 -5.40 3.98
CA LEU A 16 -2.30 -4.36 4.30
C LEU A 16 -2.72 -3.02 3.71
N MET A 17 -3.10 -3.03 2.44
CA MET A 17 -3.52 -1.82 1.75
C MET A 17 -4.83 -1.32 2.34
N ARG A 18 -5.65 -2.23 2.82
CA ARG A 18 -6.94 -1.87 3.40
C ARG A 18 -6.74 -1.05 4.66
N LEU A 19 -5.54 -1.12 5.22
CA LEU A 19 -5.23 -0.37 6.43
C LEU A 19 -4.58 0.97 6.09
N VAL A 20 -3.74 0.96 5.07
CA VAL A 20 -3.06 2.18 4.65
C VAL A 20 -4.06 3.22 4.18
N VAL A 21 -5.02 2.79 3.36
CA VAL A 21 -6.04 3.69 2.84
C VAL A 21 -6.91 4.22 3.97
N ARG A 22 -7.26 3.33 4.89
CA ARG A 22 -8.10 3.70 6.01
C ARG A 22 -7.37 4.68 6.93
N HIS A 23 -6.06 4.79 6.74
CA HIS A 23 -5.25 5.69 7.56
C HIS A 23 -4.40 6.59 6.67
N LYS A 24 -4.89 6.88 5.47
CA LYS A 24 -4.16 7.74 4.55
C LYS A 24 -4.16 9.18 5.03
N HIS A 25 -5.21 9.56 5.75
CA HIS A 25 -5.32 10.92 6.26
C HIS A 25 -4.22 11.20 7.29
N GLU A 26 -3.93 10.20 8.12
CA GLU A 26 -2.90 10.35 9.14
C GLU A 26 -1.65 11.01 8.55
N LEU A 27 -1.52 12.31 8.78
CA LEU A 27 -0.38 13.06 8.27
C LEU A 27 0.51 13.52 9.42
N VAL A 28 1.81 13.26 9.30
CA VAL A 28 2.76 13.65 10.34
C VAL A 28 3.79 14.63 9.78
N ASP A 29 3.92 15.78 10.44
CA ASP A 29 4.88 16.79 10.02
C ASP A 29 6.29 16.38 10.41
N ARG A 30 6.43 15.85 11.63
CA ARG A 30 7.75 15.45 12.12
C ARG A 30 8.44 14.54 11.11
N LYS A 31 8.03 13.27 11.06
CA LYS A 31 8.62 12.32 10.13
C LYS A 31 7.54 11.41 9.54
N THR A 32 7.78 10.93 8.33
CA THR A 32 6.83 10.04 7.67
C THR A 32 6.90 8.65 8.28
N SER A 33 7.92 8.41 9.08
CA SER A 33 8.08 7.11 9.72
C SER A 33 6.89 6.82 10.64
N GLU A 34 6.57 7.79 11.47
CA GLU A 34 5.46 7.66 12.41
C GLU A 34 4.25 7.02 11.74
N PHE A 35 4.16 7.17 10.43
CA PHE A 35 3.04 6.60 9.68
C PHE A 35 3.24 5.11 9.45
N TYR A 36 4.25 4.78 8.65
CA TYR A 36 4.54 3.37 8.35
C TYR A 36 4.78 2.59 9.65
N ALA A 37 5.29 3.28 10.66
CA ALA A 37 5.57 2.65 11.95
C ALA A 37 4.25 2.25 12.64
N LYS A 38 3.17 2.90 12.24
CA LYS A 38 1.86 2.62 12.82
C LYS A 38 1.15 1.54 12.03
N ILE A 39 1.33 1.56 10.72
CA ILE A 39 0.67 0.58 9.85
C ILE A 39 1.15 -0.83 10.19
N ALA A 40 2.45 -1.00 10.32
CA ALA A 40 3.01 -2.30 10.64
C ALA A 40 2.62 -2.72 12.05
N ARG A 41 2.17 -1.75 12.84
CA ARG A 41 1.77 -2.03 14.21
C ARG A 41 0.35 -2.58 14.25
N ILE A 42 -0.55 -1.94 13.51
CA ILE A 42 -1.94 -2.37 13.46
C ILE A 42 -2.11 -3.50 12.47
N GLY A 43 -1.16 -3.63 11.55
CA GLY A 43 -1.23 -4.69 10.54
C GLY A 43 -0.82 -6.04 11.14
N TYR A 44 -0.19 -6.00 12.31
CA TYR A 44 0.24 -7.23 12.97
C TYR A 44 -0.53 -7.43 14.27
N GLU A 45 -1.32 -6.43 14.65
CA GLU A 45 -2.10 -6.51 15.88
C GLU A 45 -3.58 -6.65 15.57
N ASP A 46 -3.90 -6.75 14.28
CA ASP A 46 -5.30 -6.89 13.86
C ASP A 46 -5.40 -7.83 12.67
N GLU A 47 -4.52 -7.63 11.69
CA GLU A 47 -4.53 -8.47 10.49
C GLU A 47 -3.72 -9.74 10.71
N GLY A 48 -2.82 -9.68 11.69
CA GLY A 48 -1.98 -10.84 12.00
C GLY A 48 -0.94 -11.06 10.90
N LEU A 49 -0.65 -10.01 10.15
CA LEU A 49 0.33 -10.11 9.08
C LEU A 49 1.70 -10.46 9.64
N ALA A 50 2.45 -9.44 10.05
CA ALA A 50 3.79 -9.66 10.59
C ALA A 50 4.38 -8.33 11.06
N ILE A 51 5.33 -8.41 12.00
CA ILE A 51 5.98 -7.22 12.52
C ILE A 51 7.48 -7.45 12.65
N HIS A 52 8.27 -6.53 12.10
CA HIS A 52 9.71 -6.64 12.16
C HIS A 52 10.36 -5.26 12.23
N THR A 53 10.48 -4.60 11.09
CA THR A 53 11.08 -3.27 11.03
C THR A 53 10.19 -2.30 10.28
N GLU A 54 10.32 -1.01 10.59
CA GLU A 54 9.54 0.00 9.91
C GLU A 54 9.97 0.06 8.45
N SER A 55 11.27 -0.13 8.25
CA SER A 55 11.83 -0.12 6.91
C SER A 55 11.01 -1.04 6.00
N ALA A 56 10.75 -2.24 6.47
CA ALA A 56 9.97 -3.20 5.70
C ALA A 56 8.60 -2.61 5.35
N CYS A 57 8.11 -1.71 6.19
CA CYS A 57 6.82 -1.08 5.97
C CYS A 57 6.90 -0.10 4.81
N ARG A 58 8.11 0.18 4.37
CA ARG A 58 8.32 1.11 3.27
C ARG A 58 8.69 0.35 2.00
N ASN A 59 9.22 -0.85 2.16
CA ASN A 59 9.60 -1.66 1.00
C ASN A 59 8.41 -2.46 0.48
N GLN A 60 7.68 -3.08 1.41
CA GLN A 60 6.54 -3.90 1.04
C GLN A 60 5.51 -3.06 0.29
N ILE A 61 5.01 -2.02 0.94
CA ILE A 61 4.01 -1.15 0.32
C ILE A 61 4.55 -0.59 -0.98
N ILE A 62 5.82 -0.24 -1.00
CA ILE A 62 6.44 0.28 -2.21
C ILE A 62 6.41 -0.76 -3.32
N SER A 63 6.76 -1.98 -3.00
CA SER A 63 6.80 -3.03 -4.00
C SER A 63 5.43 -3.19 -4.65
N ILE A 64 4.39 -3.18 -3.83
CA ILE A 64 3.04 -3.32 -4.32
C ILE A 64 2.73 -2.22 -5.35
N MET A 65 3.40 -1.09 -5.22
CA MET A 65 3.17 0.01 -6.16
C MET A 65 3.75 -0.33 -7.54
N ARG A 66 5.00 -0.74 -7.56
CA ARG A 66 5.66 -1.09 -8.82
C ARG A 66 4.79 -2.04 -9.64
N VAL A 67 4.19 -3.00 -8.96
CA VAL A 67 3.32 -3.97 -9.63
C VAL A 67 2.04 -3.30 -10.13
N TYR A 68 1.51 -2.38 -9.33
CA TYR A 68 0.30 -1.68 -9.66
C TYR A 68 0.50 -0.84 -10.91
N GLU A 69 1.65 -0.18 -10.97
CA GLU A 69 1.98 0.65 -12.12
C GLU A 69 2.31 -0.20 -13.34
N GLN A 70 2.97 -1.33 -13.10
CA GLN A 70 3.34 -2.22 -14.19
C GLN A 70 2.10 -2.82 -14.85
N ARG A 71 1.24 -3.43 -14.04
CA ARG A 71 0.03 -4.04 -14.55
C ARG A 71 -0.95 -2.96 -15.01
N LEU A 72 -0.65 -1.71 -14.67
CA LEU A 72 -1.51 -0.59 -15.06
C LEU A 72 -1.25 -0.19 -16.50
N ALA A 73 0.00 -0.28 -16.92
CA ALA A 73 0.37 0.10 -18.28
C ALA A 73 0.10 -1.06 -19.24
N HIS A 74 0.17 -2.28 -18.73
CA HIS A 74 -0.07 -3.45 -19.55
C HIS A 74 -1.55 -3.57 -19.90
N ARG A 75 -1.83 -4.01 -21.12
CA ARG A 75 -3.20 -4.17 -21.58
C ARG A 75 -3.42 -5.58 -22.11
N GLN A 76 -4.60 -6.13 -21.83
CA GLN A 76 -4.93 -7.48 -22.29
C GLN A 76 -6.44 -7.65 -22.43
N PRO A 77 -6.98 -7.41 -23.59
CA PRO A 77 -8.45 -7.54 -23.85
C PRO A 77 -8.89 -9.00 -23.97
N GLY A 78 -10.13 -9.27 -23.56
CA GLY A 78 -10.66 -10.63 -23.64
C GLY A 78 -10.22 -11.45 -22.42
N MET A 79 -9.67 -10.77 -21.42
CA MET A 79 -9.22 -11.44 -20.21
C MET A 79 -10.26 -11.32 -19.10
N LYS A 80 -10.53 -12.43 -18.42
CA LYS A 80 -11.50 -12.43 -17.34
C LYS A 80 -10.98 -11.65 -16.13
N THR A 81 -11.81 -10.77 -15.60
CA THR A 81 -11.43 -9.96 -14.44
C THR A 81 -11.69 -10.73 -13.15
N THR A 82 -11.17 -10.20 -12.05
CA THR A 82 -11.35 -10.84 -10.74
C THR A 82 -11.72 -9.80 -9.67
N PRO A 83 -12.44 -10.20 -8.65
CA PRO A 83 -12.85 -9.29 -7.56
C PRO A 83 -11.68 -8.91 -6.66
N GLU A 84 -10.80 -9.87 -6.41
CA GLU A 84 -9.63 -9.63 -5.55
C GLU A 84 -8.67 -8.66 -6.22
N GLU A 85 -8.35 -8.93 -7.48
CA GLU A 85 -7.43 -8.07 -8.23
C GLU A 85 -8.03 -6.68 -8.40
N ASP A 86 -9.35 -6.62 -8.55
CA ASP A 86 -10.04 -5.35 -8.72
C ASP A 86 -9.92 -4.49 -7.45
N GLU A 87 -10.18 -5.11 -6.30
CA GLU A 87 -10.10 -4.39 -5.04
C GLU A 87 -8.72 -3.82 -4.82
N LEU A 88 -7.69 -4.66 -4.98
CA LEU A 88 -6.32 -4.23 -4.80
C LEU A 88 -6.03 -3.02 -5.68
N ASP A 89 -6.49 -3.08 -6.93
CA ASP A 89 -6.27 -1.98 -7.87
C ASP A 89 -6.88 -0.69 -7.33
N GLN A 90 -8.11 -0.80 -6.82
CA GLN A 90 -8.80 0.36 -6.28
C GLN A 90 -8.04 0.94 -5.09
N LEU A 91 -7.61 0.07 -4.19
CA LEU A 91 -6.88 0.51 -3.00
C LEU A 91 -5.60 1.23 -3.42
N CYS A 92 -4.92 0.69 -4.41
CA CYS A 92 -3.68 1.31 -4.89
C CYS A 92 -3.96 2.69 -5.47
N ASP A 93 -5.06 2.82 -6.20
CA ASP A 93 -5.43 4.09 -6.80
C ASP A 93 -5.67 5.14 -5.73
N GLU A 94 -6.41 4.76 -4.68
CA GLU A 94 -6.70 5.67 -3.59
C GLU A 94 -5.41 6.11 -2.89
N TRP A 95 -4.54 5.14 -2.61
CA TRP A 95 -3.28 5.42 -1.95
C TRP A 95 -2.39 6.29 -2.83
N LYS A 96 -2.40 5.98 -4.13
CA LYS A 96 -1.59 6.75 -5.08
C LYS A 96 -2.03 8.21 -5.11
N ALA A 97 -3.34 8.43 -4.99
CA ALA A 97 -3.88 9.78 -5.01
C ALA A 97 -3.39 10.56 -3.80
N ARG A 98 -3.42 9.92 -2.64
CA ARG A 98 -2.98 10.57 -1.40
C ARG A 98 -1.53 10.99 -1.51
N LEU A 99 -0.70 10.11 -2.07
CA LEU A 99 0.72 10.40 -2.23
C LEU A 99 0.91 11.60 -3.14
N SER A 100 0.11 11.67 -4.20
CA SER A 100 0.21 12.77 -5.14
C SER A 100 -0.24 14.08 -4.49
N GLU A 101 -1.30 14.00 -3.69
CA GLU A 101 -1.82 15.18 -3.01
C GLU A 101 -0.75 15.79 -2.11
N LEU A 102 -0.02 14.95 -1.40
CA LEU A 102 1.03 15.41 -0.52
C LEU A 102 2.17 16.02 -1.32
N GLN A 103 2.44 15.46 -2.48
CA GLN A 103 3.52 15.95 -3.34
C GLN A 103 3.20 17.35 -3.84
N GLN A 104 1.96 17.57 -4.24
CA GLN A 104 1.54 18.87 -4.74
C GLN A 104 1.80 19.95 -3.70
N TYR A 105 1.59 19.61 -2.43
CA TYR A 105 1.81 20.57 -1.35
C TYR A 105 3.26 21.04 -1.34
N ARG A 106 4.19 20.13 -1.59
CA ARG A 106 5.60 20.47 -1.60
C ARG A 106 5.88 21.53 -2.66
N GLU A 107 5.29 21.36 -3.85
CA GLU A 107 5.49 22.32 -4.93
C GLU A 107 4.80 23.64 -4.61
N LYS A 108 3.60 23.56 -4.05
CA LYS A 108 2.84 24.76 -3.69
C LYS A 108 3.57 25.56 -2.62
N PHE A 109 4.12 24.85 -1.64
CA PHE A 109 4.83 25.50 -0.55
C PHE A 109 6.34 25.47 -0.81
N LEU A 110 7.02 26.55 -0.45
CA LEU A 110 8.47 26.64 -0.64
C LEU A 110 9.19 26.63 0.69
N VAL A 111 10.21 25.79 0.81
CA VAL A 111 10.98 25.69 2.04
C VAL A 111 11.13 27.07 2.69
N ALA A 1 0.29 -10.69 0.04
CA ALA A 1 1.64 -10.31 0.53
C ALA A 1 2.53 -11.55 0.57
N LYS A 2 3.45 -11.62 -0.39
CA LYS A 2 4.37 -12.77 -0.45
C LYS A 2 5.18 -12.86 0.82
N ALA A 3 6.45 -13.26 0.68
CA ALA A 3 7.35 -13.40 1.83
C ALA A 3 8.35 -14.52 1.61
N GLN A 4 9.00 -14.95 2.68
CA GLN A 4 9.98 -16.02 2.59
C GLN A 4 9.29 -17.38 2.77
N ARG A 5 8.05 -17.35 3.24
CA ARG A 5 7.29 -18.58 3.45
C ARG A 5 5.86 -18.26 3.86
N THR A 6 4.95 -18.26 2.89
CA THR A 6 3.54 -17.97 3.17
C THR A 6 2.64 -18.83 2.30
N HIS A 7 1.36 -18.86 2.65
CA HIS A 7 0.39 -19.65 1.90
C HIS A 7 -0.45 -18.76 1.00
N LEU A 8 -0.98 -17.68 1.56
CA LEU A 8 -1.81 -16.75 0.80
C LEU A 8 -1.19 -15.35 0.84
N SER A 9 -1.04 -14.74 -0.34
CA SER A 9 -0.48 -13.41 -0.44
C SER A 9 -1.54 -12.39 -0.85
N LEU A 10 -2.12 -12.61 -2.02
CA LEU A 10 -3.16 -11.71 -2.53
C LEU A 10 -4.06 -11.23 -1.39
N GLU A 11 -4.40 -12.15 -0.49
CA GLU A 11 -5.27 -11.82 0.63
C GLU A 11 -4.57 -10.85 1.57
N GLU A 12 -3.29 -11.13 1.86
CA GLU A 12 -2.52 -10.27 2.74
C GLU A 12 -2.33 -8.89 2.14
N LYS A 13 -2.06 -8.84 0.84
CA LYS A 13 -1.86 -7.58 0.15
C LYS A 13 -3.07 -6.67 0.34
N ILE A 14 -4.26 -7.24 0.11
CA ILE A 14 -5.49 -6.47 0.25
C ILE A 14 -5.67 -6.02 1.70
N LYS A 15 -5.42 -6.92 2.63
CA LYS A 15 -5.56 -6.61 4.06
C LYS A 15 -4.62 -5.48 4.44
N LEU A 16 -3.41 -5.51 3.90
CA LEU A 16 -2.42 -4.49 4.20
C LEU A 16 -2.85 -3.14 3.62
N MET A 17 -3.24 -3.14 2.35
CA MET A 17 -3.68 -1.92 1.68
C MET A 17 -4.98 -1.42 2.30
N ARG A 18 -5.79 -2.35 2.78
CA ARG A 18 -7.07 -1.98 3.39
C ARG A 18 -6.84 -1.17 4.66
N LEU A 19 -5.64 -1.23 5.20
CA LEU A 19 -5.30 -0.49 6.40
C LEU A 19 -4.66 0.85 6.05
N VAL A 20 -3.83 0.85 5.02
CA VAL A 20 -3.15 2.07 4.60
C VAL A 20 -4.16 3.12 4.14
N VAL A 21 -5.11 2.69 3.33
CA VAL A 21 -6.15 3.60 2.84
C VAL A 21 -7.00 4.12 3.99
N ARG A 22 -7.34 3.22 4.91
CA ARG A 22 -8.17 3.59 6.05
C ARG A 22 -7.42 4.56 6.96
N HIS A 23 -6.11 4.67 6.75
CA HIS A 23 -5.29 5.57 7.55
C HIS A 23 -4.45 6.47 6.66
N LYS A 24 -4.95 6.76 5.47
CA LYS A 24 -4.24 7.62 4.53
C LYS A 24 -4.22 9.07 5.02
N HIS A 25 -5.26 9.44 5.76
CA HIS A 25 -5.36 10.80 6.28
C HIS A 25 -4.29 11.05 7.35
N GLU A 26 -4.07 10.06 8.20
CA GLU A 26 -3.08 10.17 9.26
C GLU A 26 -1.71 10.54 8.68
N LEU A 27 -1.06 11.51 9.30
CA LEU A 27 0.26 11.94 8.84
C LEU A 27 0.90 12.88 9.85
N VAL A 28 2.15 12.61 10.22
CA VAL A 28 2.85 13.44 11.17
C VAL A 28 4.16 13.97 10.57
N ASP A 29 4.38 15.27 10.71
CA ASP A 29 5.58 15.90 10.19
C ASP A 29 6.79 15.57 11.05
N ARG A 30 6.57 15.48 12.36
CA ARG A 30 7.65 15.19 13.29
C ARG A 30 8.42 13.95 12.86
N LYS A 31 7.69 12.92 12.46
CA LYS A 31 8.32 11.68 12.02
C LYS A 31 7.56 11.08 10.83
N THR A 32 8.21 11.03 9.68
CA THR A 32 7.58 10.48 8.48
C THR A 32 7.27 9.00 8.69
N SER A 33 8.23 8.26 9.24
CA SER A 33 8.04 6.83 9.48
C SER A 33 6.88 6.59 10.44
N GLU A 34 6.60 7.59 11.28
CA GLU A 34 5.51 7.48 12.23
C GLU A 34 4.28 6.85 11.59
N PHE A 35 4.18 7.00 10.28
CA PHE A 35 3.06 6.45 9.53
C PHE A 35 3.25 4.95 9.31
N TYR A 36 4.23 4.61 8.48
CA TYR A 36 4.52 3.22 8.17
C TYR A 36 4.78 2.43 9.46
N ALA A 37 5.31 3.11 10.47
CA ALA A 37 5.59 2.48 11.75
C ALA A 37 4.30 2.08 12.47
N LYS A 38 3.20 2.74 12.08
CA LYS A 38 1.91 2.45 12.69
C LYS A 38 1.17 1.39 11.90
N ILE A 39 1.33 1.41 10.58
CA ILE A 39 0.67 0.43 9.72
C ILE A 39 1.13 -0.98 10.04
N ALA A 40 2.45 -1.15 10.15
CA ALA A 40 3.02 -2.46 10.45
C ALA A 40 2.64 -2.89 11.87
N ARG A 41 2.20 -1.92 12.68
CA ARG A 41 1.82 -2.21 14.05
C ARG A 41 0.40 -2.75 14.12
N ILE A 42 -0.51 -2.10 13.39
CA ILE A 42 -1.91 -2.53 13.37
C ILE A 42 -2.10 -3.67 12.37
N GLY A 43 -1.16 -3.80 11.44
CA GLY A 43 -1.25 -4.84 10.43
C GLY A 43 -0.85 -6.19 11.02
N TYR A 44 -0.18 -6.17 12.17
CA TYR A 44 0.25 -7.40 12.82
C TYR A 44 -0.50 -7.60 14.13
N GLU A 45 -1.28 -6.60 14.53
CA GLU A 45 -2.03 -6.68 15.77
C GLU A 45 -3.52 -6.81 15.48
N ASP A 46 -3.86 -6.91 14.20
CA ASP A 46 -5.26 -7.05 13.80
C ASP A 46 -5.39 -7.97 12.61
N GLU A 47 -4.54 -7.77 11.61
CA GLU A 47 -4.57 -8.60 10.41
C GLU A 47 -3.75 -9.87 10.62
N GLY A 48 -2.84 -9.83 11.58
CA GLY A 48 -1.99 -10.99 11.86
C GLY A 48 -0.97 -11.21 10.76
N LEU A 49 -0.71 -10.15 9.98
CA LEU A 49 0.25 -10.24 8.89
C LEU A 49 1.64 -10.57 9.43
N ALA A 50 2.40 -11.33 8.67
CA ALA A 50 3.75 -11.70 9.07
C ALA A 50 4.45 -10.53 9.76
N ILE A 51 5.53 -10.82 10.46
CA ILE A 51 6.27 -9.79 11.17
C ILE A 51 6.99 -8.88 10.20
N HIS A 52 6.80 -7.57 10.36
CA HIS A 52 7.43 -6.59 9.48
C HIS A 52 8.20 -5.56 10.31
N THR A 53 8.77 -4.57 9.62
CA THR A 53 9.54 -3.53 10.29
C THR A 53 9.43 -2.21 9.53
N GLU A 54 9.62 -1.10 10.24
CA GLU A 54 9.54 0.21 9.62
C GLU A 54 9.96 0.16 8.16
N SER A 55 11.22 -0.22 7.94
CA SER A 55 11.77 -0.30 6.60
C SER A 55 10.93 -1.20 5.71
N ALA A 56 10.67 -2.41 6.18
CA ALA A 56 9.87 -3.36 5.41
C ALA A 56 8.51 -2.77 5.09
N CYS A 57 8.03 -1.87 5.94
CA CYS A 57 6.74 -1.23 5.74
C CYS A 57 6.80 -0.25 4.59
N ARG A 58 8.01 0.03 4.11
CA ARG A 58 8.20 0.96 3.00
C ARG A 58 8.54 0.22 1.73
N ASN A 59 9.08 -0.99 1.87
CA ASN A 59 9.43 -1.81 0.72
C ASN A 59 8.23 -2.61 0.22
N GLN A 60 7.53 -3.23 1.16
CA GLN A 60 6.36 -4.03 0.81
C GLN A 60 5.33 -3.20 0.07
N ILE A 61 4.83 -2.15 0.74
CA ILE A 61 3.83 -1.28 0.14
C ILE A 61 4.36 -0.71 -1.18
N ILE A 62 5.64 -0.36 -1.20
CA ILE A 62 6.24 0.16 -2.42
C ILE A 62 6.19 -0.85 -3.55
N SER A 63 6.54 -2.09 -3.23
CA SER A 63 6.55 -3.14 -4.24
C SER A 63 5.17 -3.29 -4.87
N ILE A 64 4.14 -3.29 -4.03
CA ILE A 64 2.77 -3.42 -4.51
C ILE A 64 2.46 -2.32 -5.53
N MET A 65 3.12 -1.19 -5.40
CA MET A 65 2.89 -0.08 -6.33
C MET A 65 3.44 -0.42 -7.72
N ARG A 66 4.70 -0.84 -7.76
CA ARG A 66 5.34 -1.18 -9.03
C ARG A 66 4.45 -2.13 -9.83
N VAL A 67 3.86 -3.09 -9.14
CA VAL A 67 2.98 -4.06 -9.80
C VAL A 67 1.69 -3.38 -10.27
N TYR A 68 1.17 -2.47 -9.44
CA TYR A 68 -0.05 -1.76 -9.78
C TYR A 68 0.15 -0.91 -11.02
N GLU A 69 1.30 -0.25 -11.11
CA GLU A 69 1.61 0.59 -12.26
C GLU A 69 1.92 -0.26 -13.49
N GLN A 70 2.58 -1.39 -13.27
CA GLN A 70 2.93 -2.28 -14.37
C GLN A 70 1.68 -2.87 -15.00
N ARG A 71 0.83 -3.48 -14.19
CA ARG A 71 -0.40 -4.08 -14.68
C ARG A 71 -1.39 -3.00 -15.11
N LEU A 72 -1.08 -1.75 -14.78
CA LEU A 72 -1.94 -0.63 -15.14
C LEU A 72 -1.71 -0.21 -16.59
N ALA A 73 -0.45 -0.32 -17.03
CA ALA A 73 -0.10 0.06 -18.40
C ALA A 73 -0.39 -1.08 -19.36
N HIS A 74 -0.32 -2.31 -18.85
CA HIS A 74 -0.57 -3.48 -19.68
C HIS A 74 -2.07 -3.78 -19.75
N ARG A 75 -2.63 -3.65 -20.95
CA ARG A 75 -4.05 -3.91 -21.15
C ARG A 75 -4.30 -4.53 -22.51
N GLN A 76 -5.02 -5.65 -22.53
CA GLN A 76 -5.33 -6.33 -23.78
C GLN A 76 -6.11 -7.61 -23.52
N PRO A 77 -6.83 -8.08 -24.49
CA PRO A 77 -7.64 -9.34 -24.39
C PRO A 77 -6.79 -10.53 -23.99
N GLY A 78 -7.38 -11.47 -23.25
CA GLY A 78 -6.67 -12.66 -22.80
C GLY A 78 -6.57 -12.69 -21.28
N MET A 79 -7.02 -11.62 -20.63
CA MET A 79 -6.97 -11.55 -19.18
C MET A 79 -8.38 -11.57 -18.60
N LYS A 80 -8.60 -12.41 -17.60
CA LYS A 80 -9.91 -12.51 -16.96
C LYS A 80 -9.98 -11.60 -15.73
N THR A 81 -11.13 -10.96 -15.54
CA THR A 81 -11.31 -10.06 -14.40
C THR A 81 -11.65 -10.85 -13.14
N THR A 82 -11.49 -10.21 -11.99
CA THR A 82 -11.79 -10.87 -10.72
C THR A 82 -12.10 -9.82 -9.65
N PRO A 83 -12.79 -10.23 -8.61
CA PRO A 83 -13.18 -9.32 -7.49
C PRO A 83 -11.99 -8.95 -6.60
N GLU A 84 -11.11 -9.91 -6.38
CA GLU A 84 -9.94 -9.68 -5.54
C GLU A 84 -8.98 -8.71 -6.23
N GLU A 85 -8.67 -8.97 -7.49
CA GLU A 85 -7.77 -8.12 -8.24
C GLU A 85 -8.37 -6.72 -8.39
N ASP A 86 -9.69 -6.67 -8.51
CA ASP A 86 -10.38 -5.39 -8.68
C ASP A 86 -10.23 -4.54 -7.42
N GLU A 87 -10.48 -5.16 -6.27
CA GLU A 87 -10.38 -4.45 -5.00
C GLU A 87 -8.98 -3.88 -4.81
N LEU A 88 -7.97 -4.73 -4.98
CA LEU A 88 -6.59 -4.28 -4.82
C LEU A 88 -6.32 -3.08 -5.71
N ASP A 89 -6.79 -3.14 -6.95
CA ASP A 89 -6.58 -2.03 -7.88
C ASP A 89 -7.19 -0.75 -7.33
N GLN A 90 -8.40 -0.85 -6.80
CA GLN A 90 -9.08 0.31 -6.24
C GLN A 90 -8.29 0.88 -5.06
N LEU A 91 -7.86 0.00 -4.17
CA LEU A 91 -7.11 0.42 -3.00
C LEU A 91 -5.84 1.15 -3.43
N CYS A 92 -5.16 0.62 -4.44
CA CYS A 92 -3.94 1.23 -4.94
C CYS A 92 -4.22 2.62 -5.50
N ASP A 93 -5.32 2.75 -6.22
CA ASP A 93 -5.71 4.03 -6.81
C ASP A 93 -5.91 5.07 -5.72
N GLU A 94 -6.64 4.69 -4.67
CA GLU A 94 -6.91 5.60 -3.56
C GLU A 94 -5.61 6.03 -2.88
N TRP A 95 -4.75 5.06 -2.62
CA TRP A 95 -3.47 5.33 -1.99
C TRP A 95 -2.60 6.20 -2.89
N LYS A 96 -2.62 5.91 -4.18
CA LYS A 96 -1.83 6.67 -5.14
C LYS A 96 -2.26 8.13 -5.16
N ALA A 97 -3.56 8.35 -5.02
CA ALA A 97 -4.10 9.71 -5.02
C ALA A 97 -3.59 10.49 -3.81
N ARG A 98 -3.61 9.84 -2.65
CA ARG A 98 -3.16 10.47 -1.42
C ARG A 98 -1.68 10.89 -1.55
N LEU A 99 -0.88 10.01 -2.12
CA LEU A 99 0.54 10.30 -2.31
C LEU A 99 0.72 11.51 -3.22
N SER A 100 -0.09 11.59 -4.27
CA SER A 100 -0.02 12.69 -5.20
C SER A 100 -0.45 13.99 -4.54
N GLU A 101 -1.48 13.91 -3.73
CA GLU A 101 -2.00 15.09 -3.04
C GLU A 101 -0.91 15.70 -2.15
N LEU A 102 -0.17 14.85 -1.46
CA LEU A 102 0.90 15.31 -0.58
C LEU A 102 2.03 15.92 -1.39
N GLN A 103 2.28 15.35 -2.57
CA GLN A 103 3.34 15.84 -3.44
C GLN A 103 3.03 17.25 -3.93
N GLN A 104 1.77 17.47 -4.31
CA GLN A 104 1.35 18.77 -4.80
C GLN A 104 1.63 19.85 -3.76
N TYR A 105 1.44 19.51 -2.49
CA TYR A 105 1.68 20.45 -1.41
C TYR A 105 3.15 20.85 -1.37
N ARG A 106 4.03 19.88 -1.57
CA ARG A 106 5.47 20.14 -1.55
C ARG A 106 5.86 21.10 -2.66
N GLU A 107 5.20 20.95 -3.82
CA GLU A 107 5.49 21.81 -4.95
C GLU A 107 5.12 23.26 -4.64
N LYS A 108 4.04 23.44 -3.89
CA LYS A 108 3.57 24.77 -3.52
C LYS A 108 4.62 25.49 -2.69
N PHE A 109 5.19 24.78 -1.72
CA PHE A 109 6.21 25.37 -0.86
C PHE A 109 7.46 25.70 -1.67
N LEU A 110 7.84 24.80 -2.57
CA LEU A 110 9.03 25.02 -3.39
C LEU A 110 8.73 26.04 -4.49
N VAL A 111 9.74 26.83 -4.84
CA VAL A 111 9.57 27.84 -5.89
C VAL A 111 9.09 27.20 -7.18
N ALA A 1 2.16 -11.98 4.47
CA ALA A 1 3.46 -11.55 3.88
C ALA A 1 3.95 -12.61 2.91
N LYS A 2 5.21 -12.48 2.48
CA LYS A 2 5.79 -13.44 1.55
C LYS A 2 7.16 -13.90 2.04
N ALA A 3 7.36 -15.22 2.07
CA ALA A 3 8.63 -15.77 2.53
C ALA A 3 8.69 -15.78 4.04
N GLN A 4 9.61 -16.57 4.59
CA GLN A 4 9.75 -16.67 6.04
C GLN A 4 8.52 -17.31 6.65
N ARG A 5 7.37 -17.14 5.99
CA ARG A 5 6.12 -17.71 6.47
C ARG A 5 4.93 -16.99 5.84
N THR A 6 4.35 -17.61 4.82
CA THR A 6 3.20 -17.03 4.14
C THR A 6 2.24 -18.11 3.67
N HIS A 7 1.02 -17.71 3.34
CA HIS A 7 0.02 -18.66 2.86
C HIS A 7 -0.81 -18.05 1.73
N LEU A 8 -1.42 -16.90 2.01
CA LEU A 8 -2.23 -16.22 1.00
C LEU A 8 -1.73 -14.80 0.80
N SER A 9 -0.75 -14.64 -0.10
CA SER A 9 -0.19 -13.34 -0.37
C SER A 9 -1.28 -12.35 -0.78
N LEU A 10 -1.86 -12.57 -1.95
CA LEU A 10 -2.90 -11.67 -2.46
C LEU A 10 -3.78 -11.21 -1.32
N GLU A 11 -4.12 -12.13 -0.43
CA GLU A 11 -4.99 -11.79 0.70
C GLU A 11 -4.29 -10.81 1.64
N GLU A 12 -3.02 -11.07 1.92
CA GLU A 12 -2.25 -10.20 2.81
C GLU A 12 -2.07 -8.82 2.18
N LYS A 13 -1.81 -8.78 0.88
CA LYS A 13 -1.63 -7.52 0.19
C LYS A 13 -2.85 -6.63 0.37
N ILE A 14 -4.02 -7.20 0.16
CA ILE A 14 -5.27 -6.45 0.30
C ILE A 14 -5.45 -5.98 1.74
N LYS A 15 -5.18 -6.88 2.68
CA LYS A 15 -5.33 -6.56 4.10
C LYS A 15 -4.39 -5.42 4.48
N LEU A 16 -3.18 -5.46 3.93
CA LEU A 16 -2.20 -4.41 4.22
C LEU A 16 -2.64 -3.07 3.64
N MET A 17 -3.04 -3.09 2.38
CA MET A 17 -3.49 -1.87 1.70
C MET A 17 -4.80 -1.38 2.32
N ARG A 18 -5.59 -2.31 2.81
CA ARG A 18 -6.87 -1.96 3.43
C ARG A 18 -6.65 -1.13 4.68
N LEU A 19 -5.44 -1.18 5.21
CA LEU A 19 -5.11 -0.43 6.42
C LEU A 19 -4.49 0.91 6.06
N VAL A 20 -3.65 0.91 5.02
CA VAL A 20 -2.99 2.13 4.59
C VAL A 20 -4.01 3.17 4.14
N VAL A 21 -4.97 2.74 3.33
CA VAL A 21 -6.01 3.63 2.84
C VAL A 21 -6.86 4.14 3.98
N ARG A 22 -7.20 3.25 4.91
CA ARG A 22 -8.02 3.62 6.06
C ARG A 22 -7.27 4.60 6.96
N HIS A 23 -5.97 4.72 6.74
CA HIS A 23 -5.15 5.64 7.54
C HIS A 23 -4.32 6.54 6.63
N LYS A 24 -4.84 6.82 5.44
CA LYS A 24 -4.13 7.68 4.49
C LYS A 24 -4.13 9.13 4.98
N HIS A 25 -5.17 9.49 5.72
CA HIS A 25 -5.27 10.85 6.24
C HIS A 25 -4.20 11.12 7.29
N GLU A 26 -3.95 10.13 8.14
CA GLU A 26 -2.94 10.28 9.18
C GLU A 26 -1.59 10.62 8.58
N LEU A 27 -1.00 11.71 9.05
CA LEU A 27 0.30 12.14 8.56
C LEU A 27 0.96 13.10 9.54
N VAL A 28 2.20 12.82 9.90
CA VAL A 28 2.93 13.68 10.83
C VAL A 28 4.22 14.18 10.20
N ASP A 29 4.45 15.48 10.28
CA ASP A 29 5.65 16.08 9.70
C ASP A 29 6.86 15.80 10.59
N ARG A 30 6.64 15.77 11.89
CA ARG A 30 7.73 15.54 12.84
C ARG A 30 8.49 14.28 12.47
N LYS A 31 7.76 13.22 12.12
CA LYS A 31 8.39 11.97 11.74
C LYS A 31 7.60 11.30 10.61
N THR A 32 8.21 11.25 9.43
CA THR A 32 7.56 10.63 8.28
C THR A 32 7.31 9.15 8.54
N SER A 33 8.30 8.48 9.11
CA SER A 33 8.17 7.06 9.41
C SER A 33 7.01 6.80 10.37
N GLU A 34 6.73 7.79 11.20
CA GLU A 34 5.65 7.67 12.16
C GLU A 34 4.42 7.04 11.52
N PHE A 35 4.31 7.17 10.21
CA PHE A 35 3.19 6.60 9.48
C PHE A 35 3.39 5.11 9.26
N TYR A 36 4.38 4.78 8.44
CA TYR A 36 4.68 3.38 8.14
C TYR A 36 4.94 2.61 9.42
N ALA A 37 5.47 3.30 10.43
CA ALA A 37 5.77 2.67 11.71
C ALA A 37 4.49 2.27 12.43
N LYS A 38 3.38 2.91 12.05
CA LYS A 38 2.09 2.61 12.66
C LYS A 38 1.36 1.53 11.88
N ILE A 39 1.51 1.55 10.56
CA ILE A 39 0.86 0.57 9.71
C ILE A 39 1.35 -0.84 10.04
N ALA A 40 2.66 -0.99 10.14
CA ALA A 40 3.23 -2.29 10.45
C ALA A 40 2.88 -2.72 11.87
N ARG A 41 2.43 -1.76 12.67
CA ARG A 41 2.06 -2.04 14.05
C ARG A 41 0.64 -2.60 14.12
N ILE A 42 -0.27 -1.96 13.40
CA ILE A 42 -1.66 -2.39 13.38
C ILE A 42 -1.85 -3.53 12.39
N GLY A 43 -0.92 -3.67 11.46
CA GLY A 43 -1.00 -4.72 10.46
C GLY A 43 -0.58 -6.07 11.04
N TYR A 44 0.08 -6.02 12.19
CA TYR A 44 0.53 -7.25 12.85
C TYR A 44 -0.21 -7.45 14.17
N GLU A 45 -0.99 -6.46 14.56
CA GLU A 45 -1.74 -6.54 15.81
C GLU A 45 -3.23 -6.69 15.52
N ASP A 46 -3.58 -6.79 14.25
CA ASP A 46 -4.98 -6.94 13.85
C ASP A 46 -5.10 -7.88 12.66
N GLU A 47 -4.25 -7.68 11.67
CA GLU A 47 -4.28 -8.52 10.46
C GLU A 47 -3.46 -9.78 10.68
N GLY A 48 -2.53 -9.73 11.64
CA GLY A 48 -1.68 -10.87 11.92
C GLY A 48 -0.42 -10.84 11.07
N LEU A 49 -0.51 -10.18 9.93
CA LEU A 49 0.63 -10.07 9.02
C LEU A 49 1.89 -9.74 9.81
N ALA A 50 3.00 -10.39 9.46
CA ALA A 50 4.27 -10.15 10.14
C ALA A 50 4.39 -8.70 10.57
N ILE A 51 5.25 -8.44 11.54
CA ILE A 51 5.45 -7.08 12.04
C ILE A 51 6.54 -6.38 11.26
N HIS A 52 7.21 -7.12 10.39
CA HIS A 52 8.29 -6.55 9.57
C HIS A 52 9.02 -5.44 10.34
N THR A 53 9.58 -4.50 9.61
CA THR A 53 10.28 -3.38 10.22
C THR A 53 9.94 -2.08 9.50
N GLU A 54 10.07 -0.97 10.21
CA GLU A 54 9.80 0.34 9.63
C GLU A 54 10.17 0.34 8.15
N SER A 55 11.42 -0.01 7.89
CA SER A 55 11.96 -0.06 6.54
C SER A 55 11.12 -0.98 5.66
N ALA A 56 10.88 -2.20 6.14
CA ALA A 56 10.08 -3.15 5.38
C ALA A 56 8.72 -2.58 5.06
N CYS A 57 8.24 -1.68 5.91
CA CYS A 57 6.93 -1.06 5.71
C CYS A 57 6.98 -0.08 4.55
N ARG A 58 8.19 0.21 4.07
CA ARG A 58 8.36 1.14 2.97
C ARG A 58 8.70 0.39 1.69
N ASN A 59 9.25 -0.82 1.84
CA ASN A 59 9.62 -1.62 0.68
C ASN A 59 8.42 -2.44 0.19
N GLN A 60 7.73 -3.08 1.13
CA GLN A 60 6.57 -3.89 0.80
C GLN A 60 5.52 -3.06 0.06
N ILE A 61 5.02 -2.03 0.72
CA ILE A 61 4.01 -1.17 0.12
C ILE A 61 4.52 -0.60 -1.20
N ILE A 62 5.79 -0.25 -1.24
CA ILE A 62 6.37 0.30 -2.46
C ILE A 62 6.33 -0.73 -3.58
N SER A 63 6.70 -1.96 -3.25
CA SER A 63 6.72 -3.03 -4.26
C SER A 63 5.35 -3.19 -4.88
N ILE A 64 4.32 -3.20 -4.03
CA ILE A 64 2.94 -3.33 -4.51
C ILE A 64 2.62 -2.23 -5.53
N MET A 65 3.27 -1.10 -5.41
CA MET A 65 3.03 -0.01 -6.35
C MET A 65 3.57 -0.35 -7.74
N ARG A 66 4.84 -0.75 -7.79
CA ARG A 66 5.48 -1.10 -9.05
C ARG A 66 4.60 -2.06 -9.84
N VAL A 67 4.01 -3.03 -9.15
CA VAL A 67 3.13 -4.00 -9.80
C VAL A 67 1.84 -3.34 -10.27
N TYR A 68 1.32 -2.43 -9.44
CA TYR A 68 0.09 -1.73 -9.77
C TYR A 68 0.28 -0.89 -11.02
N GLU A 69 1.43 -0.22 -11.12
CA GLU A 69 1.71 0.62 -12.28
C GLU A 69 2.03 -0.23 -13.51
N GLN A 70 2.70 -1.36 -13.28
CA GLN A 70 3.06 -2.25 -14.37
C GLN A 70 1.82 -2.86 -15.01
N ARG A 71 0.97 -3.47 -14.18
CA ARG A 71 -0.26 -4.09 -14.67
C ARG A 71 -1.26 -3.01 -15.09
N LEU A 72 -0.95 -1.77 -14.77
CA LEU A 72 -1.82 -0.66 -15.15
C LEU A 72 -1.60 -0.25 -16.59
N ALA A 73 -0.35 -0.34 -17.03
CA ALA A 73 -0.02 0.04 -18.41
C ALA A 73 -0.30 -1.11 -19.37
N HIS A 74 -0.21 -2.34 -18.84
CA HIS A 74 -0.46 -3.52 -19.66
C HIS A 74 -1.93 -3.61 -20.04
N ARG A 75 -2.20 -3.69 -21.34
CA ARG A 75 -3.57 -3.79 -21.82
C ARG A 75 -3.66 -4.73 -23.02
N GLN A 76 -4.77 -5.43 -23.14
CA GLN A 76 -4.96 -6.36 -24.24
C GLN A 76 -6.34 -7.03 -24.15
N PRO A 77 -6.88 -7.43 -25.27
CA PRO A 77 -8.21 -8.10 -25.33
C PRO A 77 -8.16 -9.51 -24.74
N GLY A 78 -9.31 -9.98 -24.28
CA GLY A 78 -9.40 -11.33 -23.69
C GLY A 78 -8.78 -11.35 -22.30
N MET A 79 -8.80 -10.21 -21.63
CA MET A 79 -8.23 -10.12 -20.29
C MET A 79 -9.24 -10.56 -19.25
N LYS A 80 -8.83 -11.48 -18.37
CA LYS A 80 -9.71 -11.99 -17.33
C LYS A 80 -9.82 -10.99 -16.19
N THR A 81 -10.91 -11.08 -15.44
CA THR A 81 -11.14 -10.17 -14.31
C THR A 81 -11.47 -10.94 -13.05
N THR A 82 -11.25 -10.32 -11.89
CA THR A 82 -11.55 -10.97 -10.62
C THR A 82 -11.89 -9.92 -9.56
N PRO A 83 -12.56 -10.33 -8.51
CA PRO A 83 -12.96 -9.42 -7.40
C PRO A 83 -11.76 -9.03 -6.52
N GLU A 84 -10.87 -9.98 -6.30
CA GLU A 84 -9.70 -9.73 -5.47
C GLU A 84 -8.76 -8.75 -6.15
N GLU A 85 -8.44 -9.02 -7.42
CA GLU A 85 -7.56 -8.16 -8.18
C GLU A 85 -8.17 -6.77 -8.34
N ASP A 86 -9.49 -6.72 -8.45
CA ASP A 86 -10.19 -5.46 -8.62
C ASP A 86 -10.05 -4.60 -7.37
N GLU A 87 -10.29 -5.21 -6.21
CA GLU A 87 -10.19 -4.50 -4.94
C GLU A 87 -8.79 -3.92 -4.77
N LEU A 88 -7.78 -4.76 -4.93
CA LEU A 88 -6.39 -4.31 -4.78
C LEU A 88 -6.14 -3.10 -5.67
N ASP A 89 -6.61 -3.16 -6.91
CA ASP A 89 -6.42 -2.06 -7.85
C ASP A 89 -7.04 -0.78 -7.31
N GLN A 90 -8.25 -0.89 -6.77
CA GLN A 90 -8.95 0.27 -6.22
C GLN A 90 -8.16 0.85 -5.05
N LEU A 91 -7.72 -0.02 -4.15
CA LEU A 91 -6.95 0.42 -2.98
C LEU A 91 -5.70 1.15 -3.41
N CYS A 92 -5.02 0.62 -4.43
CA CYS A 92 -3.80 1.24 -4.94
C CYS A 92 -4.11 2.63 -5.51
N ASP A 93 -5.22 2.74 -6.22
CA ASP A 93 -5.61 4.01 -6.81
C ASP A 93 -5.83 5.06 -5.74
N GLU A 94 -6.55 4.68 -4.68
CA GLU A 94 -6.81 5.59 -3.58
C GLU A 94 -5.52 6.03 -2.91
N TRP A 95 -4.65 5.07 -2.64
CA TRP A 95 -3.36 5.36 -2.00
C TRP A 95 -2.51 6.23 -2.92
N LYS A 96 -2.54 5.94 -4.21
CA LYS A 96 -1.75 6.69 -5.17
C LYS A 96 -2.20 8.14 -5.20
N ALA A 97 -3.51 8.36 -5.05
CA ALA A 97 -4.06 9.72 -5.06
C ALA A 97 -3.55 10.50 -3.86
N ARG A 98 -3.55 9.86 -2.69
CA ARG A 98 -3.10 10.51 -1.47
C ARG A 98 -1.64 10.94 -1.61
N LEU A 99 -0.83 10.06 -2.19
CA LEU A 99 0.59 10.37 -2.37
C LEU A 99 0.76 11.57 -3.30
N SER A 100 -0.07 11.64 -4.33
CA SER A 100 0.00 12.73 -5.28
C SER A 100 -0.44 14.04 -4.63
N GLU A 101 -1.48 13.96 -3.80
CA GLU A 101 -2.00 15.14 -3.11
C GLU A 101 -0.92 15.75 -2.23
N LEU A 102 -0.16 14.91 -1.55
CA LEU A 102 0.90 15.38 -0.68
C LEU A 102 2.03 16.00 -1.49
N GLN A 103 2.28 15.44 -2.67
CA GLN A 103 3.33 15.94 -3.54
C GLN A 103 3.00 17.34 -4.04
N GLN A 104 1.74 17.54 -4.42
CA GLN A 104 1.30 18.84 -4.92
C GLN A 104 1.58 19.93 -3.88
N TYR A 105 1.41 19.59 -2.61
CA TYR A 105 1.64 20.54 -1.53
C TYR A 105 3.11 20.91 -1.47
N ARG A 106 3.98 19.94 -1.72
CA ARG A 106 5.42 20.18 -1.69
C ARG A 106 5.80 21.22 -2.73
N GLU A 107 5.22 21.11 -3.93
CA GLU A 107 5.52 22.05 -5.00
C GLU A 107 5.03 23.45 -4.64
N LYS A 108 3.86 23.52 -4.02
CA LYS A 108 3.29 24.80 -3.62
C LYS A 108 4.17 25.49 -2.60
N PHE A 109 4.67 24.72 -1.63
CA PHE A 109 5.53 25.27 -0.58
C PHE A 109 6.80 24.44 -0.45
N LEU A 110 7.92 25.12 -0.30
CA LEU A 110 9.21 24.44 -0.16
C LEU A 110 9.69 24.49 1.29
N VAL A 111 10.08 23.34 1.83
CA VAL A 111 10.56 23.27 3.20
C VAL A 111 11.42 24.50 3.52
N ALA A 1 3.29 -11.74 5.30
CA ALA A 1 4.69 -11.68 4.78
C ALA A 1 4.93 -12.83 3.81
N LYS A 2 4.55 -12.61 2.54
CA LYS A 2 4.73 -13.64 1.52
C LYS A 2 6.15 -14.18 1.56
N ALA A 3 6.40 -15.15 2.43
CA ALA A 3 7.72 -15.75 2.54
C ALA A 3 7.86 -16.50 3.86
N GLN A 4 8.36 -15.81 4.87
CA GLN A 4 8.55 -16.41 6.18
C GLN A 4 7.39 -17.35 6.49
N ARG A 5 6.18 -16.81 6.49
CA ARG A 5 4.99 -17.61 6.77
C ARG A 5 3.76 -16.99 6.10
N THR A 6 3.33 -17.57 5.00
CA THR A 6 2.17 -17.04 4.28
C THR A 6 1.34 -18.18 3.69
N HIS A 7 0.04 -17.95 3.55
CA HIS A 7 -0.85 -18.95 2.98
C HIS A 7 -1.55 -18.39 1.74
N LEU A 8 -1.82 -17.08 1.76
CA LEU A 8 -2.46 -16.42 0.63
C LEU A 8 -2.00 -14.98 0.55
N SER A 9 -1.00 -14.74 -0.30
CA SER A 9 -0.47 -13.40 -0.44
C SER A 9 -1.55 -12.41 -0.85
N LEU A 10 -2.13 -12.61 -2.02
CA LEU A 10 -3.17 -11.71 -2.53
C LEU A 10 -4.07 -11.24 -1.39
N GLU A 11 -4.41 -12.16 -0.50
CA GLU A 11 -5.26 -11.82 0.63
C GLU A 11 -4.55 -10.85 1.57
N GLU A 12 -3.29 -11.12 1.86
CA GLU A 12 -2.52 -10.27 2.74
C GLU A 12 -2.32 -8.89 2.13
N LYS A 13 -2.05 -8.85 0.84
CA LYS A 13 -1.86 -7.58 0.15
C LYS A 13 -3.08 -6.68 0.32
N ILE A 14 -4.26 -7.24 0.11
CA ILE A 14 -5.50 -6.47 0.26
C ILE A 14 -5.68 -6.02 1.69
N LYS A 15 -5.42 -6.93 2.63
CA LYS A 15 -5.56 -6.61 4.05
C LYS A 15 -4.62 -5.48 4.44
N LEU A 16 -3.41 -5.51 3.90
CA LEU A 16 -2.42 -4.48 4.20
C LEU A 16 -2.85 -3.14 3.62
N MET A 17 -3.25 -3.14 2.35
CA MET A 17 -3.67 -1.92 1.69
C MET A 17 -4.98 -1.41 2.31
N ARG A 18 -5.80 -2.34 2.79
CA ARG A 18 -7.07 -1.98 3.39
C ARG A 18 -6.85 -1.16 4.65
N LEU A 19 -5.64 -1.23 5.20
CA LEU A 19 -5.31 -0.49 6.40
C LEU A 19 -4.66 0.85 6.05
N VAL A 20 -3.83 0.85 5.02
CA VAL A 20 -3.15 2.06 4.60
C VAL A 20 -4.16 3.11 4.15
N VAL A 21 -5.12 2.69 3.33
CA VAL A 21 -6.15 3.60 2.84
C VAL A 21 -7.00 4.12 3.99
N ARG A 22 -7.34 3.22 4.91
CA ARG A 22 -8.17 3.59 6.05
C ARG A 22 -7.42 4.56 6.95
N HIS A 23 -6.11 4.67 6.75
CA HIS A 23 -5.29 5.57 7.55
C HIS A 23 -4.44 6.47 6.66
N LYS A 24 -4.95 6.76 5.47
CA LYS A 24 -4.24 7.62 4.53
C LYS A 24 -4.22 9.07 5.03
N HIS A 25 -5.27 9.45 5.76
CA HIS A 25 -5.36 10.79 6.29
C HIS A 25 -4.29 11.03 7.36
N GLU A 26 -4.08 10.03 8.20
CA GLU A 26 -3.10 10.14 9.27
C GLU A 26 -1.80 10.75 8.74
N LEU A 27 -1.70 12.07 8.82
CA LEU A 27 -0.50 12.77 8.35
C LEU A 27 0.21 13.43 9.52
N VAL A 28 1.48 13.10 9.70
CA VAL A 28 2.28 13.68 10.77
C VAL A 28 3.56 14.30 10.23
N ASP A 29 3.89 15.49 10.70
CA ASP A 29 5.09 16.18 10.26
C ASP A 29 6.28 15.85 11.16
N ARG A 30 5.98 15.33 12.35
CA ARG A 30 7.03 14.99 13.30
C ARG A 30 7.98 13.96 12.70
N LYS A 31 7.42 12.94 12.05
CA LYS A 31 8.23 11.90 11.42
C LYS A 31 7.42 11.14 10.38
N THR A 32 7.98 10.98 9.19
CA THR A 32 7.30 10.27 8.11
C THR A 32 7.08 8.81 8.50
N SER A 33 8.11 8.20 9.08
CA SER A 33 8.03 6.80 9.48
C SER A 33 6.87 6.59 10.44
N GLU A 34 6.60 7.58 11.28
CA GLU A 34 5.51 7.48 12.23
C GLU A 34 4.28 6.86 11.59
N PHE A 35 4.18 7.00 10.28
CA PHE A 35 3.05 6.45 9.54
C PHE A 35 3.25 4.95 9.31
N TYR A 36 4.23 4.61 8.48
CA TYR A 36 4.51 3.22 8.18
C TYR A 36 4.78 2.43 9.46
N ALA A 37 5.31 3.11 10.47
CA ALA A 37 5.59 2.48 11.75
C ALA A 37 4.30 2.08 12.46
N LYS A 38 3.20 2.74 12.08
CA LYS A 38 1.91 2.45 12.69
C LYS A 38 1.17 1.38 11.91
N ILE A 39 1.34 1.40 10.59
CA ILE A 39 0.66 0.43 9.72
C ILE A 39 1.14 -0.99 10.04
N ALA A 40 2.45 -1.15 10.15
CA ALA A 40 3.01 -2.46 10.46
C ALA A 40 2.63 -2.89 11.87
N ARG A 41 2.20 -1.92 12.68
CA ARG A 41 1.82 -2.20 14.05
C ARG A 41 0.40 -2.75 14.12
N ILE A 42 -0.51 -2.10 13.40
CA ILE A 42 -1.90 -2.52 13.37
C ILE A 42 -2.10 -3.66 12.38
N GLY A 43 -1.16 -3.80 11.44
CA GLY A 43 -1.25 -4.84 10.44
C GLY A 43 -0.83 -6.20 11.02
N TYR A 44 -0.18 -6.17 12.17
CA TYR A 44 0.25 -7.40 12.82
C TYR A 44 -0.49 -7.60 14.13
N GLU A 45 -1.27 -6.60 14.52
CA GLU A 45 -2.03 -6.68 15.77
C GLU A 45 -3.52 -6.80 15.48
N ASP A 46 -3.86 -6.91 14.20
CA ASP A 46 -5.26 -7.05 13.80
C ASP A 46 -5.39 -7.97 12.61
N GLU A 47 -4.54 -7.77 11.61
CA GLU A 47 -4.57 -8.60 10.42
C GLU A 47 -3.75 -9.87 10.62
N GLY A 48 -2.84 -9.84 11.58
CA GLY A 48 -2.01 -11.00 11.88
C GLY A 48 -1.25 -11.46 10.64
N LEU A 49 -0.67 -10.50 9.92
CA LEU A 49 0.08 -10.84 8.73
C LEU A 49 1.28 -11.71 9.06
N ALA A 50 2.04 -11.29 10.08
CA ALA A 50 3.23 -12.04 10.50
C ALA A 50 4.23 -11.09 11.16
N ILE A 51 5.32 -10.81 10.46
CA ILE A 51 6.37 -9.93 10.97
C ILE A 51 6.72 -8.85 9.97
N HIS A 52 6.80 -7.61 10.46
CA HIS A 52 7.14 -6.48 9.60
C HIS A 52 8.02 -5.49 10.34
N THR A 53 8.71 -4.64 9.58
CA THR A 53 9.59 -3.64 10.18
C THR A 53 9.43 -2.31 9.48
N GLU A 54 9.67 -1.21 10.21
CA GLU A 54 9.56 0.12 9.65
C GLU A 54 9.97 0.10 8.18
N SER A 55 11.23 -0.24 7.94
CA SER A 55 11.77 -0.30 6.59
C SER A 55 10.93 -1.20 5.70
N ALA A 56 10.67 -2.41 6.18
CA ALA A 56 9.87 -3.36 5.41
C ALA A 56 8.50 -2.77 5.08
N CYS A 57 8.04 -1.87 5.94
CA CYS A 57 6.74 -1.24 5.74
C CYS A 57 6.80 -0.25 4.59
N ARG A 58 8.01 0.03 4.11
CA ARG A 58 8.20 0.97 3.02
C ARG A 58 8.54 0.22 1.74
N ASN A 59 9.07 -0.99 1.88
CA ASN A 59 9.43 -1.81 0.72
C ASN A 59 8.24 -2.60 0.22
N GLN A 60 7.53 -3.23 1.16
CA GLN A 60 6.36 -4.03 0.81
C GLN A 60 5.33 -3.20 0.07
N ILE A 61 4.84 -2.15 0.73
CA ILE A 61 3.83 -1.28 0.14
C ILE A 61 4.35 -0.71 -1.17
N ILE A 62 5.64 -0.36 -1.20
CA ILE A 62 6.23 0.16 -2.43
C ILE A 62 6.18 -0.87 -3.54
N SER A 63 6.52 -2.10 -3.23
CA SER A 63 6.54 -3.15 -4.24
C SER A 63 5.17 -3.29 -4.87
N ILE A 64 4.15 -3.29 -4.03
CA ILE A 64 2.78 -3.42 -4.52
C ILE A 64 2.47 -2.35 -5.55
N MET A 65 3.12 -1.19 -5.40
CA MET A 65 2.89 -0.09 -6.34
C MET A 65 3.44 -0.42 -7.72
N ARG A 66 4.70 -0.84 -7.76
CA ARG A 66 5.34 -1.18 -9.03
C ARG A 66 4.45 -2.13 -9.83
N VAL A 67 3.85 -3.09 -9.14
CA VAL A 67 2.98 -4.05 -9.79
C VAL A 67 1.69 -3.37 -10.26
N TYR A 68 1.17 -2.47 -9.44
CA TYR A 68 -0.05 -1.76 -9.78
C TYR A 68 0.16 -0.92 -11.02
N GLU A 69 1.30 -0.25 -11.11
CA GLU A 69 1.61 0.59 -12.26
C GLU A 69 1.92 -0.26 -13.49
N GLN A 70 2.58 -1.39 -13.27
CA GLN A 70 2.93 -2.29 -14.37
C GLN A 70 1.68 -2.88 -15.01
N ARG A 71 0.83 -3.48 -14.19
CA ARG A 71 -0.40 -4.08 -14.68
C ARG A 71 -1.39 -3.00 -15.11
N LEU A 72 -1.08 -1.75 -14.78
CA LEU A 72 -1.94 -0.63 -15.14
C LEU A 72 -1.70 -0.22 -16.60
N ALA A 73 -0.45 -0.32 -17.03
CA ALA A 73 -0.10 0.06 -18.40
C ALA A 73 -0.39 -1.09 -19.36
N HIS A 74 -0.32 -2.31 -18.85
CA HIS A 74 -0.58 -3.48 -19.67
C HIS A 74 -1.98 -3.41 -20.28
N ARG A 75 -2.05 -3.45 -21.61
CA ARG A 75 -3.33 -3.39 -22.30
C ARG A 75 -3.37 -4.40 -23.43
N GLN A 76 -4.56 -4.88 -23.76
CA GLN A 76 -4.74 -5.85 -24.83
C GLN A 76 -6.06 -6.59 -24.70
N PRO A 77 -6.54 -7.14 -25.78
CA PRO A 77 -7.83 -7.89 -25.80
C PRO A 77 -7.72 -9.23 -25.08
N GLY A 78 -8.85 -9.71 -24.55
CA GLY A 78 -8.87 -10.98 -23.85
C GLY A 78 -8.20 -10.87 -22.50
N MET A 79 -8.80 -10.10 -21.59
CA MET A 79 -8.25 -9.92 -20.25
C MET A 79 -9.19 -10.50 -19.21
N LYS A 80 -8.63 -11.25 -18.27
CA LYS A 80 -9.42 -11.86 -17.21
C LYS A 80 -9.68 -10.86 -16.09
N THR A 81 -10.84 -10.97 -15.46
CA THR A 81 -11.21 -10.06 -14.37
C THR A 81 -11.57 -10.85 -13.12
N THR A 82 -11.42 -10.22 -11.97
CA THR A 82 -11.73 -10.87 -10.70
C THR A 82 -12.08 -9.83 -9.63
N PRO A 83 -12.79 -10.22 -8.61
CA PRO A 83 -13.18 -9.32 -7.49
C PRO A 83 -11.99 -8.95 -6.60
N GLU A 84 -11.11 -9.91 -6.38
CA GLU A 84 -9.93 -9.68 -5.55
C GLU A 84 -8.98 -8.71 -6.23
N GLU A 85 -8.67 -8.97 -7.49
CA GLU A 85 -7.77 -8.12 -8.25
C GLU A 85 -8.37 -6.73 -8.41
N ASP A 86 -9.69 -6.67 -8.53
CA ASP A 86 -10.38 -5.39 -8.68
C ASP A 86 -10.24 -4.54 -7.42
N GLU A 87 -10.47 -5.16 -6.27
CA GLU A 87 -10.38 -4.45 -5.00
C GLU A 87 -8.98 -3.88 -4.81
N LEU A 88 -7.97 -4.72 -4.98
CA LEU A 88 -6.59 -4.30 -4.82
C LEU A 88 -6.31 -3.09 -5.71
N ASP A 89 -6.78 -3.14 -6.95
CA ASP A 89 -6.58 -2.03 -7.88
C ASP A 89 -7.19 -0.75 -7.33
N GLN A 90 -8.40 -0.85 -6.80
CA GLN A 90 -9.08 0.31 -6.24
C GLN A 90 -8.29 0.88 -5.06
N LEU A 91 -7.86 0.01 -4.17
CA LEU A 91 -7.10 0.43 -3.01
C LEU A 91 -5.84 1.15 -3.43
N CYS A 92 -5.16 0.62 -4.44
CA CYS A 92 -3.94 1.23 -4.94
C CYS A 92 -4.22 2.62 -5.51
N ASP A 93 -5.32 2.75 -6.22
CA ASP A 93 -5.71 4.03 -6.81
C ASP A 93 -5.91 5.07 -5.72
N GLU A 94 -6.64 4.69 -4.67
CA GLU A 94 -6.91 5.60 -3.56
C GLU A 94 -5.61 6.02 -2.89
N TRP A 95 -4.75 5.05 -2.62
CA TRP A 95 -3.47 5.33 -1.98
C TRP A 95 -2.60 6.20 -2.88
N LYS A 96 -2.63 5.90 -4.18
CA LYS A 96 -1.83 6.66 -5.13
C LYS A 96 -2.26 8.12 -5.15
N ALA A 97 -3.56 8.35 -5.02
CA ALA A 97 -4.10 9.71 -5.02
C ALA A 97 -3.59 10.49 -3.81
N ARG A 98 -3.61 9.84 -2.65
CA ARG A 98 -3.16 10.48 -1.43
C ARG A 98 -1.69 10.89 -1.56
N LEU A 99 -0.89 10.01 -2.14
CA LEU A 99 0.54 10.30 -2.31
C LEU A 99 0.73 11.50 -3.22
N SER A 100 -0.09 11.57 -4.26
CA SER A 100 -0.01 12.69 -5.21
C SER A 100 -0.44 13.99 -4.54
N GLU A 101 -1.48 13.91 -3.73
CA GLU A 101 -2.00 15.09 -3.04
C GLU A 101 -0.91 15.70 -2.15
N LEU A 102 -0.17 14.85 -1.46
CA LEU A 102 0.90 15.31 -0.58
C LEU A 102 2.03 15.92 -1.39
N GLN A 103 2.28 15.35 -2.57
CA GLN A 103 3.34 15.85 -3.44
C GLN A 103 3.02 17.25 -3.94
N GLN A 104 1.77 17.47 -4.31
CA GLN A 104 1.35 18.78 -4.80
C GLN A 104 1.63 19.85 -3.76
N TYR A 105 1.44 19.51 -2.49
CA TYR A 105 1.69 20.45 -1.42
C TYR A 105 3.15 20.86 -1.37
N ARG A 106 4.04 19.90 -1.60
CA ARG A 106 5.47 20.17 -1.60
C ARG A 106 5.82 21.20 -2.67
N GLU A 107 5.25 21.02 -3.86
CA GLU A 107 5.51 21.94 -4.96
C GLU A 107 4.97 23.33 -4.65
N LYS A 108 3.76 23.37 -4.10
CA LYS A 108 3.13 24.64 -3.76
C LYS A 108 3.93 25.37 -2.69
N PHE A 109 4.41 24.63 -1.70
CA PHE A 109 5.20 25.20 -0.62
C PHE A 109 6.68 24.94 -0.83
N LEU A 110 7.46 26.01 -0.93
CA LEU A 110 8.90 25.89 -1.14
C LEU A 110 9.65 26.32 0.10
N VAL A 111 10.59 25.49 0.54
CA VAL A 111 11.39 25.81 1.72
C VAL A 111 12.00 27.20 1.61
N ALA A 1 0.59 -10.97 0.51
CA ALA A 1 1.95 -10.38 0.61
C ALA A 1 2.99 -11.48 0.81
N LYS A 2 3.91 -11.60 -0.14
CA LYS A 2 4.96 -12.62 -0.05
C LYS A 2 5.71 -12.45 1.23
N ALA A 3 6.91 -13.07 1.30
CA ALA A 3 7.75 -13.00 2.49
C ALA A 3 8.59 -14.26 2.63
N GLN A 4 9.18 -14.45 3.80
CA GLN A 4 10.01 -15.62 4.05
C GLN A 4 9.14 -16.88 4.10
N ARG A 5 8.00 -16.79 4.76
CA ARG A 5 7.08 -17.92 4.88
C ARG A 5 5.66 -17.42 5.15
N THR A 6 4.85 -17.40 4.10
CA THR A 6 3.46 -16.94 4.24
C THR A 6 2.53 -17.71 3.31
N HIS A 7 1.24 -17.64 3.58
CA HIS A 7 0.24 -18.32 2.75
C HIS A 7 -0.70 -17.31 2.13
N LEU A 8 -1.23 -17.63 0.94
CA LEU A 8 -2.14 -16.73 0.24
C LEU A 8 -1.70 -15.30 0.44
N SER A 9 -0.95 -14.77 -0.52
CA SER A 9 -0.47 -13.41 -0.43
C SER A 9 -1.57 -12.43 -0.81
N LEU A 10 -2.15 -12.63 -2.00
CA LEU A 10 -3.18 -11.72 -2.51
C LEU A 10 -4.08 -11.25 -1.38
N GLU A 11 -4.42 -12.16 -0.49
CA GLU A 11 -5.27 -11.83 0.63
C GLU A 11 -4.57 -10.85 1.57
N GLU A 12 -3.30 -11.12 1.85
CA GLU A 12 -2.53 -10.26 2.74
C GLU A 12 -2.34 -8.88 2.13
N LYS A 13 -2.08 -8.85 0.84
CA LYS A 13 -1.86 -7.58 0.15
C LYS A 13 -3.07 -6.67 0.32
N ILE A 14 -4.26 -7.24 0.11
CA ILE A 14 -5.49 -6.47 0.25
C ILE A 14 -5.68 -6.02 1.69
N LYS A 15 -5.42 -6.92 2.63
CA LYS A 15 -5.56 -6.61 4.05
C LYS A 15 -4.62 -5.48 4.44
N LEU A 16 -3.41 -5.51 3.90
CA LEU A 16 -2.42 -4.49 4.20
C LEU A 16 -2.86 -3.14 3.63
N MET A 17 -3.24 -3.15 2.36
CA MET A 17 -3.67 -1.92 1.69
C MET A 17 -4.97 -1.41 2.30
N ARG A 18 -5.79 -2.34 2.79
CA ARG A 18 -7.06 -1.98 3.39
C ARG A 18 -6.84 -1.16 4.66
N LEU A 19 -5.63 -1.23 5.19
CA LEU A 19 -5.30 -0.49 6.40
C LEU A 19 -4.66 0.85 6.05
N VAL A 20 -3.83 0.85 5.02
CA VAL A 20 -3.15 2.06 4.60
C VAL A 20 -4.15 3.11 4.15
N VAL A 21 -5.12 2.69 3.34
CA VAL A 21 -6.15 3.60 2.84
C VAL A 21 -7.00 4.12 3.99
N ARG A 22 -7.34 3.22 4.91
CA ARG A 22 -8.16 3.60 6.05
C ARG A 22 -7.41 4.57 6.95
N HIS A 23 -6.11 4.67 6.75
CA HIS A 23 -5.29 5.57 7.55
C HIS A 23 -4.44 6.47 6.66
N LYS A 24 -4.95 6.76 5.47
CA LYS A 24 -4.24 7.62 4.53
C LYS A 24 -4.22 9.06 5.02
N HIS A 25 -5.26 9.44 5.76
CA HIS A 25 -5.36 10.79 6.29
C HIS A 25 -4.32 11.02 7.39
N GLU A 26 -4.14 10.01 8.23
CA GLU A 26 -3.18 10.12 9.32
C GLU A 26 -1.80 10.47 8.81
N LEU A 27 -1.30 11.65 9.20
CA LEU A 27 0.01 12.08 8.77
C LEU A 27 0.63 13.03 9.81
N VAL A 28 1.92 12.85 10.08
CA VAL A 28 2.61 13.70 11.04
C VAL A 28 3.88 14.29 10.43
N ASP A 29 4.32 15.43 10.96
CA ASP A 29 5.52 16.08 10.46
C ASP A 29 6.73 15.74 11.33
N ARG A 30 6.46 15.29 12.57
CA ARG A 30 7.53 14.95 13.48
C ARG A 30 8.42 13.86 12.89
N LYS A 31 7.78 12.83 12.33
CA LYS A 31 8.53 11.74 11.73
C LYS A 31 7.70 11.07 10.62
N THR A 32 8.29 10.94 9.45
CA THR A 32 7.61 10.33 8.32
C THR A 32 7.29 8.87 8.63
N SER A 33 8.26 8.15 9.19
CA SER A 33 8.08 6.75 9.52
C SER A 33 6.90 6.55 10.48
N GLU A 34 6.62 7.57 11.29
CA GLU A 34 5.51 7.48 12.23
C GLU A 34 4.28 6.86 11.59
N PHE A 35 4.18 7.00 10.28
CA PHE A 35 3.05 6.45 9.54
C PHE A 35 3.24 4.96 9.30
N TYR A 36 4.24 4.61 8.49
CA TYR A 36 4.52 3.22 8.17
C TYR A 36 4.78 2.43 9.46
N ALA A 37 5.31 3.11 10.47
CA ALA A 37 5.59 2.48 11.75
C ALA A 37 4.30 2.08 12.46
N LYS A 38 3.20 2.74 12.08
CA LYS A 38 1.91 2.45 12.69
C LYS A 38 1.17 1.38 11.91
N ILE A 39 1.34 1.40 10.59
CA ILE A 39 0.67 0.42 9.73
C ILE A 39 1.14 -0.99 10.04
N ALA A 40 2.45 -1.15 10.15
CA ALA A 40 3.02 -2.46 10.45
C ALA A 40 2.64 -2.89 11.87
N ARG A 41 2.20 -1.92 12.68
CA ARG A 41 1.82 -2.20 14.05
C ARG A 41 0.40 -2.75 14.12
N ILE A 42 -0.51 -2.10 13.40
CA ILE A 42 -1.90 -2.52 13.37
C ILE A 42 -2.10 -3.66 12.38
N GLY A 43 -1.16 -3.79 11.44
CA GLY A 43 -1.25 -4.84 10.44
C GLY A 43 -0.83 -6.20 11.02
N TYR A 44 -0.18 -6.17 12.17
CA TYR A 44 0.25 -7.40 12.82
C TYR A 44 -0.49 -7.60 14.13
N GLU A 45 -1.27 -6.60 14.53
CA GLU A 45 -2.03 -6.67 15.78
C GLU A 45 -3.52 -6.81 15.48
N ASP A 46 -3.86 -6.91 14.20
CA ASP A 46 -5.26 -7.05 13.80
C ASP A 46 -5.39 -7.97 12.61
N GLU A 47 -4.54 -7.77 11.61
CA GLU A 47 -4.57 -8.60 10.41
C GLU A 47 -3.75 -9.87 10.62
N GLY A 48 -2.84 -9.84 11.58
CA GLY A 48 -2.00 -11.00 11.87
C GLY A 48 -1.29 -11.48 10.63
N LEU A 49 -0.72 -10.54 9.87
CA LEU A 49 0.00 -10.91 8.66
C LEU A 49 1.21 -11.76 8.98
N ALA A 50 1.97 -11.34 10.00
CA ALA A 50 3.17 -12.07 10.42
C ALA A 50 4.15 -11.13 11.11
N ILE A 51 5.21 -10.76 10.40
CA ILE A 51 6.23 -9.87 10.95
C ILE A 51 6.57 -8.76 9.96
N HIS A 52 6.53 -7.52 10.45
CA HIS A 52 6.84 -6.37 9.61
C HIS A 52 7.61 -5.33 10.40
N THR A 53 8.42 -4.55 9.68
CA THR A 53 9.23 -3.51 10.32
C THR A 53 9.09 -2.18 9.56
N GLU A 54 9.55 -1.10 10.19
CA GLU A 54 9.47 0.21 9.57
C GLU A 54 9.95 0.16 8.13
N SER A 55 11.21 -0.23 7.93
CA SER A 55 11.78 -0.29 6.60
C SER A 55 10.93 -1.20 5.70
N ALA A 56 10.67 -2.41 6.18
CA ALA A 56 9.87 -3.36 5.41
C ALA A 56 8.50 -2.77 5.08
N CYS A 57 8.03 -1.87 5.95
CA CYS A 57 6.74 -1.24 5.74
C CYS A 57 6.80 -0.25 4.59
N ARG A 58 8.02 0.03 4.12
CA ARG A 58 8.20 0.97 3.02
C ARG A 58 8.54 0.22 1.75
N ASN A 59 9.07 -0.99 1.88
CA ASN A 59 9.45 -1.80 0.72
C ASN A 59 8.25 -2.60 0.22
N GLN A 60 7.54 -3.24 1.14
CA GLN A 60 6.38 -4.02 0.78
C GLN A 60 5.37 -3.17 0.01
N ILE A 61 4.87 -2.12 0.68
CA ILE A 61 3.86 -1.26 0.10
C ILE A 61 4.37 -0.71 -1.20
N ILE A 62 5.63 -0.36 -1.23
CA ILE A 62 6.23 0.16 -2.44
C ILE A 62 6.17 -0.87 -3.55
N SER A 63 6.52 -2.10 -3.23
CA SER A 63 6.54 -3.15 -4.24
C SER A 63 5.16 -3.29 -4.87
N ILE A 64 4.14 -3.28 -4.02
CA ILE A 64 2.78 -3.42 -4.50
C ILE A 64 2.47 -2.32 -5.53
N MET A 65 3.12 -1.19 -5.39
CA MET A 65 2.89 -0.08 -6.33
C MET A 65 3.45 -0.41 -7.72
N ARG A 66 4.70 -0.84 -7.76
CA ARG A 66 5.34 -1.18 -9.03
C ARG A 66 4.44 -2.12 -9.84
N VAL A 67 3.86 -3.09 -9.15
CA VAL A 67 2.97 -4.04 -9.82
C VAL A 67 1.69 -3.35 -10.31
N TYR A 68 1.18 -2.44 -9.49
CA TYR A 68 -0.05 -1.74 -9.79
C TYR A 68 0.15 -0.90 -11.03
N GLU A 69 1.30 -0.24 -11.11
CA GLU A 69 1.61 0.59 -12.26
C GLU A 69 1.92 -0.26 -13.49
N GLN A 70 2.58 -1.40 -13.27
CA GLN A 70 2.93 -2.29 -14.37
C GLN A 70 1.68 -2.88 -15.01
N ARG A 71 0.83 -3.48 -14.19
CA ARG A 71 -0.40 -4.08 -14.68
C ARG A 71 -1.39 -3.00 -15.11
N LEU A 72 -1.08 -1.75 -14.78
CA LEU A 72 -1.94 -0.63 -15.14
C LEU A 72 -1.70 -0.22 -16.60
N ALA A 73 -0.45 -0.32 -17.03
CA ALA A 73 -0.10 0.06 -18.40
C ALA A 73 -0.39 -1.09 -19.36
N HIS A 74 -0.32 -2.31 -18.85
CA HIS A 74 -0.57 -3.48 -19.68
C HIS A 74 -2.06 -3.80 -19.74
N ARG A 75 -2.62 -3.74 -20.95
CA ARG A 75 -4.04 -4.01 -21.13
C ARG A 75 -4.26 -4.77 -22.43
N GLN A 76 -5.15 -5.75 -22.39
CA GLN A 76 -5.46 -6.54 -23.58
C GLN A 76 -6.86 -7.14 -23.49
N PRO A 77 -7.52 -7.31 -24.61
CA PRO A 77 -8.89 -7.90 -24.66
C PRO A 77 -8.88 -9.40 -24.39
N GLY A 78 -10.03 -9.93 -23.98
CA GLY A 78 -10.15 -11.35 -23.68
C GLY A 78 -9.59 -11.68 -22.31
N MET A 79 -9.47 -10.65 -21.47
CA MET A 79 -8.95 -10.84 -20.12
C MET A 79 -10.10 -11.00 -19.12
N LYS A 80 -10.02 -12.04 -18.30
CA LYS A 80 -11.06 -12.29 -17.30
C LYS A 80 -10.83 -11.43 -16.07
N THR A 81 -11.90 -10.78 -15.61
CA THR A 81 -11.81 -9.92 -14.43
C THR A 81 -12.00 -10.73 -13.16
N THR A 82 -11.63 -10.15 -12.02
CA THR A 82 -11.77 -10.83 -10.74
C THR A 82 -12.11 -9.81 -9.64
N PRO A 83 -12.80 -10.23 -8.61
CA PRO A 83 -13.18 -9.32 -7.49
C PRO A 83 -12.00 -8.96 -6.61
N GLU A 84 -11.10 -9.92 -6.39
CA GLU A 84 -9.93 -9.68 -5.55
C GLU A 84 -8.98 -8.71 -6.23
N GLU A 85 -8.67 -8.97 -7.49
CA GLU A 85 -7.76 -8.12 -8.24
C GLU A 85 -8.37 -6.72 -8.39
N ASP A 86 -9.69 -6.66 -8.52
CA ASP A 86 -10.38 -5.39 -8.68
C ASP A 86 -10.24 -4.54 -7.42
N GLU A 87 -10.48 -5.16 -6.26
CA GLU A 87 -10.38 -4.45 -5.00
C GLU A 87 -8.98 -3.88 -4.81
N LEU A 88 -7.97 -4.73 -4.99
CA LEU A 88 -6.59 -4.29 -4.82
C LEU A 88 -6.31 -3.09 -5.71
N ASP A 89 -6.79 -3.14 -6.95
CA ASP A 89 -6.58 -2.03 -7.88
C ASP A 89 -7.19 -0.75 -7.33
N GLN A 90 -8.40 -0.85 -6.80
CA GLN A 90 -9.08 0.31 -6.24
C GLN A 90 -8.30 0.88 -5.06
N LEU A 91 -7.86 0.01 -4.18
CA LEU A 91 -7.10 0.43 -3.01
C LEU A 91 -5.83 1.15 -3.43
N CYS A 92 -5.16 0.62 -4.44
CA CYS A 92 -3.94 1.23 -4.94
C CYS A 92 -4.22 2.62 -5.51
N ASP A 93 -5.32 2.75 -6.22
CA ASP A 93 -5.71 4.03 -6.81
C ASP A 93 -5.91 5.07 -5.72
N GLU A 94 -6.64 4.69 -4.67
CA GLU A 94 -6.92 5.61 -3.57
C GLU A 94 -5.61 6.02 -2.89
N TRP A 95 -4.75 5.05 -2.62
CA TRP A 95 -3.48 5.33 -1.98
C TRP A 95 -2.60 6.20 -2.88
N LYS A 96 -2.63 5.90 -4.18
CA LYS A 96 -1.83 6.66 -5.13
C LYS A 96 -2.26 8.12 -5.15
N ALA A 97 -3.56 8.35 -5.02
CA ALA A 97 -4.10 9.71 -5.02
C ALA A 97 -3.59 10.49 -3.81
N ARG A 98 -3.60 9.83 -2.66
CA ARG A 98 -3.15 10.47 -1.43
C ARG A 98 -1.69 10.89 -1.56
N LEU A 99 -0.88 10.01 -2.14
CA LEU A 99 0.53 10.29 -2.31
C LEU A 99 0.73 11.51 -3.23
N SER A 100 -0.09 11.57 -4.26
CA SER A 100 -0.02 12.69 -5.20
C SER A 100 -0.44 13.99 -4.54
N GLU A 101 -1.48 13.91 -3.73
CA GLU A 101 -1.99 15.10 -3.03
C GLU A 101 -0.91 15.70 -2.15
N LEU A 102 -0.17 14.85 -1.46
CA LEU A 102 0.90 15.31 -0.58
C LEU A 102 2.03 15.92 -1.40
N GLN A 103 2.28 15.35 -2.57
CA GLN A 103 3.34 15.85 -3.44
C GLN A 103 3.02 17.25 -3.94
N GLN A 104 1.77 17.47 -4.31
CA GLN A 104 1.35 18.78 -4.80
C GLN A 104 1.63 19.85 -3.77
N TYR A 105 1.44 19.51 -2.49
CA TYR A 105 1.69 20.45 -1.41
C TYR A 105 3.18 20.76 -1.30
N ARG A 106 4.01 19.73 -1.49
CA ARG A 106 5.45 19.91 -1.40
C ARG A 106 5.94 20.87 -2.47
N GLU A 107 5.40 20.74 -3.68
CA GLU A 107 5.79 21.60 -4.78
C GLU A 107 5.46 23.06 -4.46
N LYS A 108 4.30 23.28 -3.87
CA LYS A 108 3.87 24.62 -3.51
C LYS A 108 4.83 25.23 -2.48
N PHE A 109 5.22 24.43 -1.49
CA PHE A 109 6.14 24.90 -0.46
C PHE A 109 7.51 24.29 -0.64
N LEU A 110 8.51 25.13 -0.88
CA LEU A 110 9.87 24.67 -1.09
C LEU A 110 10.75 25.08 0.09
N VAL A 111 11.50 24.11 0.63
CA VAL A 111 12.37 24.38 1.76
C VAL A 111 11.72 25.36 2.73
N ALA A 1 2.75 -11.47 5.32
CA ALA A 1 3.80 -11.01 4.37
C ALA A 1 4.28 -12.20 3.54
N LYS A 2 4.13 -12.11 2.23
CA LYS A 2 4.56 -13.18 1.34
C LYS A 2 5.87 -13.79 1.83
N ALA A 3 6.18 -14.98 1.35
CA ALA A 3 7.40 -15.66 1.76
C ALA A 3 7.40 -15.89 3.27
N GLN A 4 8.56 -16.29 3.80
CA GLN A 4 8.69 -16.54 5.24
C GLN A 4 7.40 -17.15 5.77
N ARG A 5 7.09 -18.37 5.32
CA ARG A 5 5.87 -19.05 5.75
C ARG A 5 4.65 -18.16 5.49
N THR A 6 4.10 -18.26 4.28
CA THR A 6 2.95 -17.45 3.92
C THR A 6 1.91 -18.29 3.18
N HIS A 7 0.70 -17.76 3.07
CA HIS A 7 -0.38 -18.46 2.37
C HIS A 7 -1.33 -17.46 1.72
N LEU A 8 -1.51 -17.60 0.41
CA LEU A 8 -2.39 -16.69 -0.32
C LEU A 8 -2.02 -15.24 -0.03
N SER A 9 -0.93 -14.77 -0.65
CA SER A 9 -0.47 -13.41 -0.43
C SER A 9 -1.56 -12.42 -0.83
N LEU A 10 -2.14 -12.63 -2.01
CA LEU A 10 -3.18 -11.71 -2.52
C LEU A 10 -4.07 -11.24 -1.39
N GLU A 11 -4.41 -12.16 -0.50
CA GLU A 11 -5.26 -11.82 0.63
C GLU A 11 -4.56 -10.85 1.58
N GLU A 12 -3.29 -11.12 1.86
CA GLU A 12 -2.52 -10.27 2.74
C GLU A 12 -2.34 -8.88 2.13
N LYS A 13 -2.06 -8.85 0.84
CA LYS A 13 -1.86 -7.58 0.15
C LYS A 13 -3.07 -6.68 0.32
N ILE A 14 -4.26 -7.24 0.11
CA ILE A 14 -5.49 -6.47 0.25
C ILE A 14 -5.67 -6.02 1.70
N LYS A 15 -5.42 -6.93 2.63
CA LYS A 15 -5.56 -6.61 4.06
C LYS A 15 -4.62 -5.48 4.44
N LEU A 16 -3.41 -5.51 3.90
CA LEU A 16 -2.42 -4.48 4.20
C LEU A 16 -2.85 -3.14 3.62
N MET A 17 -3.24 -3.14 2.35
CA MET A 17 -3.68 -1.92 1.68
C MET A 17 -4.98 -1.42 2.30
N ARG A 18 -5.79 -2.35 2.78
CA ARG A 18 -7.07 -1.98 3.39
C ARG A 18 -6.84 -1.17 4.66
N LEU A 19 -5.64 -1.23 5.20
CA LEU A 19 -5.30 -0.49 6.40
C LEU A 19 -4.65 0.84 6.06
N VAL A 20 -3.83 0.84 5.02
CA VAL A 20 -3.15 2.06 4.60
C VAL A 20 -4.15 3.11 4.15
N VAL A 21 -5.12 2.69 3.34
CA VAL A 21 -6.15 3.60 2.84
C VAL A 21 -7.00 4.12 3.99
N ARG A 22 -7.34 3.22 4.91
CA ARG A 22 -8.17 3.59 6.05
C ARG A 22 -7.42 4.56 6.96
N HIS A 23 -6.11 4.67 6.75
CA HIS A 23 -5.29 5.57 7.55
C HIS A 23 -4.44 6.47 6.66
N LYS A 24 -4.95 6.76 5.47
CA LYS A 24 -4.24 7.62 4.53
C LYS A 24 -4.22 9.06 5.01
N HIS A 25 -5.26 9.44 5.76
CA HIS A 25 -5.36 10.79 6.29
C HIS A 25 -4.27 11.05 7.32
N GLU A 26 -4.02 10.05 8.17
CA GLU A 26 -3.01 10.17 9.22
C GLU A 26 -1.74 10.78 8.65
N LEU A 27 -1.57 12.09 8.85
CA LEU A 27 -0.39 12.79 8.35
C LEU A 27 0.33 13.49 9.49
N VAL A 28 1.60 13.15 9.68
CA VAL A 28 2.39 13.76 10.75
C VAL A 28 3.70 14.32 10.19
N ASP A 29 4.04 15.53 10.61
CA ASP A 29 5.26 16.17 10.13
C ASP A 29 6.44 15.86 11.07
N ARG A 30 6.12 15.42 12.29
CA ARG A 30 7.16 15.10 13.26
C ARG A 30 8.08 14.03 12.72
N LYS A 31 7.50 12.94 12.21
CA LYS A 31 8.29 11.85 11.66
C LYS A 31 7.52 11.13 10.56
N THR A 32 8.14 10.99 9.40
CA THR A 32 7.51 10.32 8.27
C THR A 32 7.24 8.85 8.60
N SER A 33 8.22 8.19 9.19
CA SER A 33 8.10 6.78 9.55
C SER A 33 6.92 6.57 10.48
N GLU A 34 6.61 7.59 11.29
CA GLU A 34 5.51 7.48 12.24
C GLU A 34 4.28 6.85 11.59
N PHE A 35 4.18 7.00 10.28
CA PHE A 35 3.05 6.45 9.54
C PHE A 35 3.25 4.95 9.31
N TYR A 36 4.23 4.61 8.48
CA TYR A 36 4.52 3.22 8.17
C TYR A 36 4.78 2.43 9.46
N ALA A 37 5.31 3.11 10.47
CA ALA A 37 5.59 2.48 11.75
C ALA A 37 4.30 2.08 12.47
N LYS A 38 3.20 2.74 12.08
CA LYS A 38 1.91 2.45 12.69
C LYS A 38 1.17 1.39 11.90
N ILE A 39 1.33 1.41 10.58
CA ILE A 39 0.67 0.43 9.72
C ILE A 39 1.13 -0.98 10.04
N ALA A 40 2.45 -1.15 10.15
CA ALA A 40 3.01 -2.46 10.46
C ALA A 40 2.64 -2.89 11.87
N ARG A 41 2.20 -1.92 12.68
CA ARG A 41 1.82 -2.21 14.05
C ARG A 41 0.40 -2.75 14.12
N ILE A 42 -0.51 -2.10 13.39
CA ILE A 42 -1.91 -2.53 13.37
C ILE A 42 -2.10 -3.66 12.38
N GLY A 43 -1.16 -3.80 11.44
CA GLY A 43 -1.25 -4.84 10.43
C GLY A 43 -0.85 -6.19 11.02
N TYR A 44 -0.18 -6.17 12.17
CA TYR A 44 0.25 -7.40 12.82
C TYR A 44 -0.50 -7.60 14.13
N GLU A 45 -1.28 -6.60 14.53
CA GLU A 45 -2.03 -6.68 15.77
C GLU A 45 -3.52 -6.80 15.48
N ASP A 46 -3.86 -6.91 14.20
CA ASP A 46 -5.26 -7.05 13.80
C ASP A 46 -5.39 -7.97 12.61
N GLU A 47 -4.54 -7.77 11.61
CA GLU A 47 -4.57 -8.60 10.41
C GLU A 47 -3.75 -9.87 10.62
N GLY A 48 -2.84 -9.83 11.58
CA GLY A 48 -2.00 -10.99 11.87
C GLY A 48 -1.07 -11.30 10.72
N LEU A 49 -0.04 -10.47 10.56
CA LEU A 49 0.94 -10.67 9.50
C LEU A 49 2.29 -11.08 10.08
N ALA A 50 3.08 -11.80 9.28
CA ALA A 50 4.38 -12.26 9.73
C ALA A 50 5.24 -11.09 10.21
N ILE A 51 6.52 -11.13 9.89
CA ILE A 51 7.44 -10.08 10.30
C ILE A 51 6.99 -8.73 9.77
N HIS A 52 7.38 -7.66 10.45
CA HIS A 52 7.01 -6.32 10.03
C HIS A 52 7.95 -5.28 10.66
N THR A 53 8.69 -4.58 9.80
CA THR A 53 9.62 -3.55 10.28
C THR A 53 9.42 -2.26 9.51
N GLU A 54 9.62 -1.14 10.19
CA GLU A 54 9.46 0.18 9.57
C GLU A 54 9.95 0.13 8.12
N SER A 55 11.21 -0.23 7.93
CA SER A 55 11.78 -0.29 6.60
C SER A 55 10.93 -1.20 5.70
N ALA A 56 10.67 -2.41 6.18
CA ALA A 56 9.87 -3.36 5.41
C ALA A 56 8.50 -2.77 5.08
N CYS A 57 8.04 -1.87 5.94
CA CYS A 57 6.74 -1.23 5.74
C CYS A 57 6.80 -0.25 4.59
N ARG A 58 8.01 0.03 4.11
CA ARG A 58 8.20 0.96 3.00
C ARG A 58 8.54 0.22 1.74
N ASN A 59 9.08 -0.99 1.87
CA ASN A 59 9.44 -1.81 0.71
C ASN A 59 8.23 -2.61 0.22
N GLN A 60 7.53 -3.23 1.16
CA GLN A 60 6.36 -4.03 0.80
C GLN A 60 5.33 -3.19 0.07
N ILE A 61 4.83 -2.15 0.74
CA ILE A 61 3.83 -1.28 0.13
C ILE A 61 4.35 -0.72 -1.18
N ILE A 62 5.63 -0.37 -1.21
CA ILE A 62 6.23 0.18 -2.42
C ILE A 62 6.18 -0.86 -3.55
N SER A 63 6.54 -2.09 -3.23
CA SER A 63 6.55 -3.15 -4.24
C SER A 63 5.17 -3.30 -4.87
N ILE A 64 4.14 -3.29 -4.03
CA ILE A 64 2.77 -3.42 -4.51
C ILE A 64 2.46 -2.34 -5.54
N MET A 65 3.12 -1.19 -5.40
CA MET A 65 2.89 -0.08 -6.33
C MET A 65 3.44 -0.42 -7.72
N ARG A 66 4.70 -0.84 -7.76
CA ARG A 66 5.34 -1.18 -9.03
C ARG A 66 4.45 -2.13 -9.83
N VAL A 67 3.85 -3.09 -9.14
CA VAL A 67 2.97 -4.05 -9.80
C VAL A 67 1.69 -3.38 -10.28
N TYR A 68 1.17 -2.46 -9.45
CA TYR A 68 -0.05 -1.76 -9.78
C TYR A 68 0.15 -0.91 -11.02
N GLU A 69 1.30 -0.25 -11.11
CA GLU A 69 1.61 0.59 -12.26
C GLU A 69 1.92 -0.26 -13.49
N GLN A 70 2.58 -1.39 -13.27
CA GLN A 70 2.93 -2.28 -14.37
C GLN A 70 1.68 -2.87 -15.00
N ARG A 71 0.83 -3.48 -14.19
CA ARG A 71 -0.40 -4.08 -14.68
C ARG A 71 -1.39 -3.00 -15.11
N LEU A 72 -1.08 -1.75 -14.78
CA LEU A 72 -1.94 -0.63 -15.14
C LEU A 72 -1.70 -0.22 -16.59
N ALA A 73 -0.45 -0.32 -17.03
CA ALA A 73 -0.10 0.06 -18.40
C ALA A 73 -0.39 -1.08 -19.36
N HIS A 74 -0.32 -2.31 -18.85
CA HIS A 74 -0.57 -3.48 -19.68
C HIS A 74 -2.06 -3.60 -20.02
N ARG A 75 -2.36 -3.69 -21.31
CA ARG A 75 -3.74 -3.81 -21.75
C ARG A 75 -3.84 -4.76 -22.93
N GLN A 76 -4.99 -5.44 -23.04
CA GLN A 76 -5.20 -6.37 -24.13
C GLN A 76 -6.41 -7.26 -23.84
N PRO A 77 -7.15 -7.62 -24.86
CA PRO A 77 -8.35 -8.49 -24.73
C PRO A 77 -7.97 -9.93 -24.38
N GLY A 78 -8.93 -10.67 -23.82
CA GLY A 78 -8.70 -12.05 -23.45
C GLY A 78 -8.32 -12.17 -21.97
N MET A 79 -8.24 -11.03 -21.29
CA MET A 79 -7.89 -11.01 -19.88
C MET A 79 -9.12 -11.24 -19.02
N LYS A 80 -8.97 -12.06 -17.99
CA LYS A 80 -10.08 -12.35 -17.09
C LYS A 80 -9.98 -11.53 -15.81
N THR A 81 -11.01 -10.77 -15.52
CA THR A 81 -11.03 -9.93 -14.32
C THR A 81 -11.54 -10.72 -13.12
N THR A 82 -11.30 -10.19 -11.92
CA THR A 82 -11.75 -10.85 -10.71
C THR A 82 -12.09 -9.82 -9.63
N PRO A 83 -12.78 -10.23 -8.60
CA PRO A 83 -13.18 -9.32 -7.49
C PRO A 83 -11.99 -8.95 -6.60
N GLU A 84 -11.11 -9.91 -6.38
CA GLU A 84 -9.93 -9.68 -5.55
C GLU A 84 -8.98 -8.71 -6.23
N GLU A 85 -8.67 -8.97 -7.49
CA GLU A 85 -7.77 -8.12 -8.25
C GLU A 85 -8.37 -6.73 -8.41
N ASP A 86 -9.69 -6.67 -8.53
CA ASP A 86 -10.37 -5.39 -8.68
C ASP A 86 -10.23 -4.54 -7.42
N GLU A 87 -10.48 -5.16 -6.26
CA GLU A 87 -10.38 -4.45 -5.00
C GLU A 87 -8.98 -3.88 -4.81
N LEU A 88 -7.97 -4.73 -4.98
CA LEU A 88 -6.59 -4.30 -4.82
C LEU A 88 -6.31 -3.09 -5.71
N ASP A 89 -6.78 -3.14 -6.95
CA ASP A 89 -6.58 -2.04 -7.88
C ASP A 89 -7.19 -0.75 -7.33
N GLN A 90 -8.40 -0.85 -6.80
CA GLN A 90 -9.08 0.31 -6.24
C GLN A 90 -8.29 0.88 -5.06
N LEU A 91 -7.86 0.00 -4.17
CA LEU A 91 -7.11 0.43 -3.00
C LEU A 91 -5.84 1.15 -3.43
N CYS A 92 -5.16 0.62 -4.44
CA CYS A 92 -3.94 1.23 -4.94
C CYS A 92 -4.22 2.62 -5.51
N ASP A 93 -5.32 2.75 -6.22
CA ASP A 93 -5.71 4.03 -6.81
C ASP A 93 -5.91 5.07 -5.72
N GLU A 94 -6.64 4.69 -4.67
CA GLU A 94 -6.92 5.61 -3.57
C GLU A 94 -5.61 6.02 -2.89
N TRP A 95 -4.75 5.05 -2.62
CA TRP A 95 -3.48 5.33 -1.98
C TRP A 95 -2.60 6.20 -2.88
N LYS A 96 -2.63 5.90 -4.18
CA LYS A 96 -1.83 6.66 -5.13
C LYS A 96 -2.26 8.12 -5.15
N ALA A 97 -3.56 8.35 -5.02
CA ALA A 97 -4.10 9.71 -5.02
C ALA A 97 -3.59 10.49 -3.81
N ARG A 98 -3.61 9.84 -2.65
CA ARG A 98 -3.16 10.47 -1.42
C ARG A 98 -1.68 10.89 -1.55
N LEU A 99 -0.88 10.00 -2.13
CA LEU A 99 0.53 10.29 -2.31
C LEU A 99 0.73 11.50 -3.22
N SER A 100 -0.09 11.58 -4.26
CA SER A 100 -0.01 12.69 -5.21
C SER A 100 -0.45 13.99 -4.54
N GLU A 101 -1.48 13.91 -3.73
CA GLU A 101 -2.00 15.09 -3.04
C GLU A 101 -0.91 15.70 -2.15
N LEU A 102 -0.17 14.85 -1.46
CA LEU A 102 0.90 15.31 -0.58
C LEU A 102 2.03 15.92 -1.39
N GLN A 103 2.28 15.35 -2.58
CA GLN A 103 3.34 15.84 -3.44
C GLN A 103 3.02 17.25 -3.94
N GLN A 104 1.77 17.47 -4.31
CA GLN A 104 1.35 18.78 -4.81
C GLN A 104 1.63 19.85 -3.76
N TYR A 105 1.44 19.51 -2.49
CA TYR A 105 1.69 20.45 -1.41
C TYR A 105 3.17 20.77 -1.30
N ARG A 106 4.01 19.76 -1.51
CA ARG A 106 5.45 19.93 -1.44
C ARG A 106 5.93 20.93 -2.48
N GLU A 107 5.35 20.85 -3.67
CA GLU A 107 5.72 21.75 -4.76
C GLU A 107 5.52 23.20 -4.34
N LYS A 108 4.49 23.44 -3.56
CA LYS A 108 4.19 24.80 -3.10
C LYS A 108 5.34 25.34 -2.26
N PHE A 109 5.85 24.51 -1.36
CA PHE A 109 6.95 24.92 -0.50
C PHE A 109 8.21 25.16 -1.32
N LEU A 110 8.46 24.29 -2.30
CA LEU A 110 9.63 24.43 -3.15
C LEU A 110 9.45 25.59 -4.12
N VAL A 111 10.53 26.32 -4.37
CA VAL A 111 10.50 27.46 -5.28
C VAL A 111 9.76 27.08 -6.57
N ALA A 1 4.73 -11.14 6.74
CA ALA A 1 5.01 -10.78 5.32
C ALA A 1 4.80 -12.00 4.44
N LYS A 2 4.94 -11.81 3.13
CA LYS A 2 4.77 -12.91 2.18
C LYS A 2 5.70 -14.06 2.52
N ALA A 3 6.99 -13.87 2.27
CA ALA A 3 7.99 -14.90 2.55
C ALA A 3 7.93 -15.30 4.02
N GLN A 4 7.47 -14.39 4.86
CA GLN A 4 7.37 -14.66 6.29
C GLN A 4 6.11 -15.46 6.60
N ARG A 5 6.17 -16.76 6.34
CA ARG A 5 5.02 -17.63 6.60
C ARG A 5 3.73 -16.97 6.11
N THR A 6 3.32 -17.33 4.90
CA THR A 6 2.10 -16.76 4.33
C THR A 6 1.33 -17.82 3.57
N HIS A 7 0.02 -17.91 3.84
CA HIS A 7 -0.83 -18.87 3.16
C HIS A 7 -1.34 -18.30 1.84
N LEU A 8 -1.92 -17.10 1.90
CA LEU A 8 -2.42 -16.44 0.69
C LEU A 8 -1.94 -15.01 0.63
N SER A 9 -1.02 -14.73 -0.30
CA SER A 9 -0.47 -13.40 -0.44
C SER A 9 -1.55 -12.40 -0.84
N LEU A 10 -2.12 -12.61 -2.02
CA LEU A 10 -3.16 -11.71 -2.53
C LEU A 10 -4.06 -11.23 -1.39
N GLU A 11 -4.41 -12.15 -0.50
CA GLU A 11 -5.27 -11.82 0.63
C GLU A 11 -4.57 -10.85 1.57
N GLU A 12 -3.29 -11.13 1.86
CA GLU A 12 -2.52 -10.27 2.74
C GLU A 12 -2.34 -8.88 2.13
N LYS A 13 -2.05 -8.85 0.84
CA LYS A 13 -1.86 -7.58 0.14
C LYS A 13 -3.08 -6.68 0.33
N ILE A 14 -4.26 -7.24 0.11
CA ILE A 14 -5.49 -6.47 0.25
C ILE A 14 -5.67 -6.02 1.70
N LYS A 15 -5.42 -6.93 2.63
CA LYS A 15 -5.56 -6.62 4.05
C LYS A 15 -4.61 -5.49 4.44
N LEU A 16 -3.41 -5.51 3.90
CA LEU A 16 -2.41 -4.48 4.20
C LEU A 16 -2.85 -3.14 3.62
N MET A 17 -3.24 -3.14 2.35
CA MET A 17 -3.67 -1.92 1.69
C MET A 17 -4.99 -1.42 2.30
N ARG A 18 -5.80 -2.34 2.79
CA ARG A 18 -7.07 -1.98 3.39
C ARG A 18 -6.85 -1.17 4.66
N LEU A 19 -5.64 -1.23 5.20
CA LEU A 19 -5.30 -0.49 6.40
C LEU A 19 -4.65 0.84 6.06
N VAL A 20 -3.83 0.84 5.02
CA VAL A 20 -3.14 2.06 4.59
C VAL A 20 -4.15 3.11 4.15
N VAL A 21 -5.12 2.69 3.33
CA VAL A 21 -6.14 3.60 2.84
C VAL A 21 -7.01 4.11 3.99
N ARG A 22 -7.34 3.22 4.91
CA ARG A 22 -8.17 3.59 6.05
C ARG A 22 -7.42 4.56 6.96
N HIS A 23 -6.11 4.67 6.75
CA HIS A 23 -5.29 5.57 7.55
C HIS A 23 -4.44 6.47 6.66
N LYS A 24 -4.95 6.76 5.47
CA LYS A 24 -4.24 7.62 4.53
C LYS A 24 -4.22 9.06 5.01
N HIS A 25 -5.26 9.44 5.76
CA HIS A 25 -5.36 10.79 6.29
C HIS A 25 -4.20 11.09 7.24
N GLU A 26 -3.86 10.09 8.05
CA GLU A 26 -2.76 10.25 9.01
C GLU A 26 -1.54 10.88 8.34
N LEU A 27 -1.33 12.16 8.58
CA LEU A 27 -0.19 12.87 8.00
C LEU A 27 0.77 13.34 9.09
N VAL A 28 2.04 13.00 8.94
CA VAL A 28 3.04 13.39 9.92
C VAL A 28 4.17 14.18 9.25
N ASP A 29 4.53 15.31 9.84
CA ASP A 29 5.59 16.15 9.29
C ASP A 29 6.90 15.92 10.04
N ARG A 30 6.79 15.65 11.34
CA ARG A 30 7.97 15.41 12.17
C ARG A 30 8.73 14.19 11.66
N LYS A 31 8.02 13.08 11.49
CA LYS A 31 8.65 11.86 11.01
C LYS A 31 7.69 11.08 10.11
N THR A 32 8.11 10.86 8.86
CA THR A 32 7.29 10.13 7.90
C THR A 32 7.12 8.67 8.35
N SER A 33 8.12 8.16 9.05
CA SER A 33 8.08 6.77 9.52
C SER A 33 6.90 6.57 10.47
N GLU A 34 6.60 7.59 11.28
CA GLU A 34 5.51 7.48 12.23
C GLU A 34 4.28 6.85 11.59
N PHE A 35 4.18 7.00 10.28
CA PHE A 35 3.05 6.45 9.54
C PHE A 35 3.25 4.95 9.31
N TYR A 36 4.23 4.61 8.48
CA TYR A 36 4.52 3.21 8.18
C TYR A 36 4.78 2.43 9.46
N ALA A 37 5.30 3.11 10.48
CA ALA A 37 5.59 2.47 11.75
C ALA A 37 4.30 2.08 12.47
N LYS A 38 3.20 2.74 12.08
CA LYS A 38 1.91 2.45 12.69
C LYS A 38 1.16 1.39 11.90
N ILE A 39 1.33 1.41 10.58
CA ILE A 39 0.67 0.43 9.72
C ILE A 39 1.13 -0.98 10.05
N ALA A 40 2.45 -1.15 10.15
CA ALA A 40 3.02 -2.46 10.45
C ALA A 40 2.65 -2.88 11.87
N ARG A 41 2.20 -1.92 12.68
CA ARG A 41 1.82 -2.21 14.05
C ARG A 41 0.40 -2.75 14.12
N ILE A 42 -0.51 -2.10 13.39
CA ILE A 42 -1.91 -2.53 13.37
C ILE A 42 -2.11 -3.66 12.37
N GLY A 43 -1.16 -3.80 11.44
CA GLY A 43 -1.25 -4.84 10.43
C GLY A 43 -0.85 -6.20 11.01
N TYR A 44 -0.18 -6.17 12.17
CA TYR A 44 0.25 -7.40 12.82
C TYR A 44 -0.50 -7.60 14.14
N GLU A 45 -1.28 -6.60 14.53
CA GLU A 45 -2.03 -6.68 15.77
C GLU A 45 -3.52 -6.80 15.48
N ASP A 46 -3.86 -6.91 14.20
CA ASP A 46 -5.26 -7.05 13.80
C ASP A 46 -5.39 -7.97 12.61
N GLU A 47 -4.54 -7.77 11.61
CA GLU A 47 -4.57 -8.60 10.41
C GLU A 47 -3.75 -9.87 10.62
N GLY A 48 -2.84 -9.83 11.58
CA GLY A 48 -2.00 -11.00 11.87
C GLY A 48 -1.39 -11.56 10.60
N LEU A 49 -0.10 -11.26 10.39
CA LEU A 49 0.60 -11.75 9.22
C LEU A 49 1.90 -12.43 9.62
N ALA A 50 2.84 -11.64 10.15
CA ALA A 50 4.12 -12.19 10.58
C ALA A 50 4.96 -11.10 11.25
N ILE A 51 6.22 -10.99 10.83
CA ILE A 51 7.11 -9.99 11.39
C ILE A 51 7.43 -8.91 10.36
N HIS A 52 7.24 -7.65 10.75
CA HIS A 52 7.50 -6.54 9.84
C HIS A 52 8.26 -5.42 10.56
N THR A 53 8.99 -4.62 9.80
CA THR A 53 9.75 -3.52 10.36
C THR A 53 9.50 -2.23 9.57
N GLU A 54 9.68 -1.10 10.24
CA GLU A 54 9.48 0.20 9.59
C GLU A 54 9.95 0.15 8.14
N SER A 55 11.21 -0.22 7.94
CA SER A 55 11.77 -0.30 6.60
C SER A 55 10.93 -1.20 5.71
N ALA A 56 10.67 -2.41 6.18
CA ALA A 56 9.87 -3.36 5.41
C ALA A 56 8.51 -2.77 5.09
N CYS A 57 8.03 -1.87 5.94
CA CYS A 57 6.74 -1.23 5.74
C CYS A 57 6.80 -0.25 4.59
N ARG A 58 8.01 0.03 4.11
CA ARG A 58 8.20 0.96 3.00
C ARG A 58 8.54 0.21 1.72
N ASN A 59 9.08 -0.99 1.87
CA ASN A 59 9.44 -1.81 0.71
C ASN A 59 8.24 -2.61 0.23
N GLN A 60 7.53 -3.24 1.16
CA GLN A 60 6.36 -4.03 0.81
C GLN A 60 5.34 -3.19 0.07
N ILE A 61 4.83 -2.17 0.74
CA ILE A 61 3.83 -1.28 0.13
C ILE A 61 4.35 -0.72 -1.18
N ILE A 62 5.64 -0.37 -1.21
CA ILE A 62 6.24 0.18 -2.42
C ILE A 62 6.20 -0.84 -3.55
N SER A 63 6.56 -2.08 -3.24
CA SER A 63 6.55 -3.14 -4.24
C SER A 63 5.17 -3.29 -4.87
N ILE A 64 4.14 -3.29 -4.03
CA ILE A 64 2.77 -3.42 -4.51
C ILE A 64 2.46 -2.35 -5.54
N MET A 65 3.12 -1.19 -5.40
CA MET A 65 2.90 -0.09 -6.34
C MET A 65 3.44 -0.44 -7.72
N ARG A 66 4.72 -0.83 -7.76
CA ARG A 66 5.34 -1.18 -9.03
C ARG A 66 4.45 -2.13 -9.83
N VAL A 67 3.85 -3.09 -9.14
CA VAL A 67 2.98 -4.06 -9.80
C VAL A 67 1.69 -3.38 -10.27
N TYR A 68 1.17 -2.47 -9.44
CA TYR A 68 -0.05 -1.76 -9.78
C TYR A 68 0.14 -0.90 -11.03
N GLU A 69 1.30 -0.26 -11.12
CA GLU A 69 1.61 0.59 -12.26
C GLU A 69 1.92 -0.26 -13.49
N GLN A 70 2.58 -1.39 -13.27
CA GLN A 70 2.93 -2.28 -14.37
C GLN A 70 1.68 -2.87 -15.00
N ARG A 71 0.83 -3.48 -14.19
CA ARG A 71 -0.40 -4.08 -14.68
C ARG A 71 -1.39 -3.00 -15.11
N LEU A 72 -1.07 -1.75 -14.78
CA LEU A 72 -1.94 -0.63 -15.14
C LEU A 72 -1.71 -0.21 -16.59
N ALA A 73 -0.45 -0.31 -17.03
CA ALA A 73 -0.10 0.06 -18.40
C ALA A 73 -0.39 -1.08 -19.36
N HIS A 74 -0.32 -2.31 -18.85
CA HIS A 74 -0.57 -3.48 -19.68
C HIS A 74 -2.06 -3.60 -20.01
N ARG A 75 -2.37 -3.69 -21.30
CA ARG A 75 -3.76 -3.82 -21.73
C ARG A 75 -3.86 -4.76 -22.93
N GLN A 76 -4.82 -5.67 -22.88
CA GLN A 76 -5.01 -6.62 -23.96
C GLN A 76 -6.46 -7.12 -24.00
N PRO A 77 -6.94 -7.44 -25.16
CA PRO A 77 -8.34 -7.94 -25.34
C PRO A 77 -8.52 -9.34 -24.77
N GLY A 78 -9.75 -9.64 -24.35
CA GLY A 78 -10.06 -10.95 -23.79
C GLY A 78 -9.38 -11.12 -22.42
N MET A 79 -9.22 -10.01 -21.71
CA MET A 79 -8.59 -10.05 -20.40
C MET A 79 -9.61 -10.46 -19.33
N LYS A 80 -9.23 -11.44 -18.51
CA LYS A 80 -10.12 -11.91 -17.45
C LYS A 80 -10.15 -10.92 -16.29
N THR A 81 -11.24 -10.94 -15.54
CA THR A 81 -11.38 -10.04 -14.40
C THR A 81 -11.75 -10.82 -13.14
N THR A 82 -11.47 -10.22 -11.98
CA THR A 82 -11.78 -10.87 -10.72
C THR A 82 -12.10 -9.84 -9.65
N PRO A 83 -12.79 -10.24 -8.61
CA PRO A 83 -13.18 -9.32 -7.49
C PRO A 83 -11.99 -8.95 -6.60
N GLU A 84 -11.11 -9.91 -6.38
CA GLU A 84 -9.94 -9.68 -5.54
C GLU A 84 -8.98 -8.71 -6.23
N GLU A 85 -8.67 -8.97 -7.49
CA GLU A 85 -7.77 -8.12 -8.25
C GLU A 85 -8.37 -6.73 -8.41
N ASP A 86 -9.69 -6.67 -8.53
CA ASP A 86 -10.38 -5.39 -8.68
C ASP A 86 -10.23 -4.54 -7.42
N GLU A 87 -10.49 -5.16 -6.28
CA GLU A 87 -10.38 -4.45 -5.00
C GLU A 87 -8.98 -3.87 -4.82
N LEU A 88 -7.97 -4.73 -4.98
CA LEU A 88 -6.58 -4.30 -4.83
C LEU A 88 -6.31 -3.09 -5.71
N ASP A 89 -6.78 -3.14 -6.95
CA ASP A 89 -6.58 -2.04 -7.88
C ASP A 89 -7.19 -0.75 -7.33
N GLN A 90 -8.40 -0.85 -6.80
CA GLN A 90 -9.08 0.31 -6.24
C GLN A 90 -8.29 0.88 -5.06
N LEU A 91 -7.86 0.00 -4.17
CA LEU A 91 -7.11 0.42 -3.00
C LEU A 91 -5.84 1.15 -3.43
N CYS A 92 -5.17 0.62 -4.44
CA CYS A 92 -3.94 1.23 -4.94
C CYS A 92 -4.22 2.62 -5.50
N ASP A 93 -5.32 2.75 -6.22
CA ASP A 93 -5.71 4.03 -6.81
C ASP A 93 -5.91 5.07 -5.72
N GLU A 94 -6.64 4.69 -4.67
CA GLU A 94 -6.91 5.60 -3.56
C GLU A 94 -5.61 6.03 -2.89
N TRP A 95 -4.75 5.05 -2.62
CA TRP A 95 -3.48 5.33 -1.98
C TRP A 95 -2.60 6.20 -2.88
N LYS A 96 -2.63 5.90 -4.18
CA LYS A 96 -1.83 6.66 -5.13
C LYS A 96 -2.26 8.13 -5.16
N ALA A 97 -3.56 8.35 -5.02
CA ALA A 97 -4.10 9.71 -5.02
C ALA A 97 -3.59 10.49 -3.81
N ARG A 98 -3.61 9.84 -2.65
CA ARG A 98 -3.16 10.47 -1.42
C ARG A 98 -1.68 10.89 -1.55
N LEU A 99 -0.88 10.00 -2.13
CA LEU A 99 0.54 10.30 -2.30
C LEU A 99 0.73 11.50 -3.22
N SER A 100 -0.10 11.58 -4.25
CA SER A 100 0.00 12.69 -5.21
C SER A 100 -0.45 13.99 -4.54
N GLU A 101 -1.49 13.91 -3.72
CA GLU A 101 -2.00 15.09 -3.04
C GLU A 101 -0.91 15.70 -2.15
N LEU A 102 -0.17 14.84 -1.45
CA LEU A 102 0.90 15.31 -0.58
C LEU A 102 2.03 15.92 -1.39
N GLN A 103 2.28 15.35 -2.58
CA GLN A 103 3.34 15.84 -3.44
C GLN A 103 3.03 17.25 -3.93
N GLN A 104 1.77 17.47 -4.31
CA GLN A 104 1.35 18.77 -4.80
C GLN A 104 1.63 19.85 -3.76
N TYR A 105 1.44 19.51 -2.49
CA TYR A 105 1.69 20.45 -1.41
C TYR A 105 3.16 20.83 -1.35
N ARG A 106 4.03 19.85 -1.61
CA ARG A 106 5.47 20.09 -1.58
C ARG A 106 5.86 21.13 -2.63
N GLU A 107 5.27 21.02 -3.81
CA GLU A 107 5.57 21.95 -4.89
C GLU A 107 5.05 23.35 -4.54
N LYS A 108 3.86 23.40 -3.95
CA LYS A 108 3.27 24.68 -3.58
C LYS A 108 4.11 25.38 -2.51
N PHE A 109 4.56 24.61 -1.53
CA PHE A 109 5.38 25.15 -0.45
C PHE A 109 6.63 24.31 -0.25
N LEU A 110 7.74 24.99 0.04
CA LEU A 110 9.00 24.30 0.26
C LEU A 110 9.37 24.30 1.73
N VAL A 111 9.72 23.12 2.26
CA VAL A 111 10.08 22.99 3.66
C VAL A 111 8.95 23.45 4.56
N ALA A 1 0.81 -11.01 0.37
CA ALA A 1 2.19 -10.60 0.73
C ALA A 1 3.12 -11.79 0.59
N LYS A 2 3.88 -11.82 -0.51
CA LYS A 2 4.82 -12.91 -0.75
C LYS A 2 5.38 -13.44 0.57
N ALA A 3 6.54 -12.92 0.96
CA ALA A 3 7.15 -13.31 2.24
C ALA A 3 8.04 -14.52 2.06
N GLN A 4 8.70 -14.92 3.14
CA GLN A 4 9.59 -16.09 3.10
C GLN A 4 8.76 -17.38 3.06
N ARG A 5 7.67 -17.40 3.82
CA ARG A 5 6.79 -18.56 3.86
C ARG A 5 5.37 -18.16 4.19
N THR A 6 4.48 -18.26 3.20
CA THR A 6 3.09 -17.89 3.40
C THR A 6 2.17 -18.79 2.57
N HIS A 7 0.89 -18.82 2.92
CA HIS A 7 -0.08 -19.62 2.19
C HIS A 7 -0.96 -18.74 1.32
N LEU A 8 -1.22 -17.52 1.79
CA LEU A 8 -2.05 -16.59 1.03
C LEU A 8 -1.39 -15.21 0.98
N SER A 9 -1.13 -14.74 -0.24
CA SER A 9 -0.50 -13.43 -0.42
C SER A 9 -1.55 -12.40 -0.84
N LEU A 10 -2.13 -12.61 -2.02
CA LEU A 10 -3.15 -11.70 -2.52
C LEU A 10 -4.06 -11.23 -1.39
N GLU A 11 -4.41 -12.16 -0.50
CA GLU A 11 -5.27 -11.82 0.63
C GLU A 11 -4.57 -10.85 1.57
N GLU A 12 -3.29 -11.13 1.86
CA GLU A 12 -2.52 -10.27 2.75
C GLU A 12 -2.33 -8.89 2.14
N LYS A 13 -2.05 -8.85 0.84
CA LYS A 13 -1.86 -7.58 0.15
C LYS A 13 -3.08 -6.68 0.33
N ILE A 14 -4.26 -7.24 0.11
CA ILE A 14 -5.50 -6.47 0.26
C ILE A 14 -5.67 -6.02 1.70
N LYS A 15 -5.42 -6.93 2.63
CA LYS A 15 -5.56 -6.61 4.06
C LYS A 15 -4.62 -5.48 4.44
N LEU A 16 -3.41 -5.51 3.90
CA LEU A 16 -2.42 -4.48 4.20
C LEU A 16 -2.85 -3.14 3.62
N MET A 17 -3.24 -3.14 2.35
CA MET A 17 -3.68 -1.92 1.68
C MET A 17 -4.99 -1.42 2.30
N ARG A 18 -5.79 -2.35 2.78
CA ARG A 18 -7.07 -1.98 3.39
C ARG A 18 -6.84 -1.17 4.66
N LEU A 19 -5.64 -1.23 5.20
CA LEU A 19 -5.30 -0.49 6.40
C LEU A 19 -4.65 0.84 6.06
N VAL A 20 -3.83 0.84 5.02
CA VAL A 20 -3.15 2.06 4.60
C VAL A 20 -4.15 3.11 4.15
N VAL A 21 -5.12 2.69 3.34
CA VAL A 21 -6.15 3.60 2.84
C VAL A 21 -7.00 4.12 3.99
N ARG A 22 -7.34 3.22 4.91
CA ARG A 22 -8.17 3.59 6.05
C ARG A 22 -7.42 4.56 6.96
N HIS A 23 -6.11 4.67 6.75
CA HIS A 23 -5.29 5.57 7.55
C HIS A 23 -4.44 6.47 6.66
N LYS A 24 -4.95 6.76 5.47
CA LYS A 24 -4.24 7.62 4.53
C LYS A 24 -4.22 9.06 5.01
N HIS A 25 -5.26 9.44 5.76
CA HIS A 25 -5.36 10.79 6.29
C HIS A 25 -4.28 11.03 7.36
N GLU A 26 -4.05 10.02 8.19
CA GLU A 26 -3.05 10.12 9.25
C GLU A 26 -1.76 10.71 8.71
N LEU A 27 -1.60 12.03 8.85
CA LEU A 27 -0.40 12.70 8.38
C LEU A 27 0.33 13.36 9.54
N VAL A 28 1.60 13.01 9.71
CA VAL A 28 2.41 13.57 10.79
C VAL A 28 3.68 14.20 10.23
N ASP A 29 4.00 15.40 10.69
CA ASP A 29 5.20 16.10 10.23
C ASP A 29 6.39 15.77 11.12
N ARG A 30 6.11 15.26 12.32
CA ARG A 30 7.17 14.92 13.25
C ARG A 30 8.12 13.90 12.64
N LYS A 31 7.55 12.81 12.11
CA LYS A 31 8.37 11.78 11.49
C LYS A 31 7.58 11.08 10.37
N THR A 32 8.23 10.91 9.22
CA THR A 32 7.58 10.25 8.09
C THR A 32 7.33 8.77 8.40
N SER A 33 8.22 8.18 9.18
CA SER A 33 8.09 6.77 9.54
C SER A 33 6.90 6.56 10.48
N GLU A 34 6.61 7.59 11.29
CA GLU A 34 5.51 7.48 12.23
C GLU A 34 4.28 6.85 11.59
N PHE A 35 4.18 7.00 10.28
CA PHE A 35 3.05 6.45 9.54
C PHE A 35 3.25 4.95 9.31
N TYR A 36 4.23 4.61 8.48
CA TYR A 36 4.52 3.21 8.18
C TYR A 36 4.78 2.43 9.46
N ALA A 37 5.30 3.11 10.48
CA ALA A 37 5.59 2.48 11.75
C ALA A 37 4.30 2.08 12.47
N LYS A 38 3.20 2.74 12.08
CA LYS A 38 1.91 2.45 12.69
C LYS A 38 1.17 1.39 11.90
N ILE A 39 1.33 1.41 10.58
CA ILE A 39 0.67 0.43 9.72
C ILE A 39 1.14 -0.98 10.05
N ALA A 40 2.45 -1.15 10.15
CA ALA A 40 3.02 -2.46 10.45
C ALA A 40 2.65 -2.88 11.87
N ARG A 41 2.20 -1.92 12.68
CA ARG A 41 1.82 -2.21 14.05
C ARG A 41 0.40 -2.75 14.12
N ILE A 42 -0.51 -2.10 13.39
CA ILE A 42 -1.91 -2.53 13.37
C ILE A 42 -2.11 -3.66 12.37
N GLY A 43 -1.16 -3.80 11.44
CA GLY A 43 -1.25 -4.84 10.43
C GLY A 43 -0.85 -6.20 11.01
N TYR A 44 -0.18 -6.17 12.17
CA TYR A 44 0.25 -7.40 12.82
C TYR A 44 -0.49 -7.60 14.13
N GLU A 45 -1.27 -6.60 14.52
CA GLU A 45 -2.03 -6.68 15.77
C GLU A 45 -3.52 -6.80 15.48
N ASP A 46 -3.86 -6.91 14.20
CA ASP A 46 -5.26 -7.05 13.80
C ASP A 46 -5.39 -7.97 12.61
N GLU A 47 -4.54 -7.77 11.61
CA GLU A 47 -4.57 -8.60 10.41
C GLU A 47 -3.75 -9.87 10.62
N GLY A 48 -2.84 -9.84 11.58
CA GLY A 48 -2.01 -11.00 11.88
C GLY A 48 -1.36 -11.55 10.62
N LEU A 49 -0.39 -10.82 10.09
CA LEU A 49 0.32 -11.25 8.88
C LEU A 49 1.59 -12.00 9.27
N ALA A 50 2.56 -11.26 9.79
CA ALA A 50 3.84 -11.87 10.18
C ALA A 50 4.72 -10.85 10.89
N ILE A 51 6.04 -11.03 10.79
CA ILE A 51 6.99 -10.12 11.42
C ILE A 51 7.62 -9.21 10.37
N HIS A 52 7.44 -7.91 10.55
CA HIS A 52 7.99 -6.93 9.60
C HIS A 52 8.68 -5.81 10.35
N THR A 53 9.26 -4.87 9.59
CA THR A 53 9.96 -3.74 10.20
C THR A 53 9.59 -2.44 9.49
N GLU A 54 9.79 -1.32 10.18
CA GLU A 54 9.47 -0.01 9.61
C GLU A 54 9.92 0.02 8.14
N SER A 55 11.20 -0.24 7.94
CA SER A 55 11.77 -0.29 6.59
C SER A 55 10.93 -1.19 5.71
N ALA A 56 10.67 -2.41 6.18
CA ALA A 56 9.87 -3.36 5.41
C ALA A 56 8.50 -2.77 5.08
N CYS A 57 8.04 -1.87 5.94
CA CYS A 57 6.74 -1.23 5.74
C CYS A 57 6.80 -0.25 4.59
N ARG A 58 8.01 0.03 4.11
CA ARG A 58 8.20 0.96 3.00
C ARG A 58 8.54 0.21 1.73
N ASN A 59 9.08 -0.99 1.87
CA ASN A 59 9.44 -1.81 0.71
C ASN A 59 8.23 -2.61 0.22
N GLN A 60 7.53 -3.23 1.16
CA GLN A 60 6.36 -4.03 0.81
C GLN A 60 5.33 -3.20 0.07
N ILE A 61 4.83 -2.17 0.74
CA ILE A 61 3.83 -1.28 0.13
C ILE A 61 4.35 -0.72 -1.18
N ILE A 62 5.63 -0.37 -1.21
CA ILE A 62 6.24 0.18 -2.42
C ILE A 62 6.19 -0.85 -3.55
N SER A 63 6.54 -2.09 -3.24
CA SER A 63 6.55 -3.14 -4.24
C SER A 63 5.17 -3.29 -4.87
N ILE A 64 4.14 -3.29 -4.03
CA ILE A 64 2.78 -3.42 -4.52
C ILE A 64 2.47 -2.35 -5.55
N MET A 65 3.12 -1.19 -5.40
CA MET A 65 2.89 -0.09 -6.34
C MET A 65 3.45 -0.43 -7.71
N ARG A 66 4.70 -0.84 -7.76
CA ARG A 66 5.34 -1.18 -9.03
C ARG A 66 4.45 -2.13 -9.83
N VAL A 67 3.85 -3.09 -9.14
CA VAL A 67 2.98 -4.06 -9.80
C VAL A 67 1.69 -3.37 -10.26
N TYR A 68 1.17 -2.47 -9.44
CA TYR A 68 -0.05 -1.76 -9.78
C TYR A 68 0.15 -0.91 -11.02
N GLU A 69 1.30 -0.25 -11.11
CA GLU A 69 1.61 0.59 -12.26
C GLU A 69 1.92 -0.26 -13.49
N GLN A 70 2.58 -1.39 -13.27
CA GLN A 70 2.93 -2.28 -14.37
C GLN A 70 1.68 -2.87 -15.00
N ARG A 71 0.83 -3.48 -14.19
CA ARG A 71 -0.40 -4.08 -14.68
C ARG A 71 -1.39 -3.00 -15.12
N LEU A 72 -1.07 -1.75 -14.78
CA LEU A 72 -1.94 -0.63 -15.14
C LEU A 72 -1.71 -0.21 -16.59
N ALA A 73 -0.45 -0.32 -17.03
CA ALA A 73 -0.10 0.06 -18.40
C ALA A 73 -0.39 -1.08 -19.36
N HIS A 74 -0.32 -2.31 -18.85
CA HIS A 74 -0.57 -3.48 -19.68
C HIS A 74 -2.06 -3.80 -19.74
N ARG A 75 -2.54 -4.13 -20.94
CA ARG A 75 -3.95 -4.45 -21.11
C ARG A 75 -4.31 -5.72 -20.35
N GLN A 76 -3.40 -6.69 -20.38
CA GLN A 76 -3.63 -7.97 -19.69
C GLN A 76 -4.53 -8.87 -20.52
N PRO A 77 -4.18 -9.09 -21.77
CA PRO A 77 -4.97 -9.96 -22.68
C PRO A 77 -4.85 -11.44 -22.33
N GLY A 78 -5.90 -12.20 -22.65
CA GLY A 78 -5.89 -13.63 -22.37
C GLY A 78 -6.13 -13.89 -20.89
N MET A 79 -6.69 -12.91 -20.20
CA MET A 79 -6.98 -13.05 -18.77
C MET A 79 -8.35 -12.49 -18.45
N LYS A 80 -8.99 -13.07 -17.44
CA LYS A 80 -10.33 -12.62 -17.03
C LYS A 80 -10.24 -11.76 -15.78
N THR A 81 -11.27 -10.94 -15.57
CA THR A 81 -11.30 -10.06 -14.40
C THR A 81 -11.66 -10.85 -13.14
N THR A 82 -11.46 -10.22 -11.99
CA THR A 82 -11.78 -10.87 -10.72
C THR A 82 -12.10 -9.84 -9.64
N PRO A 83 -12.79 -10.23 -8.61
CA PRO A 83 -13.18 -9.32 -7.49
C PRO A 83 -11.99 -8.95 -6.60
N GLU A 84 -11.11 -9.91 -6.38
CA GLU A 84 -9.94 -9.68 -5.54
C GLU A 84 -8.98 -8.71 -6.23
N GLU A 85 -8.67 -8.97 -7.49
CA GLU A 85 -7.77 -8.12 -8.24
C GLU A 85 -8.37 -6.73 -8.41
N ASP A 86 -9.69 -6.66 -8.52
CA ASP A 86 -10.38 -5.39 -8.68
C ASP A 86 -10.23 -4.54 -7.42
N GLU A 87 -10.48 -5.16 -6.27
CA GLU A 87 -10.38 -4.45 -5.00
C GLU A 87 -8.98 -3.88 -4.81
N LEU A 88 -7.97 -4.73 -4.98
CA LEU A 88 -6.58 -4.30 -4.83
C LEU A 88 -6.31 -3.09 -5.71
N ASP A 89 -6.78 -3.14 -6.95
CA ASP A 89 -6.58 -2.04 -7.88
C ASP A 89 -7.19 -0.75 -7.33
N GLN A 90 -8.40 -0.85 -6.80
CA GLN A 90 -9.08 0.31 -6.24
C GLN A 90 -8.29 0.88 -5.06
N LEU A 91 -7.86 0.00 -4.17
CA LEU A 91 -7.11 0.42 -3.00
C LEU A 91 -5.84 1.15 -3.43
N CYS A 92 -5.16 0.62 -4.44
CA CYS A 92 -3.94 1.23 -4.94
C CYS A 92 -4.22 2.62 -5.51
N ASP A 93 -5.32 2.75 -6.22
CA ASP A 93 -5.71 4.03 -6.81
C ASP A 93 -5.91 5.07 -5.72
N GLU A 94 -6.64 4.69 -4.67
CA GLU A 94 -6.91 5.60 -3.56
C GLU A 94 -5.61 6.02 -2.89
N TRP A 95 -4.75 5.05 -2.62
CA TRP A 95 -3.48 5.33 -1.98
C TRP A 95 -2.60 6.20 -2.88
N LYS A 96 -2.63 5.90 -4.18
CA LYS A 96 -1.83 6.66 -5.13
C LYS A 96 -2.26 8.12 -5.15
N ALA A 97 -3.56 8.35 -5.02
CA ALA A 97 -4.10 9.71 -5.02
C ALA A 97 -3.59 10.49 -3.81
N ARG A 98 -3.61 9.84 -2.65
CA ARG A 98 -3.16 10.47 -1.42
C ARG A 98 -1.68 10.89 -1.55
N LEU A 99 -0.88 10.01 -2.12
CA LEU A 99 0.54 10.30 -2.31
C LEU A 99 0.73 11.50 -3.22
N SER A 100 -0.09 11.58 -4.26
CA SER A 100 -0.01 12.69 -5.21
C SER A 100 -0.45 13.99 -4.54
N GLU A 101 -1.48 13.91 -3.73
CA GLU A 101 -2.00 15.09 -3.04
C GLU A 101 -0.91 15.70 -2.15
N LEU A 102 -0.17 14.85 -1.46
CA LEU A 102 0.90 15.31 -0.58
C LEU A 102 2.03 15.92 -1.39
N GLN A 103 2.28 15.35 -2.58
CA GLN A 103 3.34 15.84 -3.44
C GLN A 103 3.03 17.25 -3.93
N GLN A 104 1.77 17.47 -4.31
CA GLN A 104 1.34 18.78 -4.81
C GLN A 104 1.63 19.85 -3.76
N TYR A 105 1.44 19.51 -2.49
CA TYR A 105 1.69 20.45 -1.41
C TYR A 105 3.17 20.83 -1.35
N ARG A 106 4.03 19.84 -1.56
CA ARG A 106 5.47 20.07 -1.54
C ARG A 106 5.88 21.07 -2.61
N GLU A 107 5.29 20.92 -3.80
CA GLU A 107 5.59 21.81 -4.91
C GLU A 107 5.23 23.25 -4.56
N LYS A 108 4.16 23.41 -3.80
CA LYS A 108 3.72 24.75 -3.40
C LYS A 108 4.79 25.44 -2.55
N PHE A 109 5.35 24.69 -1.61
CA PHE A 109 6.39 25.25 -0.73
C PHE A 109 7.62 25.63 -1.54
N LEU A 110 8.03 24.75 -2.44
CA LEU A 110 9.20 25.00 -3.27
C LEU A 110 8.81 25.07 -4.75
N VAL A 111 9.19 26.16 -5.40
CA VAL A 111 8.87 26.34 -6.82
C VAL A 111 9.82 25.51 -7.69
N ALA A 1 4.80 -10.70 4.31
CA ALA A 1 3.71 -11.62 3.89
C ALA A 1 4.30 -12.77 3.08
N LYS A 2 4.74 -12.46 1.88
CA LYS A 2 5.33 -13.46 1.00
C LYS A 2 6.63 -13.98 1.60
N ALA A 3 6.82 -15.30 1.55
CA ALA A 3 8.03 -15.91 2.08
C ALA A 3 7.92 -16.06 3.59
N GLN A 4 9.07 -16.11 4.27
CA GLN A 4 9.10 -16.25 5.73
C GLN A 4 7.80 -16.86 6.24
N ARG A 5 7.51 -18.08 5.83
CA ARG A 5 6.28 -18.74 6.23
C ARG A 5 5.06 -17.94 5.77
N THR A 6 4.47 -18.36 4.65
CA THR A 6 3.30 -17.68 4.12
C THR A 6 2.38 -18.66 3.39
N HIS A 7 1.11 -18.29 3.26
CA HIS A 7 0.15 -19.15 2.58
C HIS A 7 -0.52 -18.39 1.44
N LEU A 8 -1.15 -17.26 1.78
CA LEU A 8 -1.83 -16.43 0.78
C LEU A 8 -1.24 -15.03 0.74
N SER A 9 -0.86 -14.58 -0.44
CA SER A 9 -0.27 -13.25 -0.59
C SER A 9 -1.35 -12.24 -0.99
N LEU A 10 -1.96 -12.45 -2.16
CA LEU A 10 -3.00 -11.56 -2.64
C LEU A 10 -3.89 -11.10 -1.51
N GLU A 11 -4.22 -12.02 -0.63
CA GLU A 11 -5.07 -11.69 0.51
C GLU A 11 -4.35 -10.72 1.45
N GLU A 12 -3.09 -11.00 1.73
CA GLU A 12 -2.32 -10.15 2.62
C GLU A 12 -2.12 -8.77 2.03
N LYS A 13 -1.86 -8.72 0.73
CA LYS A 13 -1.66 -7.44 0.06
C LYS A 13 -2.88 -6.54 0.25
N ILE A 14 -4.06 -7.09 0.03
CA ILE A 14 -5.30 -6.33 0.18
C ILE A 14 -5.47 -5.89 1.63
N LYS A 15 -5.23 -6.81 2.56
CA LYS A 15 -5.35 -6.51 3.98
C LYS A 15 -4.41 -5.38 4.37
N LEU A 16 -3.20 -5.41 3.83
CA LEU A 16 -2.22 -4.39 4.14
C LEU A 16 -2.65 -3.03 3.58
N MET A 17 -3.05 -3.03 2.32
CA MET A 17 -3.48 -1.79 1.66
C MET A 17 -4.78 -1.30 2.28
N ARG A 18 -5.60 -2.23 2.76
CA ARG A 18 -6.86 -1.88 3.37
C ARG A 18 -6.63 -1.07 4.64
N LEU A 19 -5.43 -1.14 5.18
CA LEU A 19 -5.09 -0.41 6.39
C LEU A 19 -4.45 0.93 6.05
N VAL A 20 -3.63 0.94 5.01
CA VAL A 20 -2.95 2.16 4.60
C VAL A 20 -3.97 3.21 4.17
N VAL A 21 -4.93 2.79 3.36
CA VAL A 21 -5.96 3.70 2.87
C VAL A 21 -6.81 4.21 4.03
N ARG A 22 -7.15 3.31 4.94
CA ARG A 22 -7.97 3.66 6.09
C ARG A 22 -7.22 4.63 7.00
N HIS A 23 -5.91 4.74 6.79
CA HIS A 23 -5.08 5.64 7.60
C HIS A 23 -4.24 6.55 6.71
N LYS A 24 -4.76 6.85 5.54
CA LYS A 24 -4.06 7.72 4.59
C LYS A 24 -4.04 9.16 5.09
N HIS A 25 -5.07 9.53 5.84
CA HIS A 25 -5.17 10.88 6.39
C HIS A 25 -4.15 11.08 7.50
N GLU A 26 -3.96 10.05 8.32
CA GLU A 26 -3.02 10.13 9.44
C GLU A 26 -1.64 10.52 8.94
N LEU A 27 -1.18 11.72 9.33
CA LEU A 27 0.13 12.19 8.92
C LEU A 27 0.71 13.12 9.99
N VAL A 28 1.95 12.86 10.37
CA VAL A 28 2.61 13.68 11.39
C VAL A 28 3.92 14.25 10.85
N ASP A 29 4.13 15.54 11.06
CA ASP A 29 5.35 16.19 10.60
C ASP A 29 6.58 15.64 11.31
N ARG A 30 6.42 15.36 12.61
CA ARG A 30 7.52 14.82 13.41
C ARG A 30 8.43 13.94 12.55
N LYS A 31 7.99 12.72 12.31
CA LYS A 31 8.77 11.78 11.50
C LYS A 31 7.88 11.08 10.48
N THR A 32 8.37 10.98 9.24
CA THR A 32 7.61 10.33 8.19
C THR A 32 7.40 8.86 8.51
N SER A 33 8.38 8.26 9.17
CA SER A 33 8.29 6.86 9.55
C SER A 33 7.12 6.62 10.49
N GLU A 34 6.83 7.62 11.32
CA GLU A 34 5.72 7.51 12.28
C GLU A 34 4.50 6.89 11.62
N PHE A 35 4.38 7.05 10.30
CA PHE A 35 3.26 6.50 9.57
C PHE A 35 3.45 5.01 9.32
N TYR A 36 4.44 4.68 8.50
CA TYR A 36 4.72 3.29 8.17
C TYR A 36 4.98 2.48 9.45
N ALA A 37 5.52 3.16 10.46
CA ALA A 37 5.81 2.51 11.73
C ALA A 37 4.53 2.11 12.44
N LYS A 38 3.43 2.76 12.07
CA LYS A 38 2.13 2.46 12.68
C LYS A 38 1.40 1.40 11.88
N ILE A 39 1.55 1.43 10.56
CA ILE A 39 0.88 0.47 9.70
C ILE A 39 1.35 -0.94 10.01
N ALA A 40 2.67 -1.11 10.12
CA ALA A 40 3.22 -2.42 10.41
C ALA A 40 2.86 -2.85 11.82
N ARG A 41 2.43 -1.90 12.62
CA ARG A 41 2.05 -2.19 14.00
C ARG A 41 0.63 -2.74 14.06
N ILE A 42 -0.28 -2.09 13.36
CA ILE A 42 -1.67 -2.51 13.32
C ILE A 42 -1.87 -3.63 12.31
N GLY A 43 -0.94 -3.76 11.38
CA GLY A 43 -1.02 -4.80 10.36
C GLY A 43 -0.60 -6.16 10.94
N TYR A 44 0.04 -6.13 12.08
CA TYR A 44 0.49 -7.38 12.72
C TYR A 44 -0.26 -7.60 14.04
N GLU A 45 -1.03 -6.60 14.45
CA GLU A 45 -1.79 -6.69 15.69
C GLU A 45 -3.28 -6.82 15.40
N ASP A 46 -3.63 -6.90 14.12
CA ASP A 46 -5.03 -7.04 13.73
C ASP A 46 -5.16 -7.96 12.51
N GLU A 47 -4.30 -7.75 11.52
CA GLU A 47 -4.34 -8.57 10.32
C GLU A 47 -3.52 -9.84 10.51
N GLY A 48 -2.61 -9.81 11.47
CA GLY A 48 -1.77 -10.97 11.75
C GLY A 48 -1.02 -11.42 10.51
N LEU A 49 -0.38 -10.48 9.83
CA LEU A 49 0.37 -10.80 8.63
C LEU A 49 1.57 -11.67 8.96
N ALA A 50 2.33 -11.27 10.00
CA ALA A 50 3.52 -12.02 10.41
C ALA A 50 4.51 -11.09 11.11
N ILE A 51 5.57 -10.72 10.39
CA ILE A 51 6.59 -9.84 10.96
C ILE A 51 7.01 -8.79 9.94
N HIS A 52 7.00 -7.52 10.37
CA HIS A 52 7.38 -6.42 9.48
C HIS A 52 8.20 -5.39 10.25
N THR A 53 8.97 -4.60 9.51
CA THR A 53 9.80 -3.57 10.12
C THR A 53 9.64 -2.24 9.39
N GLU A 54 9.82 -1.14 10.12
CA GLU A 54 9.68 0.19 9.53
C GLU A 54 10.16 0.18 8.08
N SER A 55 11.42 -0.16 7.87
CA SER A 55 11.98 -0.20 6.53
C SER A 55 11.14 -1.10 5.63
N ALA A 56 10.87 -2.32 6.09
CA ALA A 56 10.08 -3.26 5.32
C ALA A 56 8.70 -2.67 5.00
N CYS A 57 8.24 -1.77 5.87
CA CYS A 57 6.95 -1.14 5.68
C CYS A 57 7.00 -0.15 4.54
N ARG A 58 8.21 0.15 4.08
CA ARG A 58 8.40 1.10 2.98
C ARG A 58 8.72 0.36 1.70
N ASN A 59 9.27 -0.85 1.82
CA ASN A 59 9.63 -1.65 0.65
C ASN A 59 8.42 -2.45 0.15
N GLN A 60 7.71 -3.08 1.08
CA GLN A 60 6.55 -3.89 0.72
C GLN A 60 5.51 -3.04 0.00
N ILE A 61 5.02 -2.01 0.68
CA ILE A 61 4.03 -1.13 0.09
C ILE A 61 4.53 -0.56 -1.22
N ILE A 62 5.82 -0.21 -1.26
CA ILE A 62 6.41 0.35 -2.47
C ILE A 62 6.35 -0.67 -3.60
N SER A 63 6.70 -1.91 -3.30
CA SER A 63 6.71 -2.94 -4.32
C SER A 63 5.33 -3.09 -4.94
N ILE A 64 4.32 -3.09 -4.09
CA ILE A 64 2.95 -3.22 -4.57
C ILE A 64 2.65 -2.11 -5.57
N MET A 65 3.31 -0.98 -5.44
CA MET A 65 3.06 0.13 -6.37
C MET A 65 3.61 -0.19 -7.75
N ARG A 66 4.86 -0.61 -7.81
CA ARG A 66 5.49 -0.95 -9.08
C ARG A 66 4.60 -1.87 -9.89
N VAL A 67 4.01 -2.84 -9.22
CA VAL A 67 3.13 -3.80 -9.89
C VAL A 67 1.84 -3.11 -10.36
N TYR A 68 1.34 -2.20 -9.54
CA TYR A 68 0.11 -1.50 -9.84
C TYR A 68 0.30 -0.65 -11.07
N GLU A 69 1.45 0.01 -11.14
CA GLU A 69 1.76 0.86 -12.28
C GLU A 69 2.05 0.02 -13.52
N GLN A 70 2.73 -1.11 -13.32
CA GLN A 70 3.07 -1.99 -14.42
C GLN A 70 1.81 -2.57 -15.07
N ARG A 71 0.98 -3.19 -14.25
CA ARG A 71 -0.26 -3.78 -14.74
C ARG A 71 -1.25 -2.70 -15.17
N LEU A 72 -0.94 -1.46 -14.81
CA LEU A 72 -1.79 -0.33 -15.17
C LEU A 72 -1.56 0.09 -16.62
N ALA A 73 -0.32 0.00 -17.06
CA ALA A 73 0.02 0.39 -18.42
C ALA A 73 -0.26 -0.74 -19.39
N HIS A 74 -0.20 -1.98 -18.90
CA HIS A 74 -0.44 -3.14 -19.73
C HIS A 74 -1.87 -3.12 -20.26
N ARG A 75 -2.01 -3.27 -21.58
CA ARG A 75 -3.32 -3.26 -22.20
C ARG A 75 -3.75 -4.68 -22.58
N GLN A 76 -2.89 -5.65 -22.24
CA GLN A 76 -3.17 -7.05 -22.56
C GLN A 76 -4.68 -7.32 -22.56
N PRO A 77 -5.30 -7.26 -23.71
CA PRO A 77 -6.77 -7.49 -23.84
C PRO A 77 -7.14 -8.97 -23.82
N GLY A 78 -8.39 -9.26 -23.48
CA GLY A 78 -8.85 -10.64 -23.42
C GLY A 78 -8.57 -11.26 -22.05
N MET A 79 -8.14 -10.42 -21.12
CA MET A 79 -7.84 -10.89 -19.77
C MET A 79 -9.12 -10.95 -18.93
N LYS A 80 -9.23 -12.00 -18.11
CA LYS A 80 -10.40 -12.17 -17.26
C LYS A 80 -10.28 -11.28 -16.02
N THR A 81 -11.38 -10.62 -15.67
CA THR A 81 -11.40 -9.74 -14.51
C THR A 81 -11.63 -10.55 -13.23
N THR A 82 -11.38 -9.92 -12.09
CA THR A 82 -11.57 -10.60 -10.80
C THR A 82 -11.91 -9.60 -9.71
N PRO A 83 -12.61 -10.02 -8.69
CA PRO A 83 -13.01 -9.11 -7.57
C PRO A 83 -11.82 -8.76 -6.68
N GLU A 84 -10.93 -9.72 -6.47
CA GLU A 84 -9.76 -9.49 -5.64
C GLU A 84 -8.80 -8.51 -6.31
N GLU A 85 -8.50 -8.76 -7.58
CA GLU A 85 -7.60 -7.90 -8.33
C GLU A 85 -8.21 -6.50 -8.47
N ASP A 86 -9.53 -6.45 -8.59
CA ASP A 86 -10.21 -5.16 -8.73
C ASP A 86 -10.07 -4.34 -7.46
N GLU A 87 -10.30 -4.96 -6.32
CA GLU A 87 -10.20 -4.26 -5.03
C GLU A 87 -8.80 -3.69 -4.85
N LEU A 88 -7.80 -4.54 -5.04
CA LEU A 88 -6.42 -4.10 -4.87
C LEU A 88 -6.13 -2.89 -5.74
N ASP A 89 -6.63 -2.93 -6.98
CA ASP A 89 -6.41 -1.82 -7.91
C ASP A 89 -7.03 -0.53 -7.34
N GLN A 90 -8.24 -0.65 -6.80
CA GLN A 90 -8.91 0.51 -6.23
C GLN A 90 -8.13 1.07 -5.05
N LEU A 91 -7.68 0.18 -4.18
CA LEU A 91 -6.93 0.59 -3.00
C LEU A 91 -5.65 1.33 -3.42
N CYS A 92 -4.99 0.80 -4.45
CA CYS A 92 -3.76 1.42 -4.94
C CYS A 92 -4.05 2.82 -5.49
N ASP A 93 -5.17 2.94 -6.20
CA ASP A 93 -5.55 4.23 -6.78
C ASP A 93 -5.76 5.27 -5.67
N GLU A 94 -6.47 4.87 -4.62
CA GLU A 94 -6.74 5.78 -3.51
C GLU A 94 -5.45 6.19 -2.83
N TRP A 95 -4.58 5.21 -2.59
CA TRP A 95 -3.29 5.49 -1.94
C TRP A 95 -2.43 6.37 -2.83
N LYS A 96 -2.46 6.09 -4.13
CA LYS A 96 -1.67 6.85 -5.08
C LYS A 96 -2.11 8.32 -5.08
N ALA A 97 -3.41 8.55 -4.95
CA ALA A 97 -3.95 9.90 -4.94
C ALA A 97 -3.44 10.67 -3.72
N ARG A 98 -3.45 10.01 -2.57
CA ARG A 98 -2.97 10.65 -1.36
C ARG A 98 -1.52 11.08 -1.53
N LEU A 99 -0.71 10.18 -2.08
CA LEU A 99 0.70 10.47 -2.25
C LEU A 99 0.89 11.68 -3.15
N SER A 100 0.08 11.77 -4.19
CA SER A 100 0.14 12.88 -5.11
C SER A 100 -0.29 14.18 -4.43
N GLU A 101 -1.33 14.10 -3.61
CA GLU A 101 -1.83 15.27 -2.90
C GLU A 101 -0.75 15.87 -2.01
N LEU A 102 -0.01 15.00 -1.33
CA LEU A 102 1.06 15.45 -0.46
C LEU A 102 2.19 16.08 -1.27
N GLN A 103 2.44 15.52 -2.45
CA GLN A 103 3.50 16.03 -3.31
C GLN A 103 3.17 17.44 -3.79
N GLN A 104 1.92 17.66 -4.17
CA GLN A 104 1.50 18.98 -4.64
C GLN A 104 1.78 20.04 -3.59
N TYR A 105 1.60 19.68 -2.33
CA TYR A 105 1.84 20.61 -1.24
C TYR A 105 3.32 20.99 -1.18
N ARG A 106 4.18 20.02 -1.43
CA ARG A 106 5.63 20.25 -1.40
C ARG A 106 6.01 21.32 -2.42
N GLU A 107 5.42 21.23 -3.61
CA GLU A 107 5.71 22.20 -4.67
C GLU A 107 5.26 23.60 -4.26
N LYS A 108 4.15 23.67 -3.54
CA LYS A 108 3.63 24.96 -3.09
C LYS A 108 4.62 25.64 -2.15
N PHE A 109 5.19 24.87 -1.24
CA PHE A 109 6.16 25.41 -0.29
C PHE A 109 7.40 25.91 -1.02
N LEU A 110 7.86 25.13 -1.99
CA LEU A 110 9.04 25.51 -2.76
C LEU A 110 8.71 26.61 -3.76
N VAL A 111 9.63 27.55 -3.93
CA VAL A 111 9.42 28.65 -4.86
C VAL A 111 9.91 28.27 -6.25
N ALA A 1 0.77 -10.72 0.43
CA ALA A 1 2.15 -10.29 0.80
C ALA A 1 3.09 -11.48 0.67
N LYS A 2 3.97 -11.44 -0.33
CA LYS A 2 4.91 -12.51 -0.56
C LYS A 2 5.59 -12.91 0.74
N ALA A 3 6.78 -12.34 0.98
CA ALA A 3 7.53 -12.64 2.19
C ALA A 3 8.49 -13.79 1.97
N GLN A 4 9.11 -14.25 3.06
CA GLN A 4 10.05 -15.36 2.98
C GLN A 4 9.35 -16.69 3.23
N ARG A 5 8.09 -16.62 3.64
CA ARG A 5 7.32 -17.82 3.92
C ARG A 5 5.88 -17.46 4.29
N THR A 6 4.96 -17.72 3.38
CA THR A 6 3.55 -17.42 3.61
C THR A 6 2.65 -18.37 2.83
N HIS A 7 1.41 -18.52 3.28
CA HIS A 7 0.46 -19.39 2.60
C HIS A 7 -0.47 -18.57 1.71
N LEU A 8 -0.82 -17.37 2.17
CA LEU A 8 -1.70 -16.50 1.40
C LEU A 8 -1.04 -15.15 1.16
N SER A 9 -1.09 -14.68 -0.08
CA SER A 9 -0.48 -13.41 -0.43
C SER A 9 -1.57 -12.42 -0.83
N LEU A 10 -2.15 -12.63 -2.00
CA LEU A 10 -3.16 -11.70 -2.52
C LEU A 10 -4.06 -11.24 -1.40
N GLU A 11 -4.41 -12.16 -0.50
CA GLU A 11 -5.26 -11.82 0.63
C GLU A 11 -4.56 -10.85 1.58
N GLU A 12 -3.29 -11.13 1.86
CA GLU A 12 -2.52 -10.27 2.75
C GLU A 12 -2.34 -8.88 2.13
N LYS A 13 -2.06 -8.85 0.84
CA LYS A 13 -1.86 -7.58 0.15
C LYS A 13 -3.07 -6.68 0.33
N ILE A 14 -4.26 -7.24 0.11
CA ILE A 14 -5.49 -6.47 0.25
C ILE A 14 -5.67 -6.02 1.70
N LYS A 15 -5.42 -6.92 2.63
CA LYS A 15 -5.56 -6.61 4.05
C LYS A 15 -4.62 -5.48 4.44
N LEU A 16 -3.41 -5.51 3.90
CA LEU A 16 -2.42 -4.48 4.20
C LEU A 16 -2.85 -3.14 3.62
N MET A 17 -3.25 -3.14 2.35
CA MET A 17 -3.68 -1.92 1.68
C MET A 17 -4.98 -1.42 2.30
N ARG A 18 -5.79 -2.35 2.78
CA ARG A 18 -7.07 -1.98 3.39
C ARG A 18 -6.84 -1.17 4.66
N LEU A 19 -5.64 -1.23 5.20
CA LEU A 19 -5.30 -0.49 6.40
C LEU A 19 -4.66 0.85 6.05
N VAL A 20 -3.83 0.85 5.02
CA VAL A 20 -3.14 2.06 4.59
C VAL A 20 -4.16 3.11 4.15
N VAL A 21 -5.12 2.69 3.34
CA VAL A 21 -6.15 3.60 2.84
C VAL A 21 -7.00 4.12 3.99
N ARG A 22 -7.34 3.22 4.91
CA ARG A 22 -8.17 3.59 6.05
C ARG A 22 -7.42 4.57 6.96
N HIS A 23 -6.11 4.67 6.75
CA HIS A 23 -5.29 5.57 7.55
C HIS A 23 -4.44 6.47 6.66
N LYS A 24 -4.95 6.76 5.47
CA LYS A 24 -4.24 7.62 4.53
C LYS A 24 -4.23 9.07 5.02
N HIS A 25 -5.26 9.44 5.76
CA HIS A 25 -5.36 10.79 6.29
C HIS A 25 -4.36 10.99 7.43
N GLU A 26 -4.17 9.96 8.23
CA GLU A 26 -3.26 10.03 9.36
C GLU A 26 -1.90 10.57 8.92
N LEU A 27 -1.54 11.75 9.43
CA LEU A 27 -0.27 12.36 9.08
C LEU A 27 0.34 13.05 10.29
N VAL A 28 1.60 12.71 10.59
CA VAL A 28 2.28 13.31 11.74
C VAL A 28 3.63 13.89 11.31
N ASP A 29 3.91 15.11 11.75
CA ASP A 29 5.16 15.77 11.39
C ASP A 29 6.27 15.39 12.38
N ARG A 30 5.88 14.73 13.47
CA ARG A 30 6.84 14.32 14.48
C ARG A 30 7.87 13.36 13.88
N LYS A 31 7.39 12.41 13.10
CA LYS A 31 8.27 11.43 12.47
C LYS A 31 7.68 10.96 11.13
N THR A 32 8.53 10.94 10.11
CA THR A 32 8.07 10.51 8.79
C THR A 32 7.62 9.05 8.82
N SER A 33 8.42 8.19 9.45
CA SER A 33 8.10 6.78 9.55
C SER A 33 6.92 6.56 10.49
N GLU A 34 6.61 7.59 11.29
CA GLU A 34 5.51 7.48 12.23
C GLU A 34 4.28 6.85 11.59
N PHE A 35 4.18 7.00 10.28
CA PHE A 35 3.05 6.45 9.54
C PHE A 35 3.25 4.95 9.31
N TYR A 36 4.23 4.61 8.48
CA TYR A 36 4.52 3.22 8.17
C TYR A 36 4.78 2.43 9.46
N ALA A 37 5.31 3.11 10.47
CA ALA A 37 5.59 2.48 11.75
C ALA A 37 4.30 2.08 12.47
N LYS A 38 3.20 2.74 12.08
CA LYS A 38 1.91 2.45 12.69
C LYS A 38 1.17 1.39 11.90
N ILE A 39 1.33 1.41 10.58
CA ILE A 39 0.67 0.43 9.72
C ILE A 39 1.14 -0.99 10.04
N ALA A 40 2.45 -1.15 10.15
CA ALA A 40 3.01 -2.46 10.46
C ALA A 40 2.64 -2.89 11.87
N ARG A 41 2.20 -1.92 12.68
CA ARG A 41 1.82 -2.21 14.05
C ARG A 41 0.40 -2.75 14.12
N ILE A 42 -0.51 -2.10 13.39
CA ILE A 42 -1.91 -2.53 13.37
C ILE A 42 -2.10 -3.66 12.38
N GLY A 43 -1.16 -3.80 11.44
CA GLY A 43 -1.25 -4.84 10.43
C GLY A 43 -0.85 -6.19 11.02
N TYR A 44 -0.18 -6.17 12.17
CA TYR A 44 0.25 -7.40 12.82
C TYR A 44 -0.49 -7.60 14.13
N GLU A 45 -1.27 -6.60 14.52
CA GLU A 45 -2.03 -6.68 15.77
C GLU A 45 -3.52 -6.80 15.48
N ASP A 46 -3.86 -6.91 14.20
CA ASP A 46 -5.26 -7.05 13.80
C ASP A 46 -5.39 -7.97 12.61
N GLU A 47 -4.54 -7.77 11.61
CA GLU A 47 -4.57 -8.60 10.41
C GLU A 47 -3.75 -9.87 10.62
N GLY A 48 -2.84 -9.83 11.58
CA GLY A 48 -2.00 -10.99 11.87
C GLY A 48 -1.36 -11.54 10.60
N LEU A 49 -0.41 -10.81 10.05
CA LEU A 49 0.28 -11.25 8.85
C LEU A 49 1.51 -12.08 9.22
N ALA A 50 2.54 -11.39 9.73
CA ALA A 50 3.78 -12.07 10.11
C ALA A 50 4.74 -11.09 10.77
N ILE A 51 5.96 -11.04 10.26
CA ILE A 51 6.98 -10.13 10.81
C ILE A 51 7.25 -8.99 9.84
N HIS A 52 7.14 -7.76 10.34
CA HIS A 52 7.38 -6.59 9.51
C HIS A 52 8.14 -5.53 10.30
N THR A 53 8.87 -4.68 9.58
CA THR A 53 9.64 -3.61 10.23
C THR A 53 9.44 -2.30 9.48
N GLU A 54 9.62 -1.19 10.19
CA GLU A 54 9.47 0.13 9.59
C GLU A 54 9.94 0.12 8.14
N SER A 55 11.22 -0.23 7.94
CA SER A 55 11.78 -0.29 6.60
C SER A 55 10.93 -1.20 5.70
N ALA A 56 10.67 -2.41 6.18
CA ALA A 56 9.87 -3.36 5.41
C ALA A 56 8.50 -2.77 5.08
N CYS A 57 8.04 -1.87 5.94
CA CYS A 57 6.74 -1.23 5.74
C CYS A 57 6.80 -0.25 4.59
N ARG A 58 8.01 0.03 4.11
CA ARG A 58 8.20 0.96 3.00
C ARG A 58 8.53 0.21 1.73
N ASN A 59 9.08 -0.99 1.87
CA ASN A 59 9.44 -1.81 0.71
C ASN A 59 8.23 -2.61 0.22
N GLN A 60 7.53 -3.23 1.16
CA GLN A 60 6.36 -4.03 0.81
C GLN A 60 5.33 -3.20 0.07
N ILE A 61 4.84 -2.15 0.73
CA ILE A 61 3.84 -1.28 0.13
C ILE A 61 4.35 -0.72 -1.18
N ILE A 62 5.63 -0.37 -1.21
CA ILE A 62 6.23 0.17 -2.43
C ILE A 62 6.18 -0.86 -3.55
N SER A 63 6.54 -2.09 -3.23
CA SER A 63 6.55 -3.15 -4.24
C SER A 63 5.17 -3.29 -4.87
N ILE A 64 4.14 -3.29 -4.03
CA ILE A 64 2.77 -3.42 -4.51
C ILE A 64 2.46 -2.34 -5.54
N MET A 65 3.12 -1.19 -5.40
CA MET A 65 2.89 -0.08 -6.33
C MET A 65 3.44 -0.42 -7.72
N ARG A 66 4.70 -0.84 -7.76
CA ARG A 66 5.34 -1.18 -9.03
C ARG A 66 4.45 -2.13 -9.83
N VAL A 67 3.85 -3.09 -9.15
CA VAL A 67 2.97 -4.05 -9.80
C VAL A 67 1.68 -3.37 -10.28
N TYR A 68 1.17 -2.46 -9.46
CA TYR A 68 -0.05 -1.76 -9.78
C TYR A 68 0.15 -0.91 -11.02
N GLU A 69 1.30 -0.25 -11.11
CA GLU A 69 1.61 0.59 -12.26
C GLU A 69 1.92 -0.26 -13.49
N GLN A 70 2.58 -1.39 -13.27
CA GLN A 70 2.93 -2.28 -14.37
C GLN A 70 1.68 -2.87 -15.00
N ARG A 71 0.83 -3.48 -14.19
CA ARG A 71 -0.40 -4.08 -14.69
C ARG A 71 -1.39 -3.00 -15.11
N LEU A 72 -1.08 -1.75 -14.78
CA LEU A 72 -1.94 -0.63 -15.14
C LEU A 72 -1.71 -0.21 -16.59
N ALA A 73 -0.45 -0.32 -17.03
CA ALA A 73 -0.10 0.06 -18.40
C ALA A 73 -0.39 -1.08 -19.36
N HIS A 74 -0.32 -2.31 -18.85
CA HIS A 74 -0.56 -3.48 -19.68
C HIS A 74 -2.04 -3.60 -20.03
N ARG A 75 -2.32 -3.98 -21.27
CA ARG A 75 -3.70 -4.14 -21.72
C ARG A 75 -3.87 -5.45 -22.48
N GLN A 76 -4.98 -6.14 -22.23
CA GLN A 76 -5.24 -7.41 -22.90
C GLN A 76 -6.74 -7.69 -22.94
N PRO A 77 -7.34 -7.62 -24.10
CA PRO A 77 -8.80 -7.87 -24.28
C PRO A 77 -9.13 -9.37 -24.23
N GLY A 78 -10.35 -9.69 -23.84
CA GLY A 78 -10.78 -11.08 -23.77
C GLY A 78 -10.35 -11.71 -22.45
N MET A 79 -9.86 -10.89 -21.53
CA MET A 79 -9.41 -11.38 -20.23
C MET A 79 -10.49 -11.17 -19.18
N LYS A 80 -10.79 -12.22 -18.42
CA LYS A 80 -11.82 -12.13 -17.38
C LYS A 80 -11.25 -11.49 -16.12
N THR A 81 -11.97 -10.52 -15.57
CA THR A 81 -11.53 -9.83 -14.37
C THR A 81 -11.97 -10.60 -13.13
N THR A 82 -11.43 -10.21 -11.97
CA THR A 82 -11.77 -10.86 -10.72
C THR A 82 -12.10 -9.83 -9.64
N PRO A 83 -12.79 -10.23 -8.61
CA PRO A 83 -13.18 -9.32 -7.49
C PRO A 83 -11.99 -8.95 -6.60
N GLU A 84 -11.11 -9.91 -6.38
CA GLU A 84 -9.93 -9.68 -5.55
C GLU A 84 -8.98 -8.71 -6.23
N GLU A 85 -8.67 -8.97 -7.49
CA GLU A 85 -7.77 -8.12 -8.24
C GLU A 85 -8.36 -6.72 -8.40
N ASP A 86 -9.69 -6.66 -8.52
CA ASP A 86 -10.38 -5.39 -8.68
C ASP A 86 -10.23 -4.54 -7.42
N GLU A 87 -10.48 -5.16 -6.27
CA GLU A 87 -10.38 -4.45 -5.00
C GLU A 87 -8.98 -3.88 -4.81
N LEU A 88 -7.97 -4.72 -4.98
CA LEU A 88 -6.59 -4.30 -4.82
C LEU A 88 -6.31 -3.09 -5.71
N ASP A 89 -6.78 -3.14 -6.95
CA ASP A 89 -6.58 -2.03 -7.88
C ASP A 89 -7.19 -0.75 -7.33
N GLN A 90 -8.40 -0.85 -6.80
CA GLN A 90 -9.08 0.31 -6.24
C GLN A 90 -8.29 0.88 -5.06
N LEU A 91 -7.86 0.00 -4.17
CA LEU A 91 -7.11 0.42 -3.00
C LEU A 91 -5.84 1.15 -3.43
N CYS A 92 -5.16 0.62 -4.44
CA CYS A 92 -3.94 1.23 -4.94
C CYS A 92 -4.22 2.62 -5.51
N ASP A 93 -5.32 2.75 -6.22
CA ASP A 93 -5.71 4.03 -6.81
C ASP A 93 -5.91 5.07 -5.72
N GLU A 94 -6.64 4.69 -4.67
CA GLU A 94 -6.91 5.60 -3.56
C GLU A 94 -5.61 6.02 -2.89
N TRP A 95 -4.75 5.05 -2.62
CA TRP A 95 -3.48 5.33 -1.98
C TRP A 95 -2.60 6.20 -2.88
N LYS A 96 -2.63 5.90 -4.18
CA LYS A 96 -1.83 6.66 -5.13
C LYS A 96 -2.26 8.12 -5.15
N ALA A 97 -3.56 8.35 -5.02
CA ALA A 97 -4.10 9.71 -5.02
C ALA A 97 -3.59 10.49 -3.81
N ARG A 98 -3.61 9.84 -2.65
CA ARG A 98 -3.16 10.48 -1.43
C ARG A 98 -1.69 10.89 -1.56
N LEU A 99 -0.88 10.00 -2.13
CA LEU A 99 0.53 10.29 -2.31
C LEU A 99 0.72 11.50 -3.23
N SER A 100 -0.09 11.58 -4.26
CA SER A 100 -0.02 12.69 -5.20
C SER A 100 -0.45 13.99 -4.54
N GLU A 101 -1.48 13.91 -3.73
CA GLU A 101 -2.00 15.09 -3.04
C GLU A 101 -0.91 15.70 -2.15
N LEU A 102 -0.17 14.84 -1.45
CA LEU A 102 0.90 15.31 -0.58
C LEU A 102 2.03 15.92 -1.39
N GLN A 103 2.28 15.35 -2.58
CA GLN A 103 3.34 15.84 -3.44
C GLN A 103 3.03 17.25 -3.93
N GLN A 104 1.77 17.47 -4.31
CA GLN A 104 1.35 18.78 -4.80
C GLN A 104 1.63 19.85 -3.76
N TYR A 105 1.44 19.51 -2.49
CA TYR A 105 1.68 20.45 -1.41
C TYR A 105 3.16 20.47 -1.04
N ARG A 106 3.81 19.32 -1.18
CA ARG A 106 5.23 19.22 -0.85
C ARG A 106 6.07 20.07 -1.79
N GLU A 107 5.49 20.43 -2.93
CA GLU A 107 6.20 21.25 -3.91
C GLU A 107 7.03 22.32 -3.21
N LYS A 108 6.59 22.73 -2.03
CA LYS A 108 7.31 23.75 -1.27
C LYS A 108 8.71 23.27 -0.89
N PHE A 109 8.79 22.02 -0.42
CA PHE A 109 10.08 21.45 -0.04
C PHE A 109 10.97 21.26 -1.27
N LEU A 110 10.35 20.83 -2.37
CA LEU A 110 11.10 20.60 -3.60
C LEU A 110 11.52 21.92 -4.22
N VAL A 111 12.74 21.96 -4.77
CA VAL A 111 13.26 23.17 -5.39
C VAL A 111 12.34 23.62 -6.52
N ALA A 1 3.33 -12.90 6.03
CA ALA A 1 3.85 -12.17 4.83
C ALA A 1 4.56 -13.16 3.91
N LYS A 2 4.72 -12.75 2.65
CA LYS A 2 5.39 -13.61 1.68
C LYS A 2 6.78 -14.01 2.17
N ALA A 3 7.21 -15.20 1.77
CA ALA A 3 8.51 -15.71 2.19
C ALA A 3 8.60 -15.75 3.72
N GLN A 4 9.61 -16.46 4.23
CA GLN A 4 9.78 -16.58 5.67
C GLN A 4 8.54 -17.21 6.31
N ARG A 5 8.27 -18.46 5.94
CA ARG A 5 7.10 -19.17 6.47
C ARG A 5 5.82 -18.40 6.12
N THR A 6 5.34 -18.59 4.89
CA THR A 6 4.13 -17.92 4.44
C THR A 6 3.19 -18.90 3.75
N HIS A 7 1.93 -18.50 3.60
CA HIS A 7 0.95 -19.36 2.96
C HIS A 7 -0.08 -18.51 2.21
N LEU A 8 -0.07 -17.21 2.47
CA LEU A 8 -1.01 -16.31 1.81
C LEU A 8 -0.27 -15.10 1.23
N SER A 9 -0.82 -14.56 0.14
CA SER A 9 -0.20 -13.40 -0.49
C SER A 9 -1.26 -12.39 -0.91
N LEU A 10 -1.83 -12.59 -2.09
CA LEU A 10 -2.86 -11.68 -2.59
C LEU A 10 -3.78 -11.23 -1.46
N GLU A 11 -4.13 -12.16 -0.58
CA GLU A 11 -5.00 -11.84 0.54
C GLU A 11 -4.30 -10.88 1.50
N GLU A 12 -3.04 -11.15 1.79
CA GLU A 12 -2.27 -10.31 2.70
C GLU A 12 -2.09 -8.91 2.10
N LYS A 13 -1.80 -8.86 0.81
CA LYS A 13 -1.60 -7.58 0.13
C LYS A 13 -2.82 -6.69 0.31
N ILE A 14 -4.01 -7.25 0.08
CA ILE A 14 -5.25 -6.49 0.21
C ILE A 14 -5.44 -6.05 1.68
N LYS A 15 -5.19 -6.97 2.60
CA LYS A 15 -5.35 -6.67 4.02
C LYS A 15 -4.41 -5.55 4.43
N LEU A 16 -3.20 -5.56 3.89
CA LEU A 16 -2.21 -4.53 4.22
C LEU A 16 -2.64 -3.18 3.65
N MET A 17 -3.02 -3.18 2.37
CA MET A 17 -3.46 -1.95 1.72
C MET A 17 -4.78 -1.46 2.32
N ARG A 18 -5.59 -2.39 2.80
CA ARG A 18 -6.87 -2.05 3.39
C ARG A 18 -6.66 -1.24 4.67
N LEU A 19 -5.45 -1.30 5.21
CA LEU A 19 -5.14 -0.57 6.44
C LEU A 19 -4.49 0.77 6.11
N VAL A 20 -3.65 0.78 5.08
CA VAL A 20 -2.97 2.01 4.67
C VAL A 20 -3.99 3.05 4.22
N VAL A 21 -4.94 2.64 3.40
CA VAL A 21 -5.96 3.55 2.90
C VAL A 21 -6.84 4.04 4.05
N ARG A 22 -7.18 3.14 4.96
CA ARG A 22 -8.01 3.50 6.11
C ARG A 22 -7.28 4.46 7.02
N HIS A 23 -5.97 4.59 6.83
CA HIS A 23 -5.16 5.47 7.65
C HIS A 23 -4.31 6.39 6.78
N LYS A 24 -4.82 6.69 5.58
CA LYS A 24 -4.09 7.56 4.66
C LYS A 24 -4.09 9.00 5.16
N HIS A 25 -5.13 9.36 5.90
CA HIS A 25 -5.25 10.72 6.43
C HIS A 25 -4.12 11.00 7.43
N GLU A 26 -3.80 10.00 8.25
CA GLU A 26 -2.75 10.14 9.24
C GLU A 26 -1.54 10.84 8.64
N LEU A 27 -1.39 12.13 8.95
CA LEU A 27 -0.26 12.91 8.42
C LEU A 27 0.66 13.32 9.57
N VAL A 28 1.96 13.03 9.41
CA VAL A 28 2.93 13.38 10.42
C VAL A 28 4.04 14.24 9.83
N ASP A 29 4.37 15.33 10.53
CA ASP A 29 5.42 16.23 10.06
C ASP A 29 6.72 15.98 10.81
N ARG A 30 6.60 15.56 12.07
CA ARG A 30 7.77 15.28 12.88
C ARG A 30 8.58 14.13 12.29
N LYS A 31 7.92 13.01 12.04
CA LYS A 31 8.58 11.85 11.48
C LYS A 31 7.65 11.10 10.52
N THR A 32 8.10 10.91 9.28
CA THR A 32 7.31 10.21 8.29
C THR A 32 7.17 8.74 8.65
N SER A 33 8.18 8.20 9.31
CA SER A 33 8.17 6.79 9.72
C SER A 33 6.98 6.52 10.66
N GLU A 34 6.69 7.50 11.50
CA GLU A 34 5.60 7.38 12.45
C GLU A 34 4.38 6.76 11.78
N PHE A 35 4.27 6.91 10.47
CA PHE A 35 3.16 6.36 9.71
C PHE A 35 3.36 4.87 9.47
N TYR A 36 4.36 4.54 8.64
CA TYR A 36 4.66 3.16 8.33
C TYR A 36 4.90 2.36 9.61
N ALA A 37 5.41 3.04 10.64
CA ALA A 37 5.69 2.38 11.90
C ALA A 37 4.40 1.98 12.60
N LYS A 38 3.30 2.62 12.21
CA LYS A 38 2.01 2.33 12.82
C LYS A 38 1.27 1.27 12.01
N ILE A 39 1.45 1.31 10.69
CA ILE A 39 0.80 0.34 9.81
C ILE A 39 1.27 -1.07 10.13
N ALA A 40 2.59 -1.24 10.23
CA ALA A 40 3.16 -2.55 10.53
C ALA A 40 2.78 -2.99 11.95
N ARG A 41 2.32 -2.04 12.76
CA ARG A 41 1.94 -2.34 14.13
C ARG A 41 0.51 -2.89 14.17
N ILE A 42 -0.40 -2.24 13.44
CA ILE A 42 -1.79 -2.67 13.42
C ILE A 42 -1.98 -3.79 12.40
N GLY A 43 -1.03 -3.92 11.48
CA GLY A 43 -1.10 -4.96 10.45
C GLY A 43 -0.70 -6.30 11.02
N TYR A 44 -0.05 -6.29 12.18
CA TYR A 44 0.39 -7.53 12.82
C TYR A 44 -0.36 -7.75 14.13
N GLU A 45 -1.15 -6.75 14.53
CA GLU A 45 -1.91 -6.85 15.76
C GLU A 45 -3.40 -6.98 15.46
N ASP A 46 -3.73 -7.07 14.18
CA ASP A 46 -5.13 -7.20 13.76
C ASP A 46 -5.24 -8.13 12.55
N GLU A 47 -4.38 -7.91 11.57
CA GLU A 47 -4.39 -8.73 10.36
C GLU A 47 -3.57 -10.00 10.57
N GLY A 48 -2.67 -9.97 11.54
CA GLY A 48 -1.82 -11.12 11.82
C GLY A 48 -0.61 -11.15 10.89
N LEU A 49 -0.61 -10.26 9.90
CA LEU A 49 0.49 -10.19 8.95
C LEU A 49 1.82 -10.04 9.68
N ALA A 50 2.87 -10.62 9.12
CA ALA A 50 4.19 -10.55 9.72
C ALA A 50 4.38 -9.19 10.42
N ILE A 51 5.32 -9.15 11.37
CA ILE A 51 5.58 -7.93 12.11
C ILE A 51 6.02 -6.81 11.17
N HIS A 52 6.90 -7.15 10.24
CA HIS A 52 7.40 -6.16 9.28
C HIS A 52 8.01 -4.97 10.01
N THR A 53 9.29 -4.74 9.79
CA THR A 53 9.99 -3.63 10.44
C THR A 53 9.72 -2.32 9.70
N GLU A 54 9.92 -1.21 10.40
CA GLU A 54 9.70 0.11 9.81
C GLU A 54 10.11 0.10 8.34
N SER A 55 11.36 -0.24 8.12
CA SER A 55 11.94 -0.31 6.77
C SER A 55 11.10 -1.20 5.87
N ALA A 56 10.85 -2.42 6.33
CA ALA A 56 10.06 -3.37 5.54
C ALA A 56 8.69 -2.78 5.22
N CYS A 57 8.22 -1.89 6.08
CA CYS A 57 6.91 -1.26 5.87
C CYS A 57 6.98 -0.25 4.72
N ARG A 58 8.20 0.03 4.26
CA ARG A 58 8.40 0.98 3.17
C ARG A 58 8.74 0.24 1.89
N ASN A 59 9.28 -0.97 2.02
CA ASN A 59 9.66 -1.76 0.86
C ASN A 59 8.47 -2.57 0.35
N GLN A 60 7.75 -3.21 1.27
CA GLN A 60 6.59 -4.01 0.91
C GLN A 60 5.57 -3.16 0.16
N ILE A 61 5.05 -2.14 0.84
CA ILE A 61 4.06 -1.26 0.25
C ILE A 61 4.59 -0.67 -1.07
N ILE A 62 5.87 -0.33 -1.09
CA ILE A 62 6.48 0.24 -2.28
C ILE A 62 6.46 -0.77 -3.42
N SER A 63 6.81 -2.01 -3.12
CA SER A 63 6.83 -3.06 -4.13
C SER A 63 5.45 -3.20 -4.78
N ILE A 64 4.41 -3.22 -3.95
CA ILE A 64 3.04 -3.36 -4.45
C ILE A 64 2.74 -2.27 -5.47
N MET A 65 3.39 -1.11 -5.31
CA MET A 65 3.17 0.00 -6.23
C MET A 65 3.73 -0.32 -7.61
N ARG A 66 4.99 -0.72 -7.65
CA ARG A 66 5.64 -1.05 -8.91
C ARG A 66 4.77 -1.99 -9.73
N VAL A 67 4.16 -2.97 -9.06
CA VAL A 67 3.30 -3.92 -9.73
C VAL A 67 2.01 -3.26 -10.20
N TYR A 68 1.48 -2.35 -9.38
CA TYR A 68 0.25 -1.65 -9.71
C TYR A 68 0.46 -0.78 -10.95
N GLU A 69 1.62 -0.13 -11.02
CA GLU A 69 1.92 0.74 -12.15
C GLU A 69 2.25 -0.10 -13.40
N GLN A 70 2.92 -1.22 -13.18
CA GLN A 70 3.29 -2.11 -14.28
C GLN A 70 2.03 -2.69 -14.94
N ARG A 71 1.18 -3.32 -14.13
CA ARG A 71 -0.03 -3.91 -14.65
C ARG A 71 -1.02 -2.83 -15.07
N LEU A 72 -0.72 -1.59 -14.73
CA LEU A 72 -1.58 -0.47 -15.08
C LEU A 72 -1.34 -0.03 -16.52
N ALA A 73 -0.09 -0.12 -16.95
CA ALA A 73 0.27 0.27 -18.31
C ALA A 73 0.00 -0.86 -19.29
N HIS A 74 0.07 -2.09 -18.79
CA HIS A 74 -0.17 -3.27 -19.63
C HIS A 74 -1.67 -3.44 -19.89
N ARG A 75 -2.06 -3.36 -21.15
CA ARG A 75 -3.46 -3.51 -21.52
C ARG A 75 -3.59 -4.31 -22.82
N GLN A 76 -4.67 -5.07 -22.93
CA GLN A 76 -4.91 -5.88 -24.13
C GLN A 76 -6.27 -6.55 -24.06
N PRO A 77 -6.84 -6.87 -25.19
CA PRO A 77 -8.16 -7.54 -25.28
C PRO A 77 -8.12 -8.97 -24.77
N GLY A 78 -9.26 -9.45 -24.27
CA GLY A 78 -9.34 -10.81 -23.75
C GLY A 78 -8.67 -10.91 -22.39
N MET A 79 -8.60 -9.79 -21.68
CA MET A 79 -7.97 -9.76 -20.36
C MET A 79 -8.95 -10.27 -19.30
N LYS A 80 -8.50 -11.23 -18.50
CA LYS A 80 -9.34 -11.79 -17.45
C LYS A 80 -9.48 -10.80 -16.30
N THR A 81 -10.63 -10.85 -15.62
CA THR A 81 -10.88 -9.95 -14.50
C THR A 81 -11.23 -10.75 -13.25
N THR A 82 -11.06 -10.13 -12.09
CA THR A 82 -11.36 -10.79 -10.83
C THR A 82 -11.73 -9.77 -9.75
N PRO A 83 -12.45 -10.20 -8.74
CA PRO A 83 -12.85 -9.29 -7.62
C PRO A 83 -11.68 -8.93 -6.72
N GLU A 84 -10.79 -9.89 -6.50
CA GLU A 84 -9.62 -9.66 -5.65
C GLU A 84 -8.66 -8.68 -6.32
N GLU A 85 -8.35 -8.93 -7.58
CA GLU A 85 -7.44 -8.05 -8.32
C GLU A 85 -8.05 -6.66 -8.47
N ASP A 86 -9.37 -6.61 -8.59
CA ASP A 86 -10.06 -5.33 -8.75
C ASP A 86 -9.93 -4.50 -7.48
N GLU A 87 -10.18 -5.12 -6.34
CA GLU A 87 -10.10 -4.44 -5.06
C GLU A 87 -8.69 -3.85 -4.86
N LEU A 88 -7.68 -4.71 -5.01
CA LEU A 88 -6.30 -4.27 -4.85
C LEU A 88 -6.02 -3.04 -5.71
N ASP A 89 -6.49 -3.09 -6.96
CA ASP A 89 -6.28 -1.97 -7.87
C ASP A 89 -6.90 -0.69 -7.32
N GLN A 90 -8.12 -0.81 -6.79
CA GLN A 90 -8.80 0.34 -6.24
C GLN A 90 -8.03 0.90 -5.05
N LEU A 91 -7.61 0.02 -4.15
CA LEU A 91 -6.86 0.43 -2.97
C LEU A 91 -5.59 1.17 -3.38
N CYS A 92 -4.91 0.65 -4.39
CA CYS A 92 -3.68 1.28 -4.87
C CYS A 92 -3.97 2.67 -5.42
N ASP A 93 -5.07 2.80 -6.16
CA ASP A 93 -5.45 4.08 -6.73
C ASP A 93 -5.68 5.12 -5.63
N GLU A 94 -6.41 4.72 -4.60
CA GLU A 94 -6.70 5.62 -3.48
C GLU A 94 -5.39 6.03 -2.79
N TRP A 95 -4.53 5.06 -2.53
CA TRP A 95 -3.26 5.34 -1.87
C TRP A 95 -2.38 6.22 -2.75
N LYS A 96 -2.40 5.95 -4.05
CA LYS A 96 -1.60 6.72 -5.00
C LYS A 96 -2.04 8.18 -5.01
N ALA A 97 -3.35 8.39 -4.87
CA ALA A 97 -3.88 9.75 -4.87
C ALA A 97 -3.38 10.51 -3.64
N ARG A 98 -3.42 9.85 -2.49
CA ARG A 98 -2.97 10.48 -1.25
C ARG A 98 -1.50 10.90 -1.36
N LEU A 99 -0.69 10.04 -1.94
CA LEU A 99 0.73 10.33 -2.11
C LEU A 99 0.93 11.54 -3.01
N SER A 100 0.10 11.63 -4.05
CA SER A 100 0.20 12.76 -4.98
C SER A 100 -0.26 14.05 -4.31
N GLU A 101 -1.30 13.95 -3.51
CA GLU A 101 -1.82 15.13 -2.80
C GLU A 101 -0.75 15.73 -1.90
N LEU A 102 -0.01 14.86 -1.22
CA LEU A 102 1.05 15.33 -0.32
C LEU A 102 2.19 15.94 -1.12
N GLN A 103 2.44 15.40 -2.31
CA GLN A 103 3.52 15.90 -3.15
C GLN A 103 3.19 17.31 -3.63
N GLN A 104 1.94 17.53 -4.02
CA GLN A 104 1.51 18.84 -4.50
C GLN A 104 1.78 19.91 -3.45
N TYR A 105 1.59 19.55 -2.19
CA TYR A 105 1.82 20.49 -1.09
C TYR A 105 3.29 20.89 -1.02
N ARG A 106 4.17 19.93 -1.29
CA ARG A 106 5.60 20.20 -1.26
C ARG A 106 5.97 21.28 -2.28
N GLU A 107 5.39 21.19 -3.46
CA GLU A 107 5.66 22.16 -4.51
C GLU A 107 5.16 23.54 -4.11
N LYS A 108 4.02 23.58 -3.41
CA LYS A 108 3.44 24.84 -2.96
C LYS A 108 4.38 25.55 -2.00
N PHE A 109 5.01 24.78 -1.11
CA PHE A 109 5.94 25.35 -0.14
C PHE A 109 7.23 25.77 -0.82
N LEU A 110 7.78 26.90 -0.39
CA LEU A 110 9.02 27.40 -0.97
C LEU A 110 10.15 27.34 0.05
N VAL A 111 11.29 26.79 -0.37
CA VAL A 111 12.44 26.67 0.51
C VAL A 111 11.99 26.42 1.95
N ALA A 1 -0.83 -14.38 3.36
CA ALA A 1 0.20 -14.99 4.25
C ALA A 1 1.01 -16.01 3.47
N LYS A 2 1.31 -15.69 2.20
CA LYS A 2 2.09 -16.58 1.36
C LYS A 2 3.46 -16.78 1.96
N ALA A 3 4.04 -15.70 2.47
CA ALA A 3 5.38 -15.78 3.05
C ALA A 3 5.78 -14.46 3.70
N GLN A 4 6.50 -14.55 4.82
CA GLN A 4 6.97 -13.35 5.50
C GLN A 4 8.26 -12.86 4.86
N ARG A 5 9.15 -13.80 4.52
CA ARG A 5 10.42 -13.43 3.91
C ARG A 5 10.37 -13.63 2.40
N THR A 6 9.19 -13.87 1.88
CA THR A 6 9.01 -14.09 0.44
C THR A 6 7.68 -13.51 -0.02
N HIS A 7 7.44 -13.59 -1.33
CA HIS A 7 6.21 -13.08 -1.88
C HIS A 7 5.08 -13.40 -0.91
N LEU A 8 4.20 -12.42 -0.65
CA LEU A 8 3.07 -12.61 0.26
C LEU A 8 1.86 -13.17 -0.50
N SER A 9 0.67 -13.05 0.08
CA SER A 9 -0.53 -13.60 -0.53
C SER A 9 -1.49 -12.53 -1.02
N LEU A 10 -2.08 -12.75 -2.20
CA LEU A 10 -3.04 -11.80 -2.77
C LEU A 10 -3.96 -11.31 -1.66
N GLU A 11 -4.33 -12.23 -0.77
CA GLU A 11 -5.19 -11.89 0.34
C GLU A 11 -4.48 -10.94 1.30
N GLU A 12 -3.21 -11.20 1.58
CA GLU A 12 -2.46 -10.35 2.50
C GLU A 12 -2.25 -8.95 1.92
N LYS A 13 -2.02 -8.88 0.63
CA LYS A 13 -1.81 -7.59 -0.03
C LYS A 13 -3.04 -6.71 0.11
N ILE A 14 -4.20 -7.30 -0.12
CA ILE A 14 -5.43 -6.56 -0.01
C ILE A 14 -5.63 -6.09 1.42
N LYS A 15 -5.37 -7.00 2.36
CA LYS A 15 -5.53 -6.70 3.78
C LYS A 15 -4.59 -5.55 4.17
N LEU A 16 -3.36 -5.61 3.68
CA LEU A 16 -2.38 -4.56 4.00
C LEU A 16 -2.79 -3.22 3.41
N MET A 17 -3.20 -3.24 2.14
CA MET A 17 -3.61 -2.01 1.46
C MET A 17 -4.92 -1.49 2.05
N ARG A 18 -5.76 -2.42 2.49
CA ARG A 18 -7.04 -2.07 3.08
C ARG A 18 -6.83 -1.22 4.33
N LEU A 19 -5.64 -1.32 4.93
CA LEU A 19 -5.33 -0.56 6.13
C LEU A 19 -4.67 0.77 5.79
N VAL A 20 -3.81 0.77 4.77
CA VAL A 20 -3.13 1.98 4.36
C VAL A 20 -4.14 3.02 3.90
N VAL A 21 -5.09 2.60 3.07
CA VAL A 21 -6.11 3.49 2.57
C VAL A 21 -6.98 4.01 3.70
N ARG A 22 -7.36 3.13 4.60
CA ARG A 22 -8.20 3.50 5.74
C ARG A 22 -7.46 4.49 6.64
N HIS A 23 -6.14 4.57 6.49
CA HIS A 23 -5.32 5.48 7.31
C HIS A 23 -4.48 6.40 6.43
N LYS A 24 -4.97 6.65 5.23
CA LYS A 24 -4.28 7.51 4.27
C LYS A 24 -4.25 8.96 4.77
N HIS A 25 -5.31 9.36 5.47
CA HIS A 25 -5.40 10.72 6.02
C HIS A 25 -4.36 10.94 7.12
N GLU A 26 -4.18 9.94 7.98
CA GLU A 26 -3.22 10.06 9.07
C GLU A 26 -1.85 10.49 8.57
N LEU A 27 -1.26 11.46 9.25
CA LEU A 27 0.06 11.96 8.87
C LEU A 27 0.62 12.87 9.96
N VAL A 28 1.90 12.70 10.25
CA VAL A 28 2.56 13.52 11.28
C VAL A 28 3.87 14.10 10.75
N ASP A 29 4.29 15.21 11.34
CA ASP A 29 5.54 15.87 10.92
C ASP A 29 6.70 15.45 11.83
N ARG A 30 6.40 15.00 13.03
CA ARG A 30 7.44 14.60 13.97
C ARG A 30 8.35 13.54 13.34
N LYS A 31 7.73 12.54 12.72
CA LYS A 31 8.50 11.48 12.07
C LYS A 31 7.73 10.92 10.88
N THR A 32 8.41 10.85 9.74
CA THR A 32 7.78 10.34 8.52
C THR A 32 7.38 8.88 8.70
N SER A 33 8.28 8.10 9.29
CA SER A 33 8.03 6.67 9.51
C SER A 33 6.84 6.47 10.44
N GLU A 34 6.51 7.49 11.22
CA GLU A 34 5.39 7.39 12.15
C GLU A 34 4.18 6.77 11.47
N PHE A 35 4.09 6.94 10.16
CA PHE A 35 2.97 6.39 9.41
C PHE A 35 3.15 4.90 9.16
N TYR A 36 4.18 4.56 8.40
CA TYR A 36 4.45 3.17 8.08
C TYR A 36 4.69 2.38 9.36
N ALA A 37 5.24 3.05 10.36
CA ALA A 37 5.51 2.40 11.65
C ALA A 37 4.20 2.00 12.33
N LYS A 38 3.11 2.66 11.96
CA LYS A 38 1.81 2.36 12.54
C LYS A 38 1.07 1.29 11.74
N ILE A 39 1.26 1.31 10.42
CA ILE A 39 0.58 0.35 9.55
C ILE A 39 1.04 -1.07 9.87
N ALA A 40 2.35 -1.24 10.04
CA ALA A 40 2.91 -2.55 10.34
C ALA A 40 2.49 -2.98 11.74
N ARG A 41 2.12 -2.00 12.57
CA ARG A 41 1.70 -2.28 13.92
C ARG A 41 0.27 -2.84 13.94
N ILE A 42 -0.63 -2.16 13.22
CA ILE A 42 -2.02 -2.60 13.16
C ILE A 42 -2.18 -3.75 12.16
N GLY A 43 -1.24 -3.86 11.24
CA GLY A 43 -1.29 -4.92 10.23
C GLY A 43 -0.89 -6.26 10.81
N TYR A 44 -0.28 -6.24 12.00
CA TYR A 44 0.14 -7.48 12.65
C TYR A 44 -0.63 -7.70 13.95
N GLU A 45 -1.41 -6.68 14.34
CA GLU A 45 -2.18 -6.76 15.57
C GLU A 45 -3.67 -6.90 15.24
N ASP A 46 -3.99 -6.98 13.96
CA ASP A 46 -5.39 -7.13 13.54
C ASP A 46 -5.50 -8.06 12.34
N GLU A 47 -4.62 -7.87 11.36
CA GLU A 47 -4.64 -8.70 10.16
C GLU A 47 -3.82 -9.96 10.37
N GLY A 48 -2.93 -9.93 11.35
CA GLY A 48 -2.08 -11.08 11.65
C GLY A 48 -1.06 -11.31 10.54
N LEU A 49 -0.28 -10.28 10.21
CA LEU A 49 0.73 -10.39 9.16
C LEU A 49 1.98 -11.10 9.70
N ALA A 50 2.82 -10.34 10.37
CA ALA A 50 4.05 -10.88 10.93
C ALA A 50 4.74 -9.87 11.83
N ILE A 51 6.05 -10.02 12.01
CA ILE A 51 6.81 -9.11 12.85
C ILE A 51 6.70 -7.67 12.34
N HIS A 52 7.35 -6.75 13.04
CA HIS A 52 7.31 -5.33 12.66
C HIS A 52 8.66 -4.91 12.07
N THR A 53 8.61 -4.01 11.11
CA THR A 53 9.84 -3.51 10.48
C THR A 53 9.53 -2.27 9.65
N GLU A 54 9.69 -1.09 10.26
CA GLU A 54 9.43 0.16 9.56
C GLU A 54 9.93 0.12 8.12
N SER A 55 11.17 -0.32 7.93
CA SER A 55 11.76 -0.37 6.60
C SER A 55 10.96 -1.29 5.68
N ALA A 56 10.64 -2.48 6.18
CA ALA A 56 9.87 -3.45 5.39
C ALA A 56 8.51 -2.87 5.04
N CYS A 57 8.03 -1.98 5.90
CA CYS A 57 6.75 -1.34 5.69
C CYS A 57 6.82 -0.37 4.52
N ARG A 58 8.04 -0.03 4.11
CA ARG A 58 8.23 0.90 3.00
C ARG A 58 8.58 0.16 1.72
N ASN A 59 9.13 -1.04 1.87
CA ASN A 59 9.52 -1.84 0.71
C ASN A 59 8.32 -2.62 0.16
N GLN A 60 7.56 -3.22 1.06
CA GLN A 60 6.40 -4.03 0.69
C GLN A 60 5.36 -3.22 -0.02
N ILE A 61 4.92 -2.15 0.61
CA ILE A 61 3.93 -1.30 0.01
C ILE A 61 4.45 -0.76 -1.32
N ILE A 62 5.73 -0.38 -1.34
CA ILE A 62 6.37 0.10 -2.57
C ILE A 62 6.32 -0.96 -3.66
N SER A 63 6.67 -2.18 -3.31
CA SER A 63 6.67 -3.24 -4.30
C SER A 63 5.29 -3.37 -4.92
N ILE A 64 4.26 -3.31 -4.10
CA ILE A 64 2.91 -3.42 -4.59
C ILE A 64 2.59 -2.32 -5.60
N MET A 65 3.34 -1.22 -5.53
CA MET A 65 3.11 -0.11 -6.46
C MET A 65 3.67 -0.42 -7.83
N ARG A 66 4.89 -0.95 -7.85
CA ARG A 66 5.54 -1.27 -9.12
C ARG A 66 4.67 -2.18 -9.94
N VAL A 67 4.10 -3.20 -9.31
CA VAL A 67 3.24 -4.13 -9.99
C VAL A 67 1.95 -3.45 -10.46
N TYR A 68 1.43 -2.55 -9.62
CA TYR A 68 0.20 -1.84 -9.96
C TYR A 68 0.44 -1.02 -11.22
N GLU A 69 1.55 -0.29 -11.25
CA GLU A 69 1.89 0.53 -12.41
C GLU A 69 2.21 -0.33 -13.63
N GLN A 70 2.90 -1.45 -13.41
CA GLN A 70 3.25 -2.35 -14.51
C GLN A 70 2.02 -2.95 -15.16
N ARG A 71 1.15 -3.55 -14.35
CA ARG A 71 -0.08 -4.15 -14.88
C ARG A 71 -1.03 -3.06 -15.37
N LEU A 72 -0.79 -1.83 -14.93
CA LEU A 72 -1.62 -0.69 -15.35
C LEU A 72 -1.35 -0.31 -16.80
N ALA A 73 -0.09 -0.37 -17.21
CA ALA A 73 0.27 -0.01 -18.58
C ALA A 73 0.02 -1.16 -19.54
N HIS A 74 0.07 -2.38 -19.03
CA HIS A 74 -0.16 -3.56 -19.86
C HIS A 74 -1.65 -3.85 -19.96
N ARG A 75 -2.11 -4.08 -21.19
CA ARG A 75 -3.52 -4.38 -21.42
C ARG A 75 -3.77 -5.89 -21.34
N GLN A 76 -4.98 -6.27 -20.95
CA GLN A 76 -5.32 -7.69 -20.84
C GLN A 76 -6.59 -8.00 -21.64
N PRO A 77 -6.53 -7.84 -22.93
CA PRO A 77 -7.69 -8.11 -23.83
C PRO A 77 -7.98 -9.61 -23.96
N GLY A 78 -9.26 -9.96 -24.06
CA GLY A 78 -9.65 -11.36 -24.20
C GLY A 78 -9.38 -12.13 -22.91
N MET A 79 -9.32 -11.41 -21.79
CA MET A 79 -9.06 -12.03 -20.50
C MET A 79 -10.18 -11.71 -19.51
N LYS A 80 -10.51 -12.67 -18.67
CA LYS A 80 -11.57 -12.47 -17.68
C LYS A 80 -11.02 -11.76 -16.44
N THR A 81 -11.78 -10.79 -15.95
CA THR A 81 -11.38 -10.03 -14.77
C THR A 81 -11.75 -10.78 -13.50
N THR A 82 -11.23 -10.34 -12.37
CA THR A 82 -11.52 -10.98 -11.08
C THR A 82 -11.87 -9.94 -10.02
N PRO A 83 -12.57 -10.34 -9.00
CA PRO A 83 -12.96 -9.41 -7.89
C PRO A 83 -11.79 -9.05 -6.98
N GLU A 84 -10.90 -10.02 -6.75
CA GLU A 84 -9.74 -9.78 -5.89
C GLU A 84 -8.77 -8.81 -6.55
N GLU A 85 -8.47 -9.04 -7.82
CA GLU A 85 -7.53 -8.19 -8.55
C GLU A 85 -8.14 -6.79 -8.68
N ASP A 86 -9.45 -6.74 -8.89
CA ASP A 86 -10.14 -5.46 -9.03
C ASP A 86 -10.04 -4.61 -7.77
N GLU A 87 -10.25 -5.25 -6.61
CA GLU A 87 -10.19 -4.54 -5.33
C GLU A 87 -8.80 -3.98 -5.09
N LEU A 88 -7.79 -4.79 -5.34
CA LEU A 88 -6.41 -4.36 -5.13
C LEU A 88 -6.11 -3.16 -6.00
N ASP A 89 -6.59 -3.21 -7.24
CA ASP A 89 -6.36 -2.12 -8.17
C ASP A 89 -6.98 -0.83 -7.63
N GLN A 90 -8.21 -0.93 -7.11
CA GLN A 90 -8.90 0.24 -6.57
C GLN A 90 -8.16 0.80 -5.36
N LEU A 91 -7.69 -0.08 -4.50
CA LEU A 91 -6.97 0.35 -3.31
C LEU A 91 -5.69 1.08 -3.70
N CYS A 92 -5.00 0.55 -4.71
CA CYS A 92 -3.76 1.15 -5.18
C CYS A 92 -4.04 2.54 -5.75
N ASP A 93 -5.15 2.66 -6.47
CA ASP A 93 -5.51 3.94 -7.08
C ASP A 93 -5.75 4.99 -5.99
N GLU A 94 -6.47 4.60 -4.94
CA GLU A 94 -6.77 5.53 -3.85
C GLU A 94 -5.48 5.94 -3.14
N TRP A 95 -4.63 4.96 -2.88
CA TRP A 95 -3.36 5.25 -2.21
C TRP A 95 -2.47 6.12 -3.09
N LYS A 96 -2.47 5.83 -4.39
CA LYS A 96 -1.67 6.59 -5.34
C LYS A 96 -2.12 8.05 -5.36
N ALA A 97 -3.43 8.27 -5.27
CA ALA A 97 -3.97 9.63 -5.29
C ALA A 97 -3.48 10.41 -4.07
N ARG A 98 -3.48 9.76 -2.90
CA ARG A 98 -3.01 10.42 -1.68
C ARG A 98 -1.57 10.85 -1.85
N LEU A 99 -0.74 9.93 -2.34
CA LEU A 99 0.66 10.24 -2.51
C LEU A 99 0.83 11.45 -3.41
N SER A 100 0.07 11.49 -4.49
CA SER A 100 0.15 12.62 -5.42
C SER A 100 -0.30 13.92 -4.74
N GLU A 101 -1.35 13.84 -3.93
CA GLU A 101 -1.87 15.02 -3.24
C GLU A 101 -0.80 15.63 -2.35
N LEU A 102 -0.09 14.77 -1.62
CA LEU A 102 0.97 15.24 -0.73
C LEU A 102 2.10 15.86 -1.55
N GLN A 103 2.40 15.27 -2.70
CA GLN A 103 3.48 15.77 -3.56
C GLN A 103 3.15 17.18 -4.07
N GLN A 104 1.89 17.40 -4.45
CA GLN A 104 1.48 18.70 -4.95
C GLN A 104 1.78 19.77 -3.89
N TYR A 105 1.51 19.44 -2.64
CA TYR A 105 1.77 20.38 -1.55
C TYR A 105 3.27 20.58 -1.34
N ARG A 106 4.04 19.50 -1.51
CA ARG A 106 5.49 19.57 -1.33
C ARG A 106 6.12 20.49 -2.37
N GLU A 107 5.64 20.40 -3.61
CA GLU A 107 6.18 21.23 -4.68
C GLU A 107 6.18 22.70 -4.26
N LYS A 108 5.20 23.09 -3.46
CA LYS A 108 5.12 24.47 -3.00
C LYS A 108 6.33 24.84 -2.16
N PHE A 109 6.75 23.90 -1.31
CA PHE A 109 7.91 24.12 -0.44
C PHE A 109 9.13 23.38 -0.98
N LEU A 110 10.30 23.98 -0.80
CA LEU A 110 11.54 23.37 -1.27
C LEU A 110 12.33 22.79 -0.10
N VAL A 111 12.75 21.53 -0.24
CA VAL A 111 13.51 20.87 0.81
C VAL A 111 14.96 21.33 0.80
N ALA A 1 4.24 -10.86 4.01
CA ALA A 1 5.12 -11.90 4.62
C ALA A 1 5.29 -13.05 3.62
N LYS A 2 5.22 -12.73 2.33
CA LYS A 2 5.37 -13.72 1.29
C LYS A 2 6.73 -14.40 1.40
N ALA A 3 6.86 -15.32 2.35
CA ALA A 3 8.12 -16.04 2.55
C ALA A 3 8.21 -16.57 3.97
N GLN A 4 8.76 -15.74 4.87
CA GLN A 4 8.90 -16.14 6.27
C GLN A 4 7.72 -17.00 6.69
N ARG A 5 6.53 -16.67 6.19
CA ARG A 5 5.33 -17.42 6.52
C ARG A 5 4.10 -16.79 5.86
N THR A 6 3.65 -17.40 4.76
CA THR A 6 2.50 -16.88 4.05
C THR A 6 1.63 -18.01 3.51
N HIS A 7 0.35 -17.74 3.31
CA HIS A 7 -0.57 -18.74 2.79
C HIS A 7 -1.35 -18.17 1.61
N LEU A 8 -1.75 -16.91 1.73
CA LEU A 8 -2.51 -16.25 0.66
C LEU A 8 -2.05 -14.81 0.50
N SER A 9 -0.85 -14.64 -0.05
CA SER A 9 -0.30 -13.31 -0.24
C SER A 9 -1.39 -12.33 -0.66
N LEU A 10 -1.96 -12.55 -1.83
CA LEU A 10 -2.99 -11.66 -2.35
C LEU A 10 -3.90 -11.19 -1.22
N GLU A 11 -4.24 -12.10 -0.32
CA GLU A 11 -5.11 -11.75 0.79
C GLU A 11 -4.42 -10.77 1.73
N GLU A 12 -3.14 -11.02 2.02
CA GLU A 12 -2.38 -10.15 2.91
C GLU A 12 -2.20 -8.77 2.28
N LYS A 13 -1.92 -8.75 0.97
CA LYS A 13 -1.73 -7.48 0.27
C LYS A 13 -2.96 -6.59 0.43
N ILE A 14 -4.14 -7.17 0.22
CA ILE A 14 -5.37 -6.41 0.35
C ILE A 14 -5.57 -5.94 1.79
N LYS A 15 -5.31 -6.83 2.74
CA LYS A 15 -5.46 -6.51 4.15
C LYS A 15 -4.52 -5.36 4.54
N LEU A 16 -3.30 -5.39 3.99
CA LEU A 16 -2.33 -4.34 4.28
C LEU A 16 -2.77 -3.01 3.68
N MET A 17 -3.15 -3.03 2.41
CA MET A 17 -3.60 -1.82 1.73
C MET A 17 -4.91 -1.32 2.33
N ARG A 18 -5.72 -2.26 2.83
CA ARG A 18 -7.00 -1.90 3.42
C ARG A 18 -6.79 -1.06 4.69
N LEU A 19 -5.58 -1.10 5.22
CA LEU A 19 -5.25 -0.34 6.42
C LEU A 19 -4.62 0.99 6.06
N VAL A 20 -3.79 0.98 5.02
CA VAL A 20 -3.12 2.20 4.59
C VAL A 20 -4.13 3.23 4.12
N VAL A 21 -5.09 2.79 3.32
CA VAL A 21 -6.12 3.69 2.81
C VAL A 21 -6.98 4.21 3.94
N ARG A 22 -7.32 3.33 4.88
CA ARG A 22 -8.15 3.71 6.01
C ARG A 22 -7.41 4.70 6.91
N HIS A 23 -6.11 4.81 6.70
CA HIS A 23 -5.29 5.73 7.49
C HIS A 23 -4.45 6.62 6.59
N LYS A 24 -4.96 6.90 5.39
CA LYS A 24 -4.25 7.75 4.45
C LYS A 24 -4.25 9.20 4.92
N HIS A 25 -5.29 9.58 5.65
CA HIS A 25 -5.40 10.94 6.16
C HIS A 25 -4.32 11.22 7.20
N GLU A 26 -4.10 10.25 8.09
CA GLU A 26 -3.11 10.40 9.13
C GLU A 26 -1.87 11.11 8.60
N LEU A 27 -1.80 12.42 8.80
CA LEU A 27 -0.66 13.20 8.34
C LEU A 27 0.05 13.86 9.51
N VAL A 28 1.32 13.52 9.69
CA VAL A 28 2.10 14.08 10.78
C VAL A 28 3.42 14.67 10.26
N ASP A 29 3.78 15.84 10.76
CA ASP A 29 5.01 16.50 10.32
C ASP A 29 6.16 16.18 11.29
N ARG A 30 5.84 15.51 12.38
CA ARG A 30 6.85 15.16 13.38
C ARG A 30 7.84 14.17 12.79
N LYS A 31 7.32 13.19 12.03
CA LYS A 31 8.18 12.19 11.41
C LYS A 31 7.40 11.41 10.36
N THR A 32 7.98 11.29 9.17
CA THR A 32 7.33 10.56 8.08
C THR A 32 7.13 9.10 8.46
N SER A 33 8.14 8.51 9.09
CA SER A 33 8.07 7.11 9.49
C SER A 33 6.90 6.88 10.44
N GLU A 34 6.58 7.89 11.23
CA GLU A 34 5.48 7.78 12.18
C GLU A 34 4.26 7.14 11.53
N PHE A 35 4.15 7.27 10.22
CA PHE A 35 3.03 6.70 9.49
C PHE A 35 3.24 5.20 9.27
N TYR A 36 4.24 4.85 8.46
CA TYR A 36 4.53 3.47 8.18
C TYR A 36 4.79 2.70 9.47
N ALA A 37 5.31 3.40 10.47
CA ALA A 37 5.60 2.78 11.76
C ALA A 37 4.32 2.39 12.47
N LYS A 38 3.22 3.02 12.08
CA LYS A 38 1.92 2.74 12.68
C LYS A 38 1.19 1.65 11.92
N ILE A 39 1.36 1.66 10.59
CA ILE A 39 0.69 0.67 9.75
C ILE A 39 1.18 -0.74 10.09
N ALA A 40 2.50 -0.90 10.19
CA ALA A 40 3.07 -2.19 10.52
C ALA A 40 2.69 -2.60 11.94
N ARG A 41 2.24 -1.63 12.73
CA ARG A 41 1.86 -1.90 14.11
C ARG A 41 0.45 -2.47 14.17
N ILE A 42 -0.47 -1.82 13.44
CA ILE A 42 -1.86 -2.26 13.43
C ILE A 42 -2.04 -3.42 12.44
N GLY A 43 -1.10 -3.55 11.52
CA GLY A 43 -1.17 -4.61 10.52
C GLY A 43 -0.76 -5.95 11.11
N TYR A 44 -0.10 -5.91 12.27
CA TYR A 44 0.34 -7.13 12.94
C TYR A 44 -0.41 -7.31 14.26
N GLU A 45 -1.19 -6.32 14.63
CA GLU A 45 -1.96 -6.39 15.88
C GLU A 45 -3.45 -6.53 15.59
N ASP A 46 -3.78 -6.65 14.31
CA ASP A 46 -5.18 -6.80 13.91
C ASP A 46 -5.29 -7.76 12.72
N GLU A 47 -4.44 -7.56 11.73
CA GLU A 47 -4.46 -8.40 10.53
C GLU A 47 -3.64 -9.67 10.76
N GLY A 48 -2.72 -9.60 11.73
CA GLY A 48 -1.88 -10.75 12.04
C GLY A 48 -0.73 -10.87 11.04
N LEU A 49 -0.57 -9.85 10.22
CA LEU A 49 0.50 -9.85 9.21
C LEU A 49 1.85 -9.71 9.89
N ALA A 50 2.78 -10.62 9.54
CA ALA A 50 4.11 -10.58 10.13
C ALA A 50 4.85 -9.32 9.72
N ILE A 51 5.62 -8.76 10.65
CA ILE A 51 6.39 -7.55 10.38
C ILE A 51 7.85 -7.73 10.75
N HIS A 52 8.69 -6.84 10.26
CA HIS A 52 10.12 -6.92 10.55
C HIS A 52 10.65 -5.57 11.05
N THR A 53 10.44 -4.53 10.26
CA THR A 53 10.91 -3.20 10.63
C THR A 53 10.14 -2.13 9.87
N GLU A 54 10.25 -0.87 10.33
CA GLU A 54 9.56 0.24 9.68
C GLU A 54 9.97 0.28 8.22
N SER A 55 11.26 0.04 8.00
CA SER A 55 11.82 0.00 6.66
C SER A 55 10.99 -0.93 5.76
N ALA A 56 10.74 -2.13 6.26
CA ALA A 56 9.94 -3.10 5.50
C ALA A 56 8.57 -2.53 5.18
N CYS A 57 8.10 -1.62 6.01
CA CYS A 57 6.80 -1.00 5.80
C CYS A 57 6.86 -0.03 4.63
N ARG A 58 8.06 0.25 4.16
CA ARG A 58 8.25 1.17 3.04
C ARG A 58 8.59 0.41 1.77
N ASN A 59 9.14 -0.79 1.94
CA ASN A 59 9.52 -1.62 0.79
C ASN A 59 8.32 -2.42 0.31
N GLN A 60 7.61 -3.05 1.24
CA GLN A 60 6.46 -3.87 0.90
C GLN A 60 5.41 -3.04 0.15
N ILE A 61 4.91 -2.01 0.81
CA ILE A 61 3.91 -1.14 0.18
C ILE A 61 4.42 -0.59 -1.13
N ILE A 62 5.70 -0.23 -1.17
CA ILE A 62 6.29 0.30 -2.38
C ILE A 62 6.25 -0.74 -3.50
N SER A 63 6.62 -1.97 -3.16
CA SER A 63 6.65 -3.04 -4.16
C SER A 63 5.27 -3.21 -4.79
N ILE A 64 4.24 -3.20 -3.95
CA ILE A 64 2.88 -3.35 -4.44
C ILE A 64 2.56 -2.28 -5.48
N MET A 65 3.20 -1.13 -5.36
CA MET A 65 2.97 -0.04 -6.30
C MET A 65 3.53 -0.38 -7.68
N ARG A 66 4.79 -0.79 -7.71
CA ARG A 66 5.44 -1.14 -8.98
C ARG A 66 4.55 -2.10 -9.77
N VAL A 67 3.95 -3.06 -9.07
CA VAL A 67 3.09 -4.05 -9.72
C VAL A 67 1.81 -3.39 -10.21
N TYR A 68 1.28 -2.47 -9.39
CA TYR A 68 0.05 -1.77 -9.74
C TYR A 68 0.25 -0.95 -10.99
N GLU A 69 1.39 -0.28 -11.08
CA GLU A 69 1.69 0.55 -12.24
C GLU A 69 2.01 -0.32 -13.46
N GLN A 70 2.68 -1.43 -13.21
CA GLN A 70 3.05 -2.34 -14.30
C GLN A 70 1.80 -2.95 -14.94
N ARG A 71 0.96 -3.56 -14.11
CA ARG A 71 -0.27 -4.17 -14.60
C ARG A 71 -1.27 -3.10 -15.05
N LEU A 72 -0.96 -1.85 -14.73
CA LEU A 72 -1.82 -0.74 -15.11
C LEU A 72 -1.60 -0.34 -16.57
N ALA A 73 -0.35 -0.44 -17.00
CA ALA A 73 0.00 -0.07 -18.38
C ALA A 73 -0.28 -1.24 -19.31
N HIS A 74 -0.19 -2.45 -18.79
CA HIS A 74 -0.43 -3.63 -19.61
C HIS A 74 -1.89 -3.73 -20.02
N ARG A 75 -2.13 -3.82 -21.32
CA ARG A 75 -3.50 -3.92 -21.85
C ARG A 75 -3.55 -4.87 -23.03
N GLN A 76 -4.62 -5.65 -23.11
CA GLN A 76 -4.78 -6.60 -24.20
C GLN A 76 -6.12 -7.34 -24.07
N PRO A 77 -6.65 -7.80 -25.18
CA PRO A 77 -7.93 -8.55 -25.20
C PRO A 77 -7.81 -9.92 -24.54
N GLY A 78 -8.94 -10.44 -24.05
CA GLY A 78 -8.95 -11.75 -23.40
C GLY A 78 -8.48 -11.64 -21.95
N MET A 79 -8.62 -10.45 -21.38
CA MET A 79 -8.20 -10.23 -20.00
C MET A 79 -9.29 -10.72 -19.03
N LYS A 80 -8.86 -11.47 -18.02
CA LYS A 80 -9.80 -12.00 -17.04
C LYS A 80 -10.08 -10.95 -15.96
N THR A 81 -11.25 -11.06 -15.33
CA THR A 81 -11.63 -10.12 -14.28
C THR A 81 -11.96 -10.87 -12.99
N THR A 82 -11.39 -10.39 -11.89
CA THR A 82 -11.63 -11.01 -10.59
C THR A 82 -11.95 -9.96 -9.54
N PRO A 83 -12.63 -10.34 -8.49
CA PRO A 83 -13.02 -9.42 -7.39
C PRO A 83 -11.84 -9.03 -6.49
N GLU A 84 -10.95 -9.99 -6.25
CA GLU A 84 -9.78 -9.73 -5.42
C GLU A 84 -8.83 -8.76 -6.11
N GLU A 85 -8.52 -9.05 -7.36
CA GLU A 85 -7.61 -8.18 -8.13
C GLU A 85 -8.23 -6.80 -8.30
N ASP A 86 -9.55 -6.76 -8.43
CA ASP A 86 -10.24 -5.48 -8.61
C ASP A 86 -10.11 -4.62 -7.36
N GLU A 87 -10.36 -5.22 -6.20
CA GLU A 87 -10.27 -4.49 -4.94
C GLU A 87 -8.87 -3.92 -4.76
N LEU A 88 -7.85 -4.76 -4.91
CA LEU A 88 -6.48 -4.30 -4.76
C LEU A 88 -6.20 -3.11 -5.65
N ASP A 89 -6.67 -3.18 -6.90
CA ASP A 89 -6.47 -2.09 -7.85
C ASP A 89 -7.09 -0.80 -7.31
N GLN A 90 -8.31 -0.91 -6.79
CA GLN A 90 -9.00 0.26 -6.24
C GLN A 90 -8.22 0.84 -5.07
N LEU A 91 -7.79 -0.02 -4.17
CA LEU A 91 -7.04 0.43 -2.99
C LEU A 91 -5.78 1.16 -3.43
N CYS A 92 -5.09 0.62 -4.44
CA CYS A 92 -3.87 1.23 -4.93
C CYS A 92 -4.17 2.61 -5.52
N ASP A 93 -5.28 2.72 -6.23
CA ASP A 93 -5.67 3.99 -6.85
C ASP A 93 -5.89 5.05 -5.78
N GLU A 94 -6.61 4.67 -4.72
CA GLU A 94 -6.89 5.60 -3.63
C GLU A 94 -5.60 6.05 -2.95
N TRP A 95 -4.72 5.08 -2.68
CA TRP A 95 -3.45 5.38 -2.04
C TRP A 95 -2.58 6.24 -2.94
N LYS A 96 -2.60 5.93 -4.23
CA LYS A 96 -1.81 6.68 -5.20
C LYS A 96 -2.25 8.14 -5.24
N ALA A 97 -3.56 8.35 -5.11
CA ALA A 97 -4.10 9.71 -5.13
C ALA A 97 -3.61 10.50 -3.93
N ARG A 98 -3.62 9.87 -2.76
CA ARG A 98 -3.17 10.53 -1.55
C ARG A 98 -1.72 10.96 -1.67
N LEU A 99 -0.89 10.08 -2.23
CA LEU A 99 0.52 10.37 -2.41
C LEU A 99 0.70 11.57 -3.34
N SER A 100 -0.12 11.63 -4.39
CA SER A 100 -0.04 12.72 -5.34
C SER A 100 -0.49 14.03 -4.70
N GLU A 101 -1.54 13.96 -3.88
CA GLU A 101 -2.05 15.14 -3.21
C GLU A 101 -0.98 15.78 -2.33
N LEU A 102 -0.24 14.93 -1.62
CA LEU A 102 0.83 15.41 -0.75
C LEU A 102 1.96 16.01 -1.57
N GLN A 103 2.21 15.44 -2.74
CA GLN A 103 3.28 15.93 -3.61
C GLN A 103 2.95 17.33 -4.13
N GLN A 104 1.69 17.53 -4.51
CA GLN A 104 1.26 18.83 -5.01
C GLN A 104 1.53 19.92 -3.99
N TYR A 105 1.34 19.59 -2.72
CA TYR A 105 1.58 20.55 -1.65
C TYR A 105 3.03 21.00 -1.62
N ARG A 106 3.93 20.06 -1.85
CA ARG A 106 5.37 20.35 -1.86
C ARG A 106 5.68 21.39 -2.94
N GLU A 107 5.10 21.21 -4.11
CA GLU A 107 5.34 22.12 -5.22
C GLU A 107 4.78 23.51 -4.90
N LYS A 108 3.60 23.54 -4.27
CA LYS A 108 2.97 24.80 -3.91
C LYS A 108 3.82 25.56 -2.92
N PHE A 109 4.38 24.84 -1.96
CA PHE A 109 5.22 25.47 -0.94
C PHE A 109 6.70 25.25 -1.25
N LEU A 110 7.42 26.35 -1.44
CA LEU A 110 8.84 26.27 -1.76
C LEU A 110 9.68 26.83 -0.60
N VAL A 111 10.69 26.06 -0.20
CA VAL A 111 11.56 26.49 0.90
C VAL A 111 12.07 27.91 0.66
N ALA A 1 4.61 -10.92 4.10
CA ALA A 1 3.45 -11.50 3.37
C ALA A 1 3.96 -12.51 2.34
N LYS A 2 5.18 -12.29 1.86
CA LYS A 2 5.77 -13.19 0.87
C LYS A 2 7.13 -13.69 1.35
N ALA A 3 7.28 -15.01 1.38
CA ALA A 3 8.53 -15.60 1.82
C ALA A 3 8.64 -15.58 3.34
N GLN A 4 7.54 -15.24 3.99
CA GLN A 4 7.53 -15.18 5.46
C GLN A 4 6.32 -15.95 5.99
N ARG A 5 6.23 -17.23 5.66
CA ARG A 5 5.12 -18.06 6.10
C ARG A 5 3.80 -17.47 5.63
N THR A 6 3.43 -17.75 4.38
CA THR A 6 2.20 -17.23 3.81
C THR A 6 1.53 -18.27 2.94
N HIS A 7 0.20 -18.15 2.78
CA HIS A 7 -0.55 -19.08 1.95
C HIS A 7 -1.21 -18.33 0.79
N LEU A 8 -1.90 -17.25 1.11
CA LEU A 8 -2.56 -16.44 0.09
C LEU A 8 -2.11 -14.98 0.20
N SER A 9 -1.10 -14.62 -0.59
CA SER A 9 -0.56 -13.26 -0.56
C SER A 9 -1.63 -12.24 -0.95
N LEU A 10 -2.24 -12.44 -2.10
CA LEU A 10 -3.26 -11.52 -2.58
C LEU A 10 -4.14 -11.04 -1.43
N GLU A 11 -4.48 -11.96 -0.53
CA GLU A 11 -5.32 -11.61 0.61
C GLU A 11 -4.58 -10.66 1.54
N GLU A 12 -3.30 -10.95 1.81
CA GLU A 12 -2.50 -10.11 2.68
C GLU A 12 -2.31 -8.73 2.07
N LYS A 13 -2.06 -8.70 0.77
CA LYS A 13 -1.85 -7.43 0.07
C LYS A 13 -3.05 -6.50 0.28
N ILE A 14 -4.25 -7.04 0.08
CA ILE A 14 -5.46 -6.26 0.25
C ILE A 14 -5.61 -5.80 1.70
N LYS A 15 -5.35 -6.73 2.63
CA LYS A 15 -5.46 -6.41 4.06
C LYS A 15 -4.49 -5.30 4.42
N LEU A 16 -3.29 -5.35 3.86
CA LEU A 16 -2.28 -4.33 4.14
C LEU A 16 -2.70 -2.97 3.58
N MET A 17 -3.13 -2.97 2.32
CA MET A 17 -3.55 -1.74 1.66
C MET A 17 -4.83 -1.22 2.31
N ARG A 18 -5.65 -2.13 2.80
CA ARG A 18 -6.90 -1.76 3.43
C ARG A 18 -6.65 -0.94 4.70
N LEU A 19 -5.43 -1.03 5.21
CA LEU A 19 -5.05 -0.30 6.41
C LEU A 19 -4.40 1.03 6.06
N VAL A 20 -3.59 1.02 5.00
CA VAL A 20 -2.90 2.22 4.57
C VAL A 20 -3.91 3.28 4.15
N VAL A 21 -4.89 2.89 3.36
CA VAL A 21 -5.91 3.81 2.88
C VAL A 21 -6.73 4.34 4.04
N ARG A 22 -7.07 3.45 4.97
CA ARG A 22 -7.86 3.83 6.14
C ARG A 22 -7.09 4.79 7.03
N HIS A 23 -5.78 4.87 6.80
CA HIS A 23 -4.93 5.76 7.58
C HIS A 23 -4.08 6.65 6.68
N LYS A 24 -4.61 6.96 5.50
CA LYS A 24 -3.90 7.80 4.54
C LYS A 24 -3.86 9.25 5.03
N HIS A 25 -4.87 9.64 5.80
CA HIS A 25 -4.94 10.99 6.33
C HIS A 25 -3.83 11.22 7.34
N GLU A 26 -3.60 10.24 8.19
CA GLU A 26 -2.56 10.36 9.21
C GLU A 26 -1.21 10.67 8.58
N LEU A 27 -0.67 11.84 8.90
CA LEU A 27 0.63 12.24 8.36
C LEU A 27 1.33 13.20 9.32
N VAL A 28 2.62 12.94 9.55
CA VAL A 28 3.41 13.78 10.45
C VAL A 28 4.68 14.28 9.74
N ASP A 29 4.96 15.56 9.90
CA ASP A 29 6.13 16.16 9.27
C ASP A 29 7.38 15.91 10.11
N ARG A 30 7.17 15.63 11.40
CA ARG A 30 8.28 15.40 12.31
C ARG A 30 9.07 14.16 11.89
N LYS A 31 8.34 13.11 11.51
CA LYS A 31 8.99 11.87 11.09
C LYS A 31 8.09 11.11 10.11
N THR A 32 8.58 10.91 8.89
CA THR A 32 7.82 10.19 7.87
C THR A 32 7.57 8.76 8.30
N SER A 33 8.60 8.12 8.85
CA SER A 33 8.50 6.73 9.29
C SER A 33 7.34 6.55 10.26
N GLU A 34 7.07 7.57 11.08
CA GLU A 34 6.00 7.48 12.06
C GLU A 34 4.75 6.88 11.42
N PHE A 35 4.62 7.04 10.11
CA PHE A 35 3.46 6.50 9.39
C PHE A 35 3.64 5.00 9.15
N TYR A 36 4.60 4.64 8.31
CA TYR A 36 4.86 3.25 8.00
C TYR A 36 5.12 2.45 9.27
N ALA A 37 5.68 3.12 10.28
CA ALA A 37 5.99 2.47 11.55
C ALA A 37 4.70 2.12 12.29
N LYS A 38 3.62 2.78 11.93
CA LYS A 38 2.32 2.51 12.56
C LYS A 38 1.55 1.46 11.78
N ILE A 39 1.68 1.48 10.46
CA ILE A 39 0.99 0.52 9.62
C ILE A 39 1.44 -0.90 9.92
N ALA A 40 2.76 -1.10 10.00
CA ALA A 40 3.32 -2.41 10.29
C ALA A 40 2.96 -2.83 11.72
N ARG A 41 2.55 -1.87 12.53
CA ARG A 41 2.20 -2.15 13.92
C ARG A 41 0.76 -2.67 14.01
N ILE A 42 -0.15 -2.01 13.30
CA ILE A 42 -1.55 -2.41 13.30
C ILE A 42 -1.79 -3.54 12.30
N GLY A 43 -0.87 -3.68 11.37
CA GLY A 43 -0.99 -4.73 10.35
C GLY A 43 -0.59 -6.08 10.92
N TYR A 44 0.08 -6.07 12.06
CA TYR A 44 0.52 -7.31 12.69
C TYR A 44 -0.20 -7.50 14.03
N GLU A 45 -0.96 -6.50 14.44
CA GLU A 45 -1.70 -6.56 15.70
C GLU A 45 -3.19 -6.67 15.44
N ASP A 46 -3.57 -6.76 14.17
CA ASP A 46 -4.97 -6.87 13.79
C ASP A 46 -5.14 -7.81 12.60
N GLU A 47 -4.30 -7.61 11.58
CA GLU A 47 -4.37 -8.44 10.39
C GLU A 47 -3.57 -9.72 10.58
N GLY A 48 -2.64 -9.70 11.51
CA GLY A 48 -1.81 -10.87 11.79
C GLY A 48 -0.90 -11.17 10.60
N LEU A 49 -0.47 -10.13 9.90
CA LEU A 49 0.40 -10.31 8.75
C LEU A 49 1.69 -10.99 9.16
N ALA A 50 2.43 -10.35 10.07
CA ALA A 50 3.70 -10.89 10.53
C ALA A 50 4.59 -9.78 11.08
N ILE A 51 5.81 -10.15 11.48
CA ILE A 51 6.75 -9.18 12.02
C ILE A 51 7.48 -8.47 10.88
N HIS A 52 7.28 -7.16 10.78
CA HIS A 52 7.93 -6.37 9.73
C HIS A 52 8.51 -5.09 10.30
N THR A 53 9.71 -4.73 9.83
CA THR A 53 10.37 -3.52 10.31
C THR A 53 9.87 -2.30 9.52
N GLU A 54 10.24 -1.11 9.99
CA GLU A 54 9.82 0.12 9.33
C GLU A 54 10.25 0.09 7.86
N SER A 55 11.49 -0.29 7.62
CA SER A 55 12.02 -0.37 6.26
C SER A 55 11.15 -1.26 5.38
N ALA A 56 10.88 -2.47 5.86
CA ALA A 56 10.05 -3.41 5.11
C ALA A 56 8.68 -2.79 4.82
N CYS A 57 8.25 -1.89 5.69
CA CYS A 57 6.96 -1.23 5.51
C CYS A 57 7.01 -0.24 4.36
N ARG A 58 8.22 0.02 3.86
CA ARG A 58 8.40 0.95 2.76
C ARG A 58 8.69 0.21 1.47
N ASN A 59 9.22 -1.02 1.60
CA ASN A 59 9.55 -1.83 0.43
C ASN A 59 8.31 -2.61 -0.04
N GLN A 60 7.62 -3.22 0.90
CA GLN A 60 6.44 -4.01 0.58
C GLN A 60 5.40 -3.15 -0.14
N ILE A 61 4.94 -2.10 0.53
CA ILE A 61 3.95 -1.20 -0.05
C ILE A 61 4.44 -0.65 -1.37
N ILE A 62 5.72 -0.33 -1.42
CA ILE A 62 6.31 0.21 -2.64
C ILE A 62 6.21 -0.81 -3.77
N SER A 63 6.55 -2.06 -3.46
CA SER A 63 6.53 -3.11 -4.48
C SER A 63 5.15 -3.23 -5.08
N ILE A 64 4.13 -3.21 -4.21
CA ILE A 64 2.75 -3.33 -4.66
C ILE A 64 2.44 -2.21 -5.68
N MET A 65 3.12 -1.09 -5.56
CA MET A 65 2.89 0.02 -6.48
C MET A 65 3.41 -0.33 -7.88
N ARG A 66 4.66 -0.76 -7.95
CA ARG A 66 5.27 -1.11 -9.23
C ARG A 66 4.34 -2.04 -10.01
N VAL A 67 3.74 -3.00 -9.32
CA VAL A 67 2.83 -3.94 -9.96
C VAL A 67 1.54 -3.25 -10.40
N TYR A 68 1.06 -2.33 -9.56
CA TYR A 68 -0.16 -1.60 -9.87
C TYR A 68 0.04 -0.76 -11.12
N GLU A 69 1.20 -0.11 -11.23
CA GLU A 69 1.49 0.73 -12.38
C GLU A 69 1.76 -0.13 -13.62
N GLN A 70 2.41 -1.26 -13.42
CA GLN A 70 2.72 -2.16 -14.52
C GLN A 70 1.45 -2.73 -15.13
N ARG A 71 0.62 -3.32 -14.30
CA ARG A 71 -0.64 -3.90 -14.77
C ARG A 71 -1.61 -2.81 -15.19
N LEU A 72 -1.28 -1.56 -14.85
CA LEU A 72 -2.12 -0.44 -15.20
C LEU A 72 -1.91 -0.02 -16.64
N ALA A 73 -0.68 -0.13 -17.12
CA ALA A 73 -0.35 0.25 -18.49
C ALA A 73 -0.67 -0.89 -19.45
N HIS A 74 -0.61 -2.12 -18.94
CA HIS A 74 -0.90 -3.29 -19.77
C HIS A 74 -2.39 -3.38 -20.08
N ARG A 75 -2.72 -3.43 -21.36
CA ARG A 75 -4.11 -3.53 -21.78
C ARG A 75 -4.30 -4.68 -22.75
N GLN A 76 -3.23 -5.43 -23.00
CA GLN A 76 -3.29 -6.56 -23.91
C GLN A 76 -4.63 -7.27 -23.79
N PRO A 77 -5.04 -7.96 -24.83
CA PRO A 77 -6.32 -8.71 -24.85
C PRO A 77 -6.28 -9.94 -23.95
N GLY A 78 -7.46 -10.39 -23.53
CA GLY A 78 -7.55 -11.56 -22.66
C GLY A 78 -7.37 -11.17 -21.20
N MET A 79 -7.87 -10.00 -20.84
CA MET A 79 -7.75 -9.52 -19.47
C MET A 79 -8.86 -10.11 -18.60
N LYS A 80 -8.46 -10.83 -17.56
CA LYS A 80 -9.41 -11.46 -16.66
C LYS A 80 -9.91 -10.45 -15.63
N THR A 81 -11.19 -10.57 -15.26
CA THR A 81 -11.78 -9.67 -14.28
C THR A 81 -12.17 -10.42 -13.02
N THR A 82 -11.73 -9.90 -11.87
CA THR A 82 -12.04 -10.54 -10.59
C THR A 82 -12.33 -9.49 -9.52
N PRO A 83 -13.00 -9.88 -8.47
CA PRO A 83 -13.35 -8.97 -7.35
C PRO A 83 -12.14 -8.62 -6.48
N GLU A 84 -11.27 -9.59 -6.28
CA GLU A 84 -10.08 -9.38 -5.46
C GLU A 84 -9.12 -8.42 -6.15
N GLU A 85 -8.84 -8.69 -7.43
CA GLU A 85 -7.93 -7.85 -8.20
C GLU A 85 -8.51 -6.44 -8.34
N ASP A 86 -9.84 -6.36 -8.43
CA ASP A 86 -10.51 -5.07 -8.57
C ASP A 86 -10.33 -4.23 -7.33
N GLU A 87 -10.56 -4.85 -6.16
CA GLU A 87 -10.42 -4.14 -4.89
C GLU A 87 -9.01 -3.59 -4.74
N LEU A 88 -8.02 -4.47 -4.93
CA LEU A 88 -6.62 -4.05 -4.79
C LEU A 88 -6.35 -2.83 -5.68
N ASP A 89 -6.85 -2.88 -6.91
CA ASP A 89 -6.64 -1.78 -7.85
C ASP A 89 -7.22 -0.49 -7.28
N GLN A 90 -8.42 -0.57 -6.72
CA GLN A 90 -9.08 0.60 -6.15
C GLN A 90 -8.25 1.15 -4.99
N LEU A 91 -7.82 0.26 -4.10
CA LEU A 91 -7.03 0.67 -2.95
C LEU A 91 -5.76 1.38 -3.39
N CYS A 92 -5.12 0.84 -4.43
CA CYS A 92 -3.89 1.43 -4.95
C CYS A 92 -4.16 2.83 -5.50
N ASP A 93 -5.29 2.97 -6.19
CA ASP A 93 -5.65 4.26 -6.78
C ASP A 93 -5.83 5.31 -5.67
N GLU A 94 -6.54 4.94 -4.61
CA GLU A 94 -6.77 5.85 -3.51
C GLU A 94 -5.45 6.25 -2.85
N TRP A 95 -4.60 5.26 -2.61
CA TRP A 95 -3.30 5.51 -1.99
C TRP A 95 -2.43 6.37 -2.91
N LYS A 96 -2.49 6.09 -4.20
CA LYS A 96 -1.70 6.83 -5.18
C LYS A 96 -2.12 8.30 -5.18
N ALA A 97 -3.41 8.54 -5.02
CA ALA A 97 -3.93 9.91 -5.01
C ALA A 97 -3.39 10.68 -3.80
N ARG A 98 -3.39 10.03 -2.65
CA ARG A 98 -2.89 10.66 -1.44
C ARG A 98 -1.42 11.06 -1.63
N LEU A 99 -0.64 10.17 -2.20
CA LEU A 99 0.78 10.42 -2.39
C LEU A 99 0.97 11.62 -3.30
N SER A 100 0.12 11.72 -4.32
CA SER A 100 0.21 12.83 -5.27
C SER A 100 -0.19 14.14 -4.59
N GLU A 101 -1.22 14.08 -3.74
CA GLU A 101 -1.70 15.26 -3.04
C GLU A 101 -0.58 15.84 -2.18
N LEU A 102 0.15 14.98 -1.51
CA LEU A 102 1.25 15.42 -0.64
C LEU A 102 2.37 16.01 -1.49
N GLN A 103 2.58 15.45 -2.67
CA GLN A 103 3.63 15.93 -3.56
C GLN A 103 3.33 17.34 -4.04
N GLN A 104 2.08 17.58 -4.40
CA GLN A 104 1.67 18.89 -4.87
C GLN A 104 1.98 19.96 -3.83
N TYR A 105 1.82 19.62 -2.56
CA TYR A 105 2.08 20.57 -1.48
C TYR A 105 3.52 21.06 -1.55
N ARG A 106 4.45 20.16 -1.85
CA ARG A 106 5.86 20.51 -1.94
C ARG A 106 6.07 21.59 -3.01
N GLU A 107 5.41 21.42 -4.15
CA GLU A 107 5.55 22.38 -5.23
C GLU A 107 4.86 23.70 -4.87
N LYS A 108 3.69 23.59 -4.24
CA LYS A 108 2.96 24.79 -3.84
C LYS A 108 3.74 25.60 -2.82
N PHE A 109 4.37 24.91 -1.87
CA PHE A 109 5.15 25.57 -0.84
C PHE A 109 6.63 25.50 -1.18
N LEU A 110 7.26 26.67 -1.31
CA LEU A 110 8.69 26.73 -1.63
C LEU A 110 9.47 27.29 -0.46
N VAL A 111 10.55 26.60 -0.08
CA VAL A 111 11.37 27.04 1.03
C VAL A 111 11.58 28.55 0.99
N ALA A 1 3.32 -12.17 5.66
CA ALA A 1 4.43 -11.84 4.73
C ALA A 1 4.71 -13.03 3.81
N LYS A 2 4.96 -12.75 2.54
CA LYS A 2 5.22 -13.80 1.57
C LYS A 2 6.59 -14.43 1.84
N ALA A 3 6.69 -15.73 1.61
CA ALA A 3 7.95 -16.44 1.82
C ALA A 3 8.05 -16.92 3.27
N GLN A 4 7.80 -16.00 4.20
CA GLN A 4 7.86 -16.35 5.62
C GLN A 4 6.58 -17.07 6.04
N ARG A 5 6.39 -18.28 5.52
CA ARG A 5 5.20 -19.07 5.84
C ARG A 5 3.95 -18.35 5.33
N THR A 6 3.62 -18.58 4.06
CA THR A 6 2.46 -17.94 3.46
C THR A 6 1.66 -18.94 2.62
N HIS A 7 0.40 -18.62 2.36
CA HIS A 7 -0.45 -19.49 1.56
C HIS A 7 -1.18 -18.69 0.49
N LEU A 8 -1.68 -17.51 0.87
CA LEU A 8 -2.39 -16.66 -0.07
C LEU A 8 -1.99 -15.20 0.14
N SER A 9 -0.96 -14.77 -0.58
CA SER A 9 -0.47 -13.40 -0.44
C SER A 9 -1.54 -12.39 -0.85
N LEU A 10 -2.12 -12.61 -2.02
CA LEU A 10 -3.16 -11.71 -2.53
C LEU A 10 -4.06 -11.23 -1.39
N GLU A 11 -4.41 -12.16 -0.50
CA GLU A 11 -5.27 -11.82 0.63
C GLU A 11 -4.57 -10.85 1.57
N GLU A 12 -3.29 -11.13 1.86
CA GLU A 12 -2.52 -10.27 2.74
C GLU A 12 -2.34 -8.88 2.13
N LYS A 13 -2.06 -8.85 0.83
CA LYS A 13 -1.86 -7.58 0.14
C LYS A 13 -3.08 -6.68 0.33
N ILE A 14 -4.26 -7.24 0.11
CA ILE A 14 -5.49 -6.47 0.25
C ILE A 14 -5.67 -6.02 1.70
N LYS A 15 -5.42 -6.92 2.63
CA LYS A 15 -5.56 -6.61 4.05
C LYS A 15 -4.62 -5.48 4.44
N LEU A 16 -3.41 -5.51 3.90
CA LEU A 16 -2.42 -4.48 4.20
C LEU A 16 -2.85 -3.14 3.62
N MET A 17 -3.24 -3.14 2.35
CA MET A 17 -3.68 -1.92 1.68
C MET A 17 -4.98 -1.42 2.30
N ARG A 18 -5.79 -2.35 2.78
CA ARG A 18 -7.07 -1.98 3.39
C ARG A 18 -6.84 -1.17 4.66
N LEU A 19 -5.64 -1.23 5.20
CA LEU A 19 -5.30 -0.49 6.40
C LEU A 19 -4.66 0.85 6.05
N VAL A 20 -3.83 0.85 5.02
CA VAL A 20 -3.14 2.06 4.59
C VAL A 20 -4.15 3.11 4.15
N VAL A 21 -5.12 2.69 3.34
CA VAL A 21 -6.15 3.60 2.84
C VAL A 21 -7.00 4.12 3.99
N ARG A 22 -7.34 3.22 4.91
CA ARG A 22 -8.17 3.59 6.05
C ARG A 22 -7.42 4.56 6.96
N HIS A 23 -6.11 4.67 6.75
CA HIS A 23 -5.29 5.57 7.55
C HIS A 23 -4.44 6.47 6.66
N LYS A 24 -4.95 6.76 5.47
CA LYS A 24 -4.24 7.62 4.53
C LYS A 24 -4.22 9.06 5.01
N HIS A 25 -5.26 9.44 5.76
CA HIS A 25 -5.35 10.80 6.28
C HIS A 25 -4.21 11.09 7.25
N GLU A 26 -3.88 10.10 8.07
CA GLU A 26 -2.80 10.26 9.04
C GLU A 26 -1.59 10.94 8.39
N LEU A 27 -1.55 12.27 8.48
CA LEU A 27 -0.44 13.02 7.90
C LEU A 27 0.36 13.72 8.99
N VAL A 28 1.66 13.45 9.03
CA VAL A 28 2.53 14.06 10.03
C VAL A 28 3.71 14.75 9.36
N ASP A 29 3.94 16.02 9.73
CA ASP A 29 5.05 16.78 9.17
C ASP A 29 6.38 16.28 9.72
N ARG A 30 6.40 16.00 11.03
CA ARG A 30 7.62 15.53 11.67
C ARG A 30 8.30 14.47 10.83
N LYS A 31 8.10 13.20 11.18
CA LYS A 31 8.70 12.10 10.44
C LYS A 31 7.63 11.29 9.72
N THR A 32 7.95 10.83 8.52
CA THR A 32 7.02 10.04 7.73
C THR A 32 6.95 8.61 8.24
N SER A 33 8.01 8.19 8.95
CA SER A 33 8.05 6.85 9.49
C SER A 33 6.89 6.59 10.45
N GLU A 34 6.60 7.59 11.28
CA GLU A 34 5.51 7.48 12.23
C GLU A 34 4.28 6.85 11.59
N PHE A 35 4.18 7.00 10.28
CA PHE A 35 3.05 6.45 9.54
C PHE A 35 3.25 4.95 9.31
N TYR A 36 4.23 4.61 8.48
CA TYR A 36 4.52 3.21 8.18
C TYR A 36 4.78 2.43 9.46
N ALA A 37 5.30 3.11 10.48
CA ALA A 37 5.59 2.48 11.75
C ALA A 37 4.30 2.08 12.47
N LYS A 38 3.20 2.74 12.08
CA LYS A 38 1.91 2.45 12.69
C LYS A 38 1.17 1.39 11.90
N ILE A 39 1.33 1.41 10.58
CA ILE A 39 0.67 0.43 9.72
C ILE A 39 1.14 -0.98 10.05
N ALA A 40 2.45 -1.15 10.15
CA ALA A 40 3.02 -2.46 10.45
C ALA A 40 2.65 -2.88 11.87
N ARG A 41 2.20 -1.92 12.68
CA ARG A 41 1.82 -2.21 14.05
C ARG A 41 0.40 -2.75 14.12
N ILE A 42 -0.51 -2.10 13.39
CA ILE A 42 -1.91 -2.53 13.37
C ILE A 42 -2.11 -3.66 12.37
N GLY A 43 -1.16 -3.80 11.44
CA GLY A 43 -1.25 -4.84 10.43
C GLY A 43 -0.85 -6.20 11.01
N TYR A 44 -0.18 -6.17 12.17
CA TYR A 44 0.25 -7.40 12.82
C TYR A 44 -0.50 -7.60 14.13
N GLU A 45 -1.28 -6.60 14.53
CA GLU A 45 -2.03 -6.68 15.77
C GLU A 45 -3.52 -6.80 15.48
N ASP A 46 -3.86 -6.91 14.20
CA ASP A 46 -5.26 -7.05 13.80
C ASP A 46 -5.39 -7.97 12.61
N GLU A 47 -4.53 -7.77 11.61
CA GLU A 47 -4.56 -8.60 10.40
C GLU A 47 -3.75 -9.87 10.62
N GLY A 48 -2.84 -9.83 11.58
CA GLY A 48 -2.02 -10.99 11.90
C GLY A 48 -0.66 -10.92 11.24
N LEU A 49 -0.64 -10.59 9.95
CA LEU A 49 0.60 -10.51 9.20
C LEU A 49 1.64 -9.69 9.95
N ALA A 50 2.87 -10.21 10.00
CA ALA A 50 3.94 -9.51 10.71
C ALA A 50 4.76 -8.66 9.76
N ILE A 51 4.92 -7.39 10.09
CA ILE A 51 5.69 -6.47 9.26
C ILE A 51 6.36 -5.41 10.13
N HIS A 52 6.61 -5.73 11.38
CA HIS A 52 7.22 -4.79 12.30
C HIS A 52 8.70 -4.62 12.00
N THR A 53 9.02 -3.67 11.13
CA THR A 53 10.41 -3.42 10.75
C THR A 53 10.55 -2.01 10.18
N GLU A 54 9.44 -1.28 10.13
CA GLU A 54 9.46 0.08 9.59
C GLU A 54 9.93 0.07 8.14
N SER A 55 11.21 -0.23 7.95
CA SER A 55 11.78 -0.29 6.60
C SER A 55 10.93 -1.20 5.71
N ALA A 56 10.67 -2.41 6.18
CA ALA A 56 9.87 -3.36 5.41
C ALA A 56 8.51 -2.77 5.09
N CYS A 57 8.03 -1.87 5.94
CA CYS A 57 6.74 -1.23 5.74
C CYS A 57 6.80 -0.25 4.59
N ARG A 58 8.01 0.03 4.11
CA ARG A 58 8.20 0.96 3.00
C ARG A 58 8.54 0.21 1.72
N ASN A 59 9.08 -0.99 1.87
CA ASN A 59 9.44 -1.81 0.71
C ASN A 59 8.23 -2.61 0.22
N GLN A 60 7.53 -3.23 1.16
CA GLN A 60 6.36 -4.03 0.80
C GLN A 60 5.33 -3.19 0.07
N ILE A 61 4.83 -2.17 0.74
CA ILE A 61 3.83 -1.28 0.14
C ILE A 61 4.35 -0.71 -1.17
N ILE A 62 5.63 -0.37 -1.21
CA ILE A 62 6.24 0.17 -2.41
C ILE A 62 6.19 -0.85 -3.55
N SER A 63 6.54 -2.09 -3.24
CA SER A 63 6.55 -3.14 -4.24
C SER A 63 5.17 -3.29 -4.87
N ILE A 64 4.14 -3.29 -4.03
CA ILE A 64 2.78 -3.42 -4.52
C ILE A 64 2.47 -2.35 -5.55
N MET A 65 3.12 -1.19 -5.40
CA MET A 65 2.89 -0.09 -6.34
C MET A 65 3.45 -0.43 -7.71
N ARG A 66 4.71 -0.84 -7.77
CA ARG A 66 5.34 -1.18 -9.03
C ARG A 66 4.45 -2.13 -9.83
N VAL A 67 3.85 -3.09 -9.14
CA VAL A 67 2.98 -4.06 -9.80
C VAL A 67 1.69 -3.38 -10.27
N TYR A 68 1.17 -2.47 -9.44
CA TYR A 68 -0.05 -1.76 -9.78
C TYR A 68 0.15 -0.91 -11.02
N GLU A 69 1.30 -0.25 -11.11
CA GLU A 69 1.61 0.59 -12.26
C GLU A 69 1.92 -0.26 -13.49
N GLN A 70 2.58 -1.39 -13.27
CA GLN A 70 2.93 -2.28 -14.37
C GLN A 70 1.68 -2.87 -15.00
N ARG A 71 0.83 -3.48 -14.19
CA ARG A 71 -0.40 -4.08 -14.68
C ARG A 71 -1.39 -3.00 -15.11
N LEU A 72 -1.07 -1.75 -14.78
CA LEU A 72 -1.94 -0.63 -15.14
C LEU A 72 -1.70 -0.22 -16.59
N ALA A 73 -0.45 -0.32 -17.03
CA ALA A 73 -0.10 0.06 -18.40
C ALA A 73 -0.39 -1.08 -19.36
N HIS A 74 -0.32 -2.31 -18.85
CA HIS A 74 -0.58 -3.48 -19.67
C HIS A 74 -1.93 -3.36 -20.38
N ARG A 75 -3.00 -3.59 -19.63
CA ARG A 75 -4.34 -3.50 -20.20
C ARG A 75 -4.40 -4.16 -21.57
N GLN A 76 -4.60 -5.47 -21.59
CA GLN A 76 -4.67 -6.22 -22.83
C GLN A 76 -5.81 -7.22 -22.81
N PRO A 77 -6.32 -7.57 -23.95
CA PRO A 77 -7.44 -8.56 -24.07
C PRO A 77 -7.00 -9.98 -23.73
N GLY A 78 -7.96 -10.81 -23.34
CA GLY A 78 -7.65 -12.19 -22.99
C GLY A 78 -7.45 -12.34 -21.48
N MET A 79 -7.64 -11.24 -20.76
CA MET A 79 -7.47 -11.26 -19.31
C MET A 79 -8.83 -11.37 -18.61
N LYS A 80 -8.94 -12.35 -17.71
CA LYS A 80 -10.19 -12.55 -16.99
C LYS A 80 -10.27 -11.62 -15.78
N THR A 81 -11.44 -11.04 -15.57
CA THR A 81 -11.63 -10.13 -14.45
C THR A 81 -11.84 -10.90 -13.15
N THR A 82 -11.62 -10.23 -12.02
CA THR A 82 -11.79 -10.88 -10.72
C THR A 82 -12.11 -9.83 -9.66
N PRO A 83 -12.79 -10.23 -8.61
CA PRO A 83 -13.18 -9.32 -7.49
C PRO A 83 -11.99 -8.95 -6.60
N GLU A 84 -11.11 -9.91 -6.38
CA GLU A 84 -9.94 -9.68 -5.54
C GLU A 84 -8.98 -8.71 -6.23
N GLU A 85 -8.67 -8.97 -7.49
CA GLU A 85 -7.77 -8.12 -8.24
C GLU A 85 -8.36 -6.72 -8.40
N ASP A 86 -9.69 -6.66 -8.52
CA ASP A 86 -10.38 -5.39 -8.68
C ASP A 86 -10.23 -4.54 -7.42
N GLU A 87 -10.48 -5.16 -6.27
CA GLU A 87 -10.38 -4.45 -5.00
C GLU A 87 -8.98 -3.88 -4.81
N LEU A 88 -7.97 -4.73 -4.98
CA LEU A 88 -6.58 -4.29 -4.82
C LEU A 88 -6.31 -3.09 -5.71
N ASP A 89 -6.79 -3.14 -6.95
CA ASP A 89 -6.58 -2.04 -7.88
C ASP A 89 -7.19 -0.75 -7.33
N GLN A 90 -8.40 -0.85 -6.80
CA GLN A 90 -9.08 0.31 -6.24
C GLN A 90 -8.29 0.88 -5.06
N LEU A 91 -7.86 0.00 -4.17
CA LEU A 91 -7.11 0.42 -3.00
C LEU A 91 -5.84 1.15 -3.43
N CYS A 92 -5.16 0.62 -4.44
CA CYS A 92 -3.94 1.23 -4.94
C CYS A 92 -4.22 2.62 -5.51
N ASP A 93 -5.32 2.75 -6.22
CA ASP A 93 -5.71 4.03 -6.81
C ASP A 93 -5.91 5.07 -5.72
N GLU A 94 -6.64 4.69 -4.67
CA GLU A 94 -6.91 5.60 -3.56
C GLU A 94 -5.61 6.02 -2.89
N TRP A 95 -4.75 5.05 -2.62
CA TRP A 95 -3.48 5.33 -1.98
C TRP A 95 -2.60 6.20 -2.88
N LYS A 96 -2.63 5.90 -4.18
CA LYS A 96 -1.83 6.66 -5.13
C LYS A 96 -2.26 8.12 -5.15
N ALA A 97 -3.56 8.35 -5.02
CA ALA A 97 -4.10 9.71 -5.02
C ALA A 97 -3.60 10.49 -3.80
N ARG A 98 -3.61 9.84 -2.65
CA ARG A 98 -3.14 10.48 -1.42
C ARG A 98 -1.69 10.90 -1.57
N LEU A 99 -0.87 10.02 -2.14
CA LEU A 99 0.54 10.30 -2.31
C LEU A 99 0.73 11.50 -3.22
N SER A 100 -0.09 11.58 -4.26
CA SER A 100 -0.01 12.69 -5.21
C SER A 100 -0.45 13.99 -4.54
N GLU A 101 -1.48 13.91 -3.73
CA GLU A 101 -2.00 15.09 -3.04
C GLU A 101 -0.91 15.70 -2.15
N LEU A 102 -0.17 14.85 -1.46
CA LEU A 102 0.90 15.31 -0.58
C LEU A 102 2.03 15.92 -1.39
N GLN A 103 2.28 15.35 -2.58
CA GLN A 103 3.34 15.84 -3.44
C GLN A 103 3.03 17.25 -3.93
N GLN A 104 1.77 17.47 -4.31
CA GLN A 104 1.35 18.78 -4.80
C GLN A 104 1.63 19.85 -3.76
N TYR A 105 1.44 19.51 -2.49
CA TYR A 105 1.67 20.46 -1.42
C TYR A 105 3.10 20.98 -1.46
N ARG A 106 4.04 20.11 -1.76
CA ARG A 106 5.45 20.49 -1.83
C ARG A 106 5.65 21.59 -2.89
N GLU A 107 5.02 21.41 -4.04
CA GLU A 107 5.13 22.39 -5.11
C GLU A 107 4.41 23.69 -4.74
N LYS A 108 3.26 23.55 -4.10
CA LYS A 108 2.47 24.72 -3.69
C LYS A 108 3.25 25.55 -2.69
N PHE A 109 3.91 24.89 -1.75
CA PHE A 109 4.69 25.57 -0.72
C PHE A 109 6.16 25.59 -1.10
N LEU A 110 6.83 26.70 -0.79
CA LEU A 110 8.25 26.83 -1.10
C LEU A 110 9.09 26.80 0.18
N VAL A 111 10.13 25.98 0.18
CA VAL A 111 10.99 25.86 1.35
C VAL A 111 12.18 24.95 1.04
N ALA A 1 3.24 -11.92 3.72
CA ALA A 1 4.71 -11.96 3.98
C ALA A 1 5.35 -12.98 3.04
N LYS A 2 5.05 -12.86 1.75
CA LYS A 2 5.61 -13.77 0.75
C LYS A 2 6.95 -14.32 1.22
N ALA A 3 7.21 -15.58 0.93
CA ALA A 3 8.46 -16.23 1.32
C ALA A 3 8.62 -16.18 2.85
N GLN A 4 9.50 -17.03 3.37
CA GLN A 4 9.71 -17.10 4.81
C GLN A 4 8.47 -17.62 5.51
N ARG A 5 7.30 -17.28 4.97
CA ARG A 5 6.04 -17.73 5.56
C ARG A 5 4.86 -16.98 4.94
N THR A 6 4.15 -17.65 4.03
CA THR A 6 3.01 -17.04 3.36
C THR A 6 1.98 -18.10 3.00
N HIS A 7 0.78 -17.65 2.65
CA HIS A 7 -0.30 -18.56 2.28
C HIS A 7 -0.83 -18.24 0.88
N LEU A 8 -1.65 -17.20 0.79
CA LEU A 8 -2.23 -16.80 -0.49
C LEU A 8 -1.57 -15.52 -0.99
N SER A 9 -1.13 -14.69 -0.06
CA SER A 9 -0.49 -13.42 -0.43
C SER A 9 -1.55 -12.40 -0.84
N LEU A 10 -2.12 -12.61 -2.02
CA LEU A 10 -3.16 -11.71 -2.53
C LEU A 10 -4.06 -11.23 -1.39
N GLU A 11 -4.41 -12.15 -0.50
CA GLU A 11 -5.27 -11.82 0.63
C GLU A 11 -4.57 -10.85 1.57
N GLU A 12 -3.29 -11.13 1.86
CA GLU A 12 -2.52 -10.27 2.74
C GLU A 12 -2.34 -8.88 2.13
N LYS A 13 -2.05 -8.85 0.84
CA LYS A 13 -1.86 -7.58 0.14
C LYS A 13 -3.08 -6.68 0.33
N ILE A 14 -4.26 -7.24 0.11
CA ILE A 14 -5.49 -6.47 0.25
C ILE A 14 -5.67 -6.02 1.70
N LYS A 15 -5.42 -6.93 2.63
CA LYS A 15 -5.56 -6.62 4.05
C LYS A 15 -4.61 -5.49 4.44
N LEU A 16 -3.41 -5.51 3.90
CA LEU A 16 -2.41 -4.48 4.20
C LEU A 16 -2.85 -3.14 3.62
N MET A 17 -3.24 -3.14 2.35
CA MET A 17 -3.67 -1.92 1.69
C MET A 17 -4.99 -1.42 2.30
N ARG A 18 -5.80 -2.34 2.79
CA ARG A 18 -7.07 -1.98 3.39
C ARG A 18 -6.85 -1.17 4.66
N LEU A 19 -5.64 -1.23 5.20
CA LEU A 19 -5.30 -0.49 6.40
C LEU A 19 -4.65 0.84 6.06
N VAL A 20 -3.83 0.84 5.02
CA VAL A 20 -3.14 2.06 4.59
C VAL A 20 -4.15 3.11 4.15
N VAL A 21 -5.12 2.69 3.33
CA VAL A 21 -6.14 3.60 2.84
C VAL A 21 -7.01 4.11 3.99
N ARG A 22 -7.34 3.22 4.91
CA ARG A 22 -8.17 3.59 6.05
C ARG A 22 -7.42 4.56 6.96
N HIS A 23 -6.11 4.67 6.75
CA HIS A 23 -5.29 5.57 7.55
C HIS A 23 -4.44 6.47 6.66
N LYS A 24 -4.95 6.76 5.47
CA LYS A 24 -4.24 7.62 4.53
C LYS A 24 -4.22 9.06 5.01
N HIS A 25 -5.26 9.44 5.76
CA HIS A 25 -5.36 10.80 6.28
C HIS A 25 -4.21 11.09 7.25
N GLU A 26 -3.86 10.10 8.06
CA GLU A 26 -2.78 10.25 9.03
C GLU A 26 -1.56 10.86 8.36
N LEU A 27 -1.37 12.16 8.54
CA LEU A 27 -0.23 12.85 7.96
C LEU A 27 0.71 13.34 9.05
N VAL A 28 2.00 12.98 8.92
CA VAL A 28 2.99 13.37 9.91
C VAL A 28 4.14 14.13 9.23
N ASP A 29 4.51 15.26 9.82
CA ASP A 29 5.61 16.06 9.27
C ASP A 29 6.87 15.86 10.08
N ARG A 30 6.72 15.66 11.39
CA ARG A 30 7.86 15.46 12.26
C ARG A 30 8.62 14.20 11.88
N LYS A 31 7.88 13.10 11.68
CA LYS A 31 8.50 11.83 11.31
C LYS A 31 7.60 11.08 10.33
N THR A 32 8.08 10.92 9.10
CA THR A 32 7.32 10.21 8.09
C THR A 32 7.10 8.76 8.50
N SER A 33 8.13 8.14 9.05
CA SER A 33 8.04 6.76 9.49
C SER A 33 6.88 6.57 10.46
N GLU A 34 6.60 7.59 11.28
CA GLU A 34 5.51 7.48 12.23
C GLU A 34 4.28 6.85 11.59
N PHE A 35 4.18 7.00 10.28
CA PHE A 35 3.05 6.45 9.54
C PHE A 35 3.25 4.95 9.31
N TYR A 36 4.23 4.61 8.48
CA TYR A 36 4.52 3.21 8.18
C TYR A 36 4.78 2.43 9.46
N ALA A 37 5.30 3.11 10.48
CA ALA A 37 5.59 2.47 11.75
C ALA A 37 4.30 2.08 12.47
N LYS A 38 3.20 2.74 12.08
CA LYS A 38 1.91 2.45 12.69
C LYS A 38 1.16 1.39 11.90
N ILE A 39 1.33 1.41 10.58
CA ILE A 39 0.67 0.43 9.72
C ILE A 39 1.13 -0.98 10.05
N ALA A 40 2.45 -1.15 10.15
CA ALA A 40 3.02 -2.46 10.45
C ALA A 40 2.65 -2.88 11.87
N ARG A 41 2.20 -1.92 12.68
CA ARG A 41 1.82 -2.21 14.05
C ARG A 41 0.40 -2.75 14.12
N ILE A 42 -0.51 -2.10 13.39
CA ILE A 42 -1.91 -2.53 13.37
C ILE A 42 -2.11 -3.66 12.37
N GLY A 43 -1.16 -3.80 11.44
CA GLY A 43 -1.25 -4.84 10.43
C GLY A 43 -0.85 -6.20 11.01
N TYR A 44 -0.18 -6.17 12.17
CA TYR A 44 0.25 -7.40 12.82
C TYR A 44 -0.50 -7.60 14.14
N GLU A 45 -1.28 -6.60 14.53
CA GLU A 45 -2.03 -6.68 15.77
C GLU A 45 -3.52 -6.80 15.48
N ASP A 46 -3.86 -6.91 14.20
CA ASP A 46 -5.26 -7.05 13.80
C ASP A 46 -5.39 -7.97 12.61
N GLU A 47 -4.54 -7.77 11.61
CA GLU A 47 -4.57 -8.60 10.41
C GLU A 47 -3.75 -9.87 10.62
N GLY A 48 -2.84 -9.83 11.58
CA GLY A 48 -2.01 -11.00 11.88
C GLY A 48 -1.37 -11.55 10.61
N LEU A 49 -0.13 -11.12 10.34
CA LEU A 49 0.59 -11.60 9.17
C LEU A 49 1.92 -12.22 9.57
N ALA A 50 2.87 -11.36 9.95
CA ALA A 50 4.19 -11.84 10.35
C ALA A 50 4.78 -10.91 11.42
N ILE A 51 5.85 -10.19 11.04
CA ILE A 51 6.50 -9.29 11.98
C ILE A 51 6.32 -7.84 11.54
N HIS A 52 6.18 -6.94 12.51
CA HIS A 52 6.00 -5.53 12.21
C HIS A 52 7.35 -4.82 12.16
N THR A 53 7.59 -4.10 11.06
CA THR A 53 8.84 -3.37 10.88
C THR A 53 8.58 -2.01 10.26
N GLU A 54 9.62 -1.19 10.19
CA GLU A 54 9.50 0.14 9.60
C GLU A 54 9.95 0.13 8.15
N SER A 55 11.21 -0.22 7.94
CA SER A 55 11.77 -0.30 6.60
C SER A 55 10.93 -1.20 5.71
N ALA A 56 10.67 -2.41 6.18
CA ALA A 56 9.87 -3.36 5.41
C ALA A 56 8.51 -2.77 5.09
N CYS A 57 8.03 -1.87 5.94
CA CYS A 57 6.74 -1.23 5.74
C CYS A 57 6.80 -0.25 4.59
N ARG A 58 8.01 0.03 4.11
CA ARG A 58 8.20 0.96 3.00
C ARG A 58 8.54 0.21 1.72
N ASN A 59 9.08 -0.99 1.87
CA ASN A 59 9.44 -1.81 0.71
C ASN A 59 8.24 -2.61 0.23
N GLN A 60 7.53 -3.24 1.16
CA GLN A 60 6.36 -4.03 0.81
C GLN A 60 5.34 -3.19 0.07
N ILE A 61 4.83 -2.17 0.74
CA ILE A 61 3.83 -1.28 0.13
C ILE A 61 4.35 -0.72 -1.18
N ILE A 62 5.64 -0.37 -1.21
CA ILE A 62 6.24 0.18 -2.42
C ILE A 62 6.20 -0.84 -3.55
N SER A 63 6.56 -2.08 -3.24
CA SER A 63 6.55 -3.14 -4.24
C SER A 63 5.17 -3.29 -4.87
N ILE A 64 4.14 -3.29 -4.03
CA ILE A 64 2.77 -3.42 -4.51
C ILE A 64 2.46 -2.35 -5.54
N MET A 65 3.12 -1.19 -5.40
CA MET A 65 2.90 -0.09 -6.34
C MET A 65 3.44 -0.44 -7.72
N ARG A 66 4.72 -0.83 -7.76
CA ARG A 66 5.34 -1.18 -9.03
C ARG A 66 4.45 -2.13 -9.83
N VAL A 67 3.85 -3.09 -9.14
CA VAL A 67 2.98 -4.06 -9.80
C VAL A 67 1.69 -3.38 -10.27
N TYR A 68 1.17 -2.47 -9.44
CA TYR A 68 -0.05 -1.76 -9.78
C TYR A 68 0.14 -0.90 -11.03
N GLU A 69 1.30 -0.26 -11.12
CA GLU A 69 1.61 0.59 -12.26
C GLU A 69 1.92 -0.26 -13.49
N GLN A 70 2.58 -1.39 -13.27
CA GLN A 70 2.93 -2.28 -14.37
C GLN A 70 1.68 -2.87 -15.00
N ARG A 71 0.83 -3.48 -14.19
CA ARG A 71 -0.40 -4.08 -14.68
C ARG A 71 -1.39 -3.00 -15.11
N LEU A 72 -1.07 -1.75 -14.78
CA LEU A 72 -1.94 -0.63 -15.14
C LEU A 72 -1.71 -0.21 -16.59
N ALA A 73 -0.45 -0.31 -17.03
CA ALA A 73 -0.10 0.06 -18.40
C ALA A 73 -0.39 -1.08 -19.36
N HIS A 74 -0.32 -2.31 -18.85
CA HIS A 74 -0.57 -3.48 -19.68
C HIS A 74 -2.07 -3.65 -19.93
N ARG A 75 -2.42 -3.86 -21.20
CA ARG A 75 -3.82 -4.05 -21.57
C ARG A 75 -3.95 -5.10 -22.65
N GLN A 76 -5.04 -5.88 -22.58
CA GLN A 76 -5.27 -6.93 -23.56
C GLN A 76 -6.71 -7.43 -23.48
N PRO A 77 -7.37 -7.50 -24.60
CA PRO A 77 -8.78 -7.97 -24.68
C PRO A 77 -8.91 -9.49 -24.48
N GLY A 78 -10.08 -9.94 -24.05
CA GLY A 78 -10.31 -11.36 -23.82
C GLY A 78 -9.78 -11.78 -22.46
N MET A 79 -9.56 -10.80 -21.58
CA MET A 79 -9.05 -11.09 -20.25
C MET A 79 -10.19 -11.13 -19.24
N LYS A 80 -10.16 -12.11 -18.35
CA LYS A 80 -11.20 -12.24 -17.34
C LYS A 80 -10.81 -11.50 -16.07
N THR A 81 -11.71 -10.65 -15.59
CA THR A 81 -11.44 -9.88 -14.38
C THR A 81 -11.86 -10.66 -13.13
N THR A 82 -11.42 -10.19 -11.97
CA THR A 82 -11.76 -10.86 -10.72
C THR A 82 -12.09 -9.83 -9.64
N PRO A 83 -12.79 -10.24 -8.61
CA PRO A 83 -13.18 -9.32 -7.49
C PRO A 83 -11.99 -8.95 -6.60
N GLU A 84 -11.11 -9.91 -6.38
CA GLU A 84 -9.94 -9.68 -5.54
C GLU A 84 -8.98 -8.71 -6.23
N GLU A 85 -8.67 -8.97 -7.49
CA GLU A 85 -7.77 -8.12 -8.25
C GLU A 85 -8.37 -6.73 -8.41
N ASP A 86 -9.69 -6.67 -8.53
CA ASP A 86 -10.38 -5.39 -8.68
C ASP A 86 -10.23 -4.54 -7.42
N GLU A 87 -10.49 -5.16 -6.28
CA GLU A 87 -10.38 -4.45 -5.00
C GLU A 87 -8.98 -3.87 -4.82
N LEU A 88 -7.97 -4.73 -4.98
CA LEU A 88 -6.58 -4.30 -4.83
C LEU A 88 -6.31 -3.09 -5.71
N ASP A 89 -6.78 -3.14 -6.95
CA ASP A 89 -6.58 -2.04 -7.88
C ASP A 89 -7.19 -0.75 -7.33
N GLN A 90 -8.40 -0.85 -6.80
CA GLN A 90 -9.08 0.31 -6.24
C GLN A 90 -8.29 0.88 -5.06
N LEU A 91 -7.86 0.00 -4.17
CA LEU A 91 -7.11 0.42 -3.00
C LEU A 91 -5.84 1.15 -3.43
N CYS A 92 -5.17 0.62 -4.44
CA CYS A 92 -3.94 1.23 -4.94
C CYS A 92 -4.22 2.62 -5.50
N ASP A 93 -5.32 2.75 -6.22
CA ASP A 93 -5.71 4.03 -6.81
C ASP A 93 -5.91 5.07 -5.72
N GLU A 94 -6.64 4.69 -4.67
CA GLU A 94 -6.91 5.60 -3.56
C GLU A 94 -5.61 6.03 -2.89
N TRP A 95 -4.75 5.05 -2.62
CA TRP A 95 -3.48 5.33 -1.98
C TRP A 95 -2.60 6.20 -2.88
N LYS A 96 -2.63 5.90 -4.18
CA LYS A 96 -1.83 6.66 -5.13
C LYS A 96 -2.26 8.13 -5.16
N ALA A 97 -3.56 8.35 -5.02
CA ALA A 97 -4.10 9.71 -5.02
C ALA A 97 -3.59 10.49 -3.81
N ARG A 98 -3.61 9.84 -2.65
CA ARG A 98 -3.16 10.47 -1.42
C ARG A 98 -1.68 10.89 -1.55
N LEU A 99 -0.88 10.00 -2.13
CA LEU A 99 0.54 10.30 -2.30
C LEU A 99 0.73 11.50 -3.22
N SER A 100 -0.10 11.58 -4.25
CA SER A 100 0.00 12.69 -5.21
C SER A 100 -0.45 13.99 -4.54
N GLU A 101 -1.49 13.91 -3.72
CA GLU A 101 -2.00 15.09 -3.04
C GLU A 101 -0.91 15.70 -2.15
N LEU A 102 -0.17 14.84 -1.45
CA LEU A 102 0.90 15.31 -0.58
C LEU A 102 2.03 15.92 -1.39
N GLN A 103 2.28 15.35 -2.58
CA GLN A 103 3.34 15.84 -3.44
C GLN A 103 3.03 17.25 -3.93
N GLN A 104 1.77 17.47 -4.31
CA GLN A 104 1.35 18.77 -4.80
C GLN A 104 1.63 19.85 -3.76
N TYR A 105 1.44 19.51 -2.49
CA TYR A 105 1.69 20.45 -1.41
C TYR A 105 3.18 20.80 -1.32
N ARG A 106 4.02 19.80 -1.53
CA ARG A 106 5.46 20.00 -1.47
C ARG A 106 5.89 21.01 -2.54
N GLU A 107 5.32 20.88 -3.74
CA GLU A 107 5.67 21.78 -4.83
C GLU A 107 5.32 23.22 -4.48
N LYS A 108 4.23 23.39 -3.74
CA LYS A 108 3.79 24.72 -3.34
C LYS A 108 4.85 25.41 -2.48
N PHE A 109 5.40 24.65 -1.53
CA PHE A 109 6.43 25.19 -0.65
C PHE A 109 7.68 25.57 -1.44
N LEU A 110 8.07 24.70 -2.37
CA LEU A 110 9.24 24.96 -3.19
C LEU A 110 8.93 25.99 -4.27
N VAL A 111 9.92 26.81 -4.60
CA VAL A 111 9.75 27.84 -5.61
C VAL A 111 9.52 27.21 -6.98
N ALA A 1 11.52 -12.38 -0.58
CA ALA A 1 10.80 -13.55 -0.02
C ALA A 1 9.38 -13.14 0.37
N LYS A 2 8.41 -13.48 -0.47
CA LYS A 2 7.02 -13.14 -0.19
C LYS A 2 6.57 -13.74 1.13
N ALA A 3 5.90 -12.94 1.95
CA ALA A 3 5.44 -13.40 3.26
C ALA A 3 6.21 -14.65 3.69
N GLN A 4 7.23 -14.45 4.51
CA GLN A 4 8.04 -15.57 4.98
C GLN A 4 7.25 -16.86 4.95
N ARG A 5 6.00 -16.80 5.41
CA ARG A 5 5.13 -17.97 5.41
C ARG A 5 3.67 -17.55 5.23
N THR A 6 3.01 -18.14 4.23
CA THR A 6 1.62 -17.82 3.95
C THR A 6 1.03 -18.80 2.96
N HIS A 7 -0.27 -18.66 2.68
CA HIS A 7 -0.93 -19.54 1.72
C HIS A 7 -1.57 -18.72 0.60
N LEU A 8 -2.08 -17.54 0.95
CA LEU A 8 -2.71 -16.65 -0.03
C LEU A 8 -2.29 -15.20 0.21
N SER A 9 -1.20 -14.79 -0.42
CA SER A 9 -0.71 -13.43 -0.26
C SER A 9 -1.76 -12.42 -0.68
N LEU A 10 -2.36 -12.64 -1.85
CA LEU A 10 -3.37 -11.72 -2.36
C LEU A 10 -4.27 -11.24 -1.22
N GLU A 11 -4.61 -12.14 -0.32
CA GLU A 11 -5.47 -11.79 0.81
C GLU A 11 -4.75 -10.82 1.75
N GLU A 12 -3.47 -11.10 2.01
CA GLU A 12 -2.69 -10.24 2.90
C GLU A 12 -2.50 -8.86 2.26
N LYS A 13 -2.22 -8.84 0.96
CA LYS A 13 -2.03 -7.58 0.25
C LYS A 13 -3.23 -6.67 0.43
N ILE A 14 -4.42 -7.21 0.22
CA ILE A 14 -5.65 -6.44 0.38
C ILE A 14 -5.82 -5.96 1.82
N LYS A 15 -5.56 -6.87 2.76
CA LYS A 15 -5.69 -6.53 4.17
C LYS A 15 -4.73 -5.41 4.54
N LEU A 16 -3.52 -5.46 3.99
CA LEU A 16 -2.53 -4.43 4.27
C LEU A 16 -2.95 -3.08 3.68
N MET A 17 -3.35 -3.10 2.41
CA MET A 17 -3.79 -1.88 1.73
C MET A 17 -5.08 -1.36 2.35
N ARG A 18 -5.90 -2.28 2.85
CA ARG A 18 -7.17 -1.90 3.46
C ARG A 18 -6.93 -1.07 4.72
N LEU A 19 -5.71 -1.14 5.25
CA LEU A 19 -5.36 -0.38 6.45
C LEU A 19 -4.70 0.94 6.07
N VAL A 20 -3.89 0.92 5.03
CA VAL A 20 -3.20 2.13 4.59
C VAL A 20 -4.21 3.18 4.13
N VAL A 21 -5.18 2.76 3.33
CA VAL A 21 -6.20 3.67 2.84
C VAL A 21 -7.04 4.21 3.98
N ARG A 22 -7.38 3.33 4.92
CA ARG A 22 -8.20 3.71 6.07
C ARG A 22 -7.43 4.70 6.95
N HIS A 23 -6.12 4.79 6.73
CA HIS A 23 -5.28 5.69 7.51
C HIS A 23 -4.44 6.57 6.60
N LYS A 24 -4.96 6.86 5.42
CA LYS A 24 -4.24 7.69 4.46
C LYS A 24 -4.22 9.14 4.93
N HIS A 25 -5.24 9.54 5.68
CA HIS A 25 -5.32 10.91 6.18
C HIS A 25 -4.31 11.12 7.30
N GLU A 26 -4.10 10.09 8.11
CA GLU A 26 -3.16 10.19 9.22
C GLU A 26 -1.76 10.51 8.71
N LEU A 27 -1.24 11.67 9.09
CA LEU A 27 0.08 12.09 8.67
C LEU A 27 0.70 13.05 9.68
N VAL A 28 2.00 12.89 9.92
CA VAL A 28 2.69 13.75 10.88
C VAL A 28 3.95 14.35 10.24
N ASP A 29 4.39 15.49 10.78
CA ASP A 29 5.59 16.15 10.25
C ASP A 29 6.80 15.79 11.09
N ARG A 30 6.57 15.37 12.32
CA ARG A 30 7.66 15.02 13.23
C ARG A 30 8.53 13.93 12.62
N LYS A 31 7.89 12.91 12.06
CA LYS A 31 8.62 11.80 11.45
C LYS A 31 7.76 11.12 10.39
N THR A 32 8.30 10.97 9.19
CA THR A 32 7.58 10.34 8.10
C THR A 32 7.27 8.88 8.44
N SER A 33 8.26 8.19 9.00
CA SER A 33 8.09 6.78 9.36
C SER A 33 6.93 6.62 10.33
N GLU A 34 6.65 7.65 11.13
CA GLU A 34 5.57 7.57 12.09
C GLU A 34 4.33 6.94 11.46
N PHE A 35 4.22 7.08 10.14
CA PHE A 35 3.08 6.52 9.42
C PHE A 35 3.26 5.03 9.20
N TYR A 36 4.23 4.67 8.38
CA TYR A 36 4.50 3.26 8.09
C TYR A 36 4.77 2.49 9.39
N ALA A 37 5.30 3.19 10.38
CA ALA A 37 5.60 2.56 11.66
C ALA A 37 4.31 2.19 12.40
N LYS A 38 3.22 2.84 12.01
CA LYS A 38 1.93 2.58 12.64
C LYS A 38 1.17 1.50 11.87
N ILE A 39 1.32 1.51 10.55
CA ILE A 39 0.63 0.54 9.71
C ILE A 39 1.10 -0.88 10.05
N ALA A 40 2.41 -1.06 10.14
CA ALA A 40 2.98 -2.37 10.45
C ALA A 40 2.62 -2.78 11.88
N ARG A 41 2.18 -1.79 12.67
CA ARG A 41 1.82 -2.06 14.06
C ARG A 41 0.38 -2.60 14.14
N ILE A 42 -0.52 -1.94 13.42
CA ILE A 42 -1.92 -2.36 13.41
C ILE A 42 -2.14 -3.51 12.43
N GLY A 43 -1.21 -3.66 11.50
CA GLY A 43 -1.31 -4.72 10.50
C GLY A 43 -0.91 -6.06 11.09
N TYR A 44 -0.25 -6.03 12.24
CA TYR A 44 0.19 -7.25 12.90
C TYR A 44 -0.55 -7.44 14.23
N GLU A 45 -1.31 -6.42 14.62
CA GLU A 45 -2.06 -6.47 15.87
C GLU A 45 -3.55 -6.60 15.59
N ASP A 46 -3.91 -6.71 14.31
CA ASP A 46 -5.32 -6.84 13.93
C ASP A 46 -5.46 -7.79 12.74
N GLU A 47 -4.61 -7.61 11.74
CA GLU A 47 -4.65 -8.45 10.55
C GLU A 47 -3.85 -9.73 10.77
N GLY A 48 -2.93 -9.69 11.72
CA GLY A 48 -2.11 -10.84 12.02
C GLY A 48 -1.51 -11.44 10.76
N LEU A 49 -0.32 -10.99 10.40
CA LEU A 49 0.36 -11.51 9.22
C LEU A 49 1.62 -12.27 9.62
N ALA A 50 2.63 -11.54 10.08
CA ALA A 50 3.89 -12.16 10.48
C ALA A 50 4.81 -11.12 11.12
N ILE A 51 6.04 -11.06 10.63
CA ILE A 51 7.02 -10.11 11.15
C ILE A 51 7.30 -9.02 10.13
N HIS A 52 7.21 -7.77 10.56
CA HIS A 52 7.45 -6.64 9.68
C HIS A 52 8.18 -5.52 10.41
N THR A 53 8.87 -4.68 9.66
CA THR A 53 9.61 -3.57 10.26
C THR A 53 9.35 -2.26 9.49
N GLU A 54 9.64 -1.14 10.13
CA GLU A 54 9.43 0.16 9.49
C GLU A 54 9.90 0.12 8.04
N SER A 55 11.16 -0.24 7.85
CA SER A 55 11.72 -0.32 6.49
C SER A 55 10.86 -1.23 5.63
N ALA A 56 10.60 -2.44 6.11
CA ALA A 56 9.77 -3.39 5.37
C ALA A 56 8.41 -2.80 5.05
N CYS A 57 7.96 -1.88 5.90
CA CYS A 57 6.67 -1.23 5.69
C CYS A 57 6.73 -0.26 4.53
N ARG A 58 7.94 0.00 4.04
CA ARG A 58 8.13 0.91 2.92
C ARG A 58 8.44 0.14 1.65
N ASN A 59 8.98 -1.06 1.81
CA ASN A 59 9.33 -1.90 0.65
C ASN A 59 8.11 -2.69 0.18
N GLN A 60 7.41 -3.30 1.14
CA GLN A 60 6.23 -4.10 0.80
C GLN A 60 5.20 -3.26 0.06
N ILE A 61 4.71 -2.21 0.72
CA ILE A 61 3.71 -1.33 0.11
C ILE A 61 4.23 -0.78 -1.21
N ILE A 62 5.51 -0.45 -1.26
CA ILE A 62 6.11 0.07 -2.48
C ILE A 62 6.05 -0.96 -3.59
N SER A 63 6.40 -2.20 -3.27
CA SER A 63 6.39 -3.27 -4.26
C SER A 63 5.01 -3.41 -4.87
N ILE A 64 3.98 -3.39 -4.03
CA ILE A 64 2.61 -3.52 -4.50
C ILE A 64 2.30 -2.45 -5.55
N MET A 65 2.95 -1.30 -5.42
CA MET A 65 2.73 -0.21 -6.37
C MET A 65 3.27 -0.57 -7.74
N ARG A 66 4.54 -0.99 -7.80
CA ARG A 66 5.15 -1.36 -9.06
C ARG A 66 4.24 -2.30 -9.84
N VAL A 67 3.65 -3.25 -9.14
CA VAL A 67 2.76 -4.22 -9.78
C VAL A 67 1.47 -3.54 -10.25
N TYR A 68 0.97 -2.61 -9.43
CA TYR A 68 -0.25 -1.90 -9.76
C TYR A 68 -0.06 -1.06 -11.02
N GLU A 69 1.10 -0.43 -11.13
CA GLU A 69 1.40 0.40 -12.29
C GLU A 69 1.69 -0.46 -13.51
N GLN A 70 2.35 -1.60 -13.28
CA GLN A 70 2.69 -2.51 -14.36
C GLN A 70 1.43 -3.10 -14.99
N ARG A 71 0.58 -3.69 -14.15
CA ARG A 71 -0.66 -4.28 -14.64
C ARG A 71 -1.64 -3.20 -15.06
N LEU A 72 -1.31 -1.95 -14.76
CA LEU A 72 -2.17 -0.82 -15.12
C LEU A 72 -1.94 -0.43 -16.57
N ALA A 73 -0.70 -0.54 -17.03
CA ALA A 73 -0.36 -0.19 -18.40
C ALA A 73 -0.67 -1.35 -19.35
N HIS A 74 -0.60 -2.56 -18.82
CA HIS A 74 -0.86 -3.74 -19.63
C HIS A 74 -2.14 -3.56 -20.45
N ARG A 75 -3.24 -3.30 -19.76
CA ARG A 75 -4.53 -3.11 -20.43
C ARG A 75 -4.63 -4.00 -21.66
N GLN A 76 -3.98 -5.16 -21.61
CA GLN A 76 -3.99 -6.09 -22.73
C GLN A 76 -5.37 -6.71 -22.88
N PRO A 77 -5.73 -7.05 -24.09
CA PRO A 77 -7.05 -7.67 -24.40
C PRO A 77 -7.13 -9.11 -23.89
N GLY A 78 -8.35 -9.57 -23.62
CA GLY A 78 -8.56 -10.93 -23.14
C GLY A 78 -8.05 -11.08 -21.71
N MET A 79 -8.04 -9.97 -20.97
CA MET A 79 -7.58 -9.99 -19.59
C MET A 79 -8.72 -10.40 -18.65
N LYS A 80 -8.46 -11.42 -17.84
CA LYS A 80 -9.47 -11.90 -16.90
C LYS A 80 -9.64 -10.92 -15.74
N THR A 81 -10.83 -10.89 -15.17
CA THR A 81 -11.11 -10.00 -14.06
C THR A 81 -11.70 -10.77 -12.88
N THR A 82 -11.50 -10.25 -11.68
CA THR A 82 -12.02 -10.89 -10.48
C THR A 82 -12.35 -9.86 -9.41
N PRO A 83 -13.05 -10.25 -8.38
CA PRO A 83 -13.42 -9.33 -7.27
C PRO A 83 -12.22 -8.95 -6.40
N GLU A 84 -11.35 -9.92 -6.17
CA GLU A 84 -10.16 -9.69 -5.35
C GLU A 84 -9.21 -8.73 -6.05
N GLU A 85 -8.91 -9.02 -7.31
CA GLU A 85 -8.01 -8.18 -8.08
C GLU A 85 -8.59 -6.79 -8.26
N ASP A 86 -9.92 -6.71 -8.36
CA ASP A 86 -10.59 -5.43 -8.54
C ASP A 86 -10.43 -4.57 -7.29
N GLU A 87 -10.68 -5.17 -6.13
CA GLU A 87 -10.56 -4.45 -4.87
C GLU A 87 -9.15 -3.89 -4.70
N LEU A 88 -8.16 -4.74 -4.86
CA LEU A 88 -6.77 -4.32 -4.72
C LEU A 88 -6.48 -3.12 -5.62
N ASP A 89 -6.97 -3.19 -6.86
CA ASP A 89 -6.76 -2.10 -7.80
C ASP A 89 -7.36 -0.80 -7.27
N GLN A 90 -8.56 -0.89 -6.73
CA GLN A 90 -9.23 0.29 -6.18
C GLN A 90 -8.43 0.86 -5.02
N LEU A 91 -8.01 -0.01 -4.11
CA LEU A 91 -7.23 0.42 -2.95
C LEU A 91 -5.96 1.14 -3.40
N CYS A 92 -5.30 0.58 -4.41
CA CYS A 92 -4.07 1.19 -4.93
C CYS A 92 -4.34 2.57 -5.50
N ASP A 93 -5.46 2.69 -6.21
CA ASP A 93 -5.83 3.97 -6.82
C ASP A 93 -6.04 5.03 -5.74
N GLU A 94 -6.74 4.67 -4.68
CA GLU A 94 -7.00 5.59 -3.59
C GLU A 94 -5.70 6.01 -2.93
N TRP A 95 -4.83 5.04 -2.65
CA TRP A 95 -3.55 5.31 -2.03
C TRP A 95 -2.67 6.16 -2.95
N LYS A 96 -2.72 5.85 -4.24
CA LYS A 96 -1.92 6.60 -5.22
C LYS A 96 -2.34 8.06 -5.25
N ALA A 97 -3.65 8.29 -5.10
CA ALA A 97 -4.16 9.66 -5.12
C ALA A 97 -3.65 10.44 -3.92
N ARG A 98 -3.66 9.81 -2.75
CA ARG A 98 -3.18 10.46 -1.53
C ARG A 98 -1.72 10.87 -1.68
N LEU A 99 -0.92 9.97 -2.25
CA LEU A 99 0.49 10.24 -2.45
C LEU A 99 0.70 11.44 -3.38
N SER A 100 -0.14 11.51 -4.41
CA SER A 100 -0.06 12.60 -5.37
C SER A 100 -0.47 13.92 -4.72
N GLU A 101 -1.51 13.86 -3.90
CA GLU A 101 -2.01 15.06 -3.22
C GLU A 101 -0.91 15.66 -2.35
N LEU A 102 -0.17 14.80 -1.66
CA LEU A 102 0.91 15.27 -0.79
C LEU A 102 2.04 15.86 -1.61
N GLN A 103 2.28 15.28 -2.79
CA GLN A 103 3.33 15.76 -3.67
C GLN A 103 3.02 17.16 -4.18
N GLN A 104 1.77 17.38 -4.56
CA GLN A 104 1.35 18.68 -5.06
C GLN A 104 1.66 19.77 -4.04
N TYR A 105 1.48 19.45 -2.76
CA TYR A 105 1.73 20.40 -1.69
C TYR A 105 3.23 20.73 -1.63
N ARG A 106 4.06 19.72 -1.85
CA ARG A 106 5.51 19.91 -1.83
C ARG A 106 5.94 20.93 -2.88
N GLU A 107 5.35 20.83 -4.06
CA GLU A 107 5.68 21.75 -5.15
C GLU A 107 5.31 23.17 -4.77
N LYS A 108 4.21 23.33 -4.04
CA LYS A 108 3.76 24.65 -3.62
C LYS A 108 4.79 25.31 -2.70
N PHE A 109 5.32 24.53 -1.76
CA PHE A 109 6.31 25.04 -0.83
C PHE A 109 7.58 25.46 -1.57
N LEU A 110 8.03 24.60 -2.48
CA LEU A 110 9.23 24.89 -3.26
C LEU A 110 8.89 25.09 -4.73
N VAL A 111 9.31 26.22 -5.28
CA VAL A 111 9.04 26.53 -6.68
C VAL A 111 7.57 26.25 -7.02
N ALA A 1 0.64 -11.03 0.22
CA ALA A 1 1.94 -10.57 0.74
C ALA A 1 2.92 -11.74 0.78
N LYS A 2 4.01 -11.62 0.03
CA LYS A 2 5.01 -12.67 -0.01
C LYS A 2 5.67 -12.82 1.34
N ALA A 3 6.91 -13.33 1.34
CA ALA A 3 7.66 -13.53 2.59
C ALA A 3 8.61 -14.70 2.46
N GLN A 4 9.14 -15.16 3.60
CA GLN A 4 10.06 -16.27 3.60
C GLN A 4 9.30 -17.59 3.76
N ARG A 5 8.02 -17.47 4.11
CA ARG A 5 7.18 -18.66 4.29
C ARG A 5 5.75 -18.25 4.60
N THR A 6 4.89 -18.29 3.58
CA THR A 6 3.49 -17.93 3.75
C THR A 6 2.59 -18.84 2.91
N HIS A 7 1.28 -18.69 3.07
CA HIS A 7 0.33 -19.50 2.32
C HIS A 7 -0.50 -18.63 1.39
N LEU A 8 -1.04 -17.54 1.91
CA LEU A 8 -1.84 -16.63 1.11
C LEU A 8 -1.17 -15.27 1.01
N SER A 9 -1.11 -14.73 -0.21
CA SER A 9 -0.50 -13.43 -0.42
C SER A 9 -1.56 -12.43 -0.81
N LEU A 10 -2.16 -12.63 -2.00
CA LEU A 10 -3.19 -11.72 -2.51
C LEU A 10 -4.09 -11.25 -1.38
N GLU A 11 -4.42 -12.16 -0.50
CA GLU A 11 -5.27 -11.82 0.63
C GLU A 11 -4.57 -10.85 1.57
N GLU A 12 -3.29 -11.13 1.86
CA GLU A 12 -2.52 -10.27 2.75
C GLU A 12 -2.33 -8.89 2.14
N LYS A 13 -2.06 -8.85 0.84
CA LYS A 13 -1.86 -7.58 0.15
C LYS A 13 -3.06 -6.67 0.33
N ILE A 14 -4.26 -7.24 0.11
CA ILE A 14 -5.49 -6.47 0.25
C ILE A 14 -5.67 -6.02 1.70
N LYS A 15 -5.42 -6.92 2.63
CA LYS A 15 -5.56 -6.61 4.05
C LYS A 15 -4.62 -5.48 4.44
N LEU A 16 -3.41 -5.51 3.90
CA LEU A 16 -2.42 -4.48 4.20
C LEU A 16 -2.85 -3.14 3.62
N MET A 17 -3.25 -3.14 2.35
CA MET A 17 -3.67 -1.92 1.69
C MET A 17 -4.97 -1.41 2.30
N ARG A 18 -5.79 -2.34 2.79
CA ARG A 18 -7.06 -1.98 3.39
C ARG A 18 -6.84 -1.15 4.66
N LEU A 19 -5.63 -1.23 5.19
CA LEU A 19 -5.31 -0.49 6.40
C LEU A 19 -4.66 0.85 6.05
N VAL A 20 -3.83 0.85 5.02
CA VAL A 20 -3.15 2.06 4.60
C VAL A 20 -4.16 3.11 4.15
N VAL A 21 -5.12 2.69 3.33
CA VAL A 21 -6.15 3.60 2.84
C VAL A 21 -7.00 4.12 3.99
N ARG A 22 -7.34 3.22 4.91
CA ARG A 22 -8.17 3.59 6.05
C ARG A 22 -7.42 4.57 6.96
N HIS A 23 -6.11 4.67 6.75
CA HIS A 23 -5.29 5.57 7.55
C HIS A 23 -4.44 6.47 6.66
N LYS A 24 -4.95 6.76 5.47
CA LYS A 24 -4.25 7.62 4.53
C LYS A 24 -4.24 9.07 5.01
N HIS A 25 -5.26 9.45 5.75
CA HIS A 25 -5.37 10.81 6.27
C HIS A 25 -4.33 11.06 7.36
N GLU A 26 -3.76 9.97 7.88
CA GLU A 26 -2.75 10.10 8.93
C GLU A 26 -1.46 10.70 8.37
N LEU A 27 -1.29 12.01 8.60
CA LEU A 27 -0.10 12.71 8.12
C LEU A 27 0.75 13.17 9.29
N VAL A 28 2.06 12.95 9.20
CA VAL A 28 2.97 13.35 10.25
C VAL A 28 4.08 14.24 9.69
N ASP A 29 4.36 15.34 10.40
CA ASP A 29 5.40 16.25 9.98
C ASP A 29 6.71 15.93 10.69
N ARG A 30 6.62 15.39 11.90
CA ARG A 30 7.80 15.04 12.67
C ARG A 30 8.64 13.99 11.94
N LYS A 31 7.97 12.96 11.43
CA LYS A 31 8.66 11.89 10.71
C LYS A 31 7.67 11.08 9.88
N THR A 32 8.04 10.80 8.63
CA THR A 32 7.18 10.03 7.75
C THR A 32 7.05 8.59 8.25
N SER A 33 8.07 8.14 8.97
CA SER A 33 8.06 6.79 9.51
C SER A 33 6.89 6.58 10.46
N GLU A 34 6.60 7.58 11.29
CA GLU A 34 5.51 7.47 12.24
C GLU A 34 4.28 6.86 11.59
N PHE A 35 4.18 7.00 10.28
CA PHE A 35 3.05 6.45 9.54
C PHE A 35 3.25 4.95 9.31
N TYR A 36 4.24 4.61 8.49
CA TYR A 36 4.51 3.22 8.18
C TYR A 36 4.78 2.43 9.46
N ALA A 37 5.31 3.11 10.47
CA ALA A 37 5.59 2.48 11.75
C ALA A 37 4.30 2.08 12.46
N LYS A 38 3.20 2.74 12.08
CA LYS A 38 1.91 2.45 12.69
C LYS A 38 1.17 1.38 11.91
N ILE A 39 1.34 1.40 10.59
CA ILE A 39 0.66 0.43 9.72
C ILE A 39 1.14 -0.99 10.04
N ALA A 40 2.45 -1.15 10.15
CA ALA A 40 3.01 -2.46 10.46
C ALA A 40 2.63 -2.89 11.87
N ARG A 41 2.20 -1.92 12.68
CA ARG A 41 1.82 -2.20 14.05
C ARG A 41 0.40 -2.75 14.12
N ILE A 42 -0.51 -2.10 13.40
CA ILE A 42 -1.90 -2.52 13.37
C ILE A 42 -2.10 -3.66 12.38
N GLY A 43 -1.16 -3.80 11.44
CA GLY A 43 -1.25 -4.84 10.43
C GLY A 43 -0.85 -6.19 11.02
N TYR A 44 -0.18 -6.17 12.17
CA TYR A 44 0.25 -7.40 12.82
C TYR A 44 -0.50 -7.60 14.14
N GLU A 45 -1.28 -6.60 14.53
CA GLU A 45 -2.03 -6.68 15.77
C GLU A 45 -3.52 -6.81 15.48
N ASP A 46 -3.86 -6.91 14.20
CA ASP A 46 -5.26 -7.05 13.80
C ASP A 46 -5.39 -7.97 12.61
N GLU A 47 -4.54 -7.77 11.61
CA GLU A 47 -4.57 -8.61 10.41
C GLU A 47 -3.75 -9.87 10.62
N GLY A 48 -2.84 -9.83 11.58
CA GLY A 48 -2.00 -11.00 11.87
C GLY A 48 -1.24 -11.45 10.64
N LEU A 49 -0.66 -10.49 9.92
CA LEU A 49 0.10 -10.80 8.73
C LEU A 49 1.30 -11.66 9.05
N ALA A 50 2.04 -11.27 10.09
CA ALA A 50 3.23 -12.02 10.51
C ALA A 50 4.22 -11.09 11.22
N ILE A 51 5.30 -10.75 10.53
CA ILE A 51 6.32 -9.88 11.09
C ILE A 51 6.74 -8.82 10.09
N HIS A 52 6.76 -7.57 10.53
CA HIS A 52 7.15 -6.45 9.67
C HIS A 52 8.00 -5.45 10.43
N THR A 53 8.65 -4.56 9.69
CA THR A 53 9.50 -3.54 10.30
C THR A 53 9.40 -2.23 9.52
N GLU A 54 9.59 -1.12 10.23
CA GLU A 54 9.51 0.20 9.60
C GLU A 54 9.96 0.14 8.14
N SER A 55 11.22 -0.22 7.94
CA SER A 55 11.77 -0.30 6.60
C SER A 55 10.93 -1.20 5.70
N ALA A 56 10.67 -2.41 6.18
CA ALA A 56 9.88 -3.36 5.41
C ALA A 56 8.51 -2.77 5.09
N CYS A 57 8.04 -1.87 5.95
CA CYS A 57 6.74 -1.24 5.74
C CYS A 57 6.80 -0.25 4.59
N ARG A 58 8.01 0.03 4.11
CA ARG A 58 8.20 0.97 3.02
C ARG A 58 8.54 0.23 1.74
N ASN A 59 9.07 -0.99 1.88
CA ASN A 59 9.44 -1.80 0.72
C ASN A 59 8.24 -2.60 0.22
N GLN A 60 7.53 -3.23 1.16
CA GLN A 60 6.36 -4.03 0.81
C GLN A 60 5.33 -3.20 0.07
N ILE A 61 4.84 -2.15 0.73
CA ILE A 61 3.83 -1.28 0.14
C ILE A 61 4.36 -0.72 -1.18
N ILE A 62 5.63 -0.37 -1.21
CA ILE A 62 6.22 0.17 -2.43
C ILE A 62 6.17 -0.87 -3.55
N SER A 63 6.52 -2.10 -3.23
CA SER A 63 6.54 -3.15 -4.24
C SER A 63 5.17 -3.30 -4.87
N ILE A 64 4.14 -3.29 -4.03
CA ILE A 64 2.78 -3.42 -4.51
C ILE A 64 2.47 -2.32 -5.53
N MET A 65 3.13 -1.19 -5.40
CA MET A 65 2.89 -0.08 -6.33
C MET A 65 3.45 -0.41 -7.72
N ARG A 66 4.70 -0.84 -7.76
CA ARG A 66 5.34 -1.18 -9.03
C ARG A 66 4.45 -2.13 -9.83
N VAL A 67 3.85 -3.09 -9.15
CA VAL A 67 2.97 -4.04 -9.81
C VAL A 67 1.69 -3.36 -10.28
N TYR A 68 1.17 -2.46 -9.46
CA TYR A 68 -0.05 -1.75 -9.78
C TYR A 68 0.15 -0.91 -11.03
N GLU A 69 1.30 -0.25 -11.11
CA GLU A 69 1.61 0.59 -12.26
C GLU A 69 1.92 -0.26 -13.49
N GLN A 70 2.58 -1.39 -13.27
CA GLN A 70 2.93 -2.28 -14.37
C GLN A 70 1.68 -2.88 -15.01
N ARG A 71 0.83 -3.48 -14.19
CA ARG A 71 -0.40 -4.08 -14.68
C ARG A 71 -1.39 -3.00 -15.12
N LEU A 72 -1.08 -1.75 -14.78
CA LEU A 72 -1.94 -0.63 -15.14
C LEU A 72 -1.70 -0.22 -16.60
N ALA A 73 -0.45 -0.32 -17.03
CA ALA A 73 -0.10 0.06 -18.40
C ALA A 73 -0.39 -1.09 -19.36
N HIS A 74 -0.32 -2.31 -18.85
CA HIS A 74 -0.57 -3.48 -19.68
C HIS A 74 -2.06 -3.63 -19.97
N ARG A 75 -2.39 -3.75 -21.25
CA ARG A 75 -3.79 -3.89 -21.66
C ARG A 75 -3.90 -4.87 -22.82
N GLN A 76 -5.02 -5.57 -22.88
CA GLN A 76 -5.25 -6.52 -23.97
C GLN A 76 -6.48 -7.39 -23.69
N PRO A 77 -7.24 -7.69 -24.70
CA PRO A 77 -8.46 -8.54 -24.57
C PRO A 77 -8.12 -10.01 -24.30
N GLY A 78 -9.09 -10.74 -23.77
CA GLY A 78 -8.89 -12.16 -23.47
C GLY A 78 -8.52 -12.36 -22.01
N MET A 79 -8.49 -11.26 -21.26
CA MET A 79 -8.14 -11.34 -19.83
C MET A 79 -9.40 -11.35 -18.98
N LYS A 80 -9.48 -12.31 -18.08
CA LYS A 80 -10.65 -12.43 -17.20
C LYS A 80 -10.45 -11.58 -15.94
N THR A 81 -11.48 -10.82 -15.58
CA THR A 81 -11.40 -9.97 -14.39
C THR A 81 -11.77 -10.76 -13.15
N THR A 82 -11.47 -10.20 -11.98
CA THR A 82 -11.78 -10.86 -10.72
C THR A 82 -12.10 -9.83 -9.64
N PRO A 83 -12.80 -10.23 -8.61
CA PRO A 83 -13.18 -9.32 -7.49
C PRO A 83 -11.99 -8.95 -6.60
N GLU A 84 -11.11 -9.91 -6.38
CA GLU A 84 -9.93 -9.68 -5.55
C GLU A 84 -8.98 -8.71 -6.23
N GLU A 85 -8.67 -8.97 -7.49
CA GLU A 85 -7.76 -8.12 -8.24
C GLU A 85 -8.37 -6.72 -8.39
N ASP A 86 -9.69 -6.67 -8.51
CA ASP A 86 -10.38 -5.39 -8.68
C ASP A 86 -10.24 -4.54 -7.42
N GLU A 87 -10.48 -5.16 -6.26
CA GLU A 87 -10.38 -4.45 -5.00
C GLU A 87 -8.98 -3.88 -4.81
N LEU A 88 -7.97 -4.73 -4.99
CA LEU A 88 -6.59 -4.30 -4.82
C LEU A 88 -6.31 -3.09 -5.71
N ASP A 89 -6.78 -3.14 -6.95
CA ASP A 89 -6.58 -2.04 -7.88
C ASP A 89 -7.19 -0.75 -7.33
N GLN A 90 -8.40 -0.85 -6.80
CA GLN A 90 -9.08 0.31 -6.24
C GLN A 90 -8.29 0.88 -5.06
N LEU A 91 -7.85 0.00 -4.17
CA LEU A 91 -7.11 0.43 -3.00
C LEU A 91 -5.83 1.15 -3.43
N CYS A 92 -5.16 0.62 -4.44
CA CYS A 92 -3.94 1.23 -4.94
C CYS A 92 -4.22 2.62 -5.51
N ASP A 93 -5.32 2.75 -6.22
CA ASP A 93 -5.71 4.03 -6.81
C ASP A 93 -5.91 5.07 -5.72
N GLU A 94 -6.64 4.69 -4.67
CA GLU A 94 -6.92 5.61 -3.57
C GLU A 94 -5.61 6.02 -2.89
N TRP A 95 -4.75 5.05 -2.62
CA TRP A 95 -3.48 5.33 -1.98
C TRP A 95 -2.60 6.20 -2.88
N LYS A 96 -2.63 5.90 -4.18
CA LYS A 96 -1.83 6.66 -5.13
C LYS A 96 -2.26 8.12 -5.15
N ALA A 97 -3.56 8.35 -5.02
CA ALA A 97 -4.10 9.71 -5.02
C ALA A 97 -3.61 10.48 -3.81
N ARG A 98 -3.61 9.84 -2.65
CA ARG A 98 -3.14 10.49 -1.44
C ARG A 98 -1.68 10.91 -1.61
N LEU A 99 -0.88 10.02 -2.16
CA LEU A 99 0.54 10.30 -2.33
C LEU A 99 0.73 11.51 -3.23
N SER A 100 -0.08 11.57 -4.27
CA SER A 100 -0.01 12.69 -5.21
C SER A 100 -0.44 13.99 -4.54
N GLU A 101 -1.48 13.91 -3.73
CA GLU A 101 -2.00 15.09 -3.04
C GLU A 101 -0.91 15.70 -2.15
N LEU A 102 -0.17 14.85 -1.46
CA LEU A 102 0.90 15.31 -0.58
C LEU A 102 2.03 15.92 -1.40
N GLN A 103 2.28 15.35 -2.57
CA GLN A 103 3.34 15.85 -3.44
C GLN A 103 3.02 17.25 -3.94
N GLN A 104 1.77 17.47 -4.31
CA GLN A 104 1.35 18.78 -4.80
C GLN A 104 1.64 19.86 -3.76
N TYR A 105 1.44 19.51 -2.49
CA TYR A 105 1.69 20.46 -1.41
C TYR A 105 3.18 20.78 -1.31
N ARG A 106 4.01 19.77 -1.53
CA ARG A 106 5.46 19.95 -1.47
C ARG A 106 5.91 20.97 -2.51
N GLU A 107 5.36 20.88 -3.71
CA GLU A 107 5.71 21.80 -4.79
C GLU A 107 5.31 23.22 -4.43
N LYS A 108 4.15 23.36 -3.80
CA LYS A 108 3.67 24.69 -3.41
C LYS A 108 4.59 25.32 -2.38
N PHE A 109 5.02 24.53 -1.40
CA PHE A 109 5.92 25.02 -0.36
C PHE A 109 7.05 24.03 -0.11
N LEU A 110 8.24 24.55 0.17
CA LEU A 110 9.39 23.69 0.42
C LEU A 110 9.28 23.06 1.81
N VAL A 111 9.70 21.80 1.91
CA VAL A 111 9.65 21.09 3.18
C VAL A 111 10.33 21.90 4.27
#